data_3BQF
# 
_entry.id   3BQF 
# 
_audit_conform.dict_name       mmcif_pdbx.dic 
_audit_conform.dict_version    5.380 
_audit_conform.dict_location   http://mmcif.pdb.org/dictionaries/ascii/mmcif_pdbx.dic 
# 
loop_
_database_2.database_id 
_database_2.database_code 
_database_2.pdbx_database_accession 
_database_2.pdbx_DOI 
PDB   3BQF         pdb_00003bqf 10.2210/pdb3bqf/pdb 
RCSB  RCSB045838   ?            ?                   
WWPDB D_1000045838 ?            ?                   
# 
loop_
_pdbx_database_related.db_name 
_pdbx_database_related.db_id 
_pdbx_database_related.details 
_pdbx_database_related.content_type 
PDB 3BQE 'the same protein, reduced form'       unspecified 
PDB 3BQG 'the same protein, sulfenic acid form' unspecified 
PDB 3BQH 'the same protein, oxidized form'      unspecified 
# 
_pdbx_database_status.entry_id                        3BQF 
_pdbx_database_status.deposit_site                    RCSB 
_pdbx_database_status.process_site                    PDBJ 
_pdbx_database_status.recvd_initial_deposition_date   2007-12-20 
_pdbx_database_status.status_code                     REL 
_pdbx_database_status.status_code_sf                  REL 
_pdbx_database_status.status_code_mr                  ? 
_pdbx_database_status.SG_entry                        ? 
_pdbx_database_status.pdb_format_compatible           Y 
_pdbx_database_status.status_code_cs                  ? 
_pdbx_database_status.methods_development_category    ? 
_pdbx_database_status.status_code_nmr_data            ? 
# 
loop_
_audit_author.name 
_audit_author.pdbx_ordinal 
'Ranaivoson, F.M.' 1 
'Kauffmann, B.'    2 
'Favier, F.'       3 
# 
_citation.id                        primary 
_citation.title                     
'A structural analysis of the catalytic mechanism of methionine sulfoxide reductase A from Neisseria meningitidis' 
_citation.journal_abbrev            J.Mol.Biol. 
_citation.journal_volume            377 
_citation.page_first                268 
_citation.page_last                 280 
_citation.year                      2008 
_citation.journal_id_ASTM           JMOBAK 
_citation.country                   UK 
_citation.journal_id_ISSN           0022-2836 
_citation.journal_id_CSD            0070 
_citation.book_publisher            ? 
_citation.pdbx_database_id_PubMed   18255097 
_citation.pdbx_database_id_DOI      10.1016/j.jmb.2008.01.021 
# 
loop_
_citation_author.citation_id 
_citation_author.name 
_citation_author.ordinal 
_citation_author.identifier_ORCID 
primary 'Ranaivoson, F.M.'  1 ? 
primary 'Antoine, M.'       2 ? 
primary 'Kauffmann, B.'     3 ? 
primary 'Boschi-Muller, S.' 4 ? 
primary 'Aubry, A.'         5 ? 
primary 'Branlant, G.'      6 ? 
primary 'Favier, F.'        7 ? 
# 
_cell.length_a           43.933 
_cell.length_b           50.305 
_cell.length_c           66.556 
_cell.angle_alpha        90.000 
_cell.angle_beta         90.000 
_cell.angle_gamma        90.000 
_cell.entry_id           3BQF 
_cell.pdbx_unique_axis   ? 
_cell.Z_PDB              4 
_cell.length_a_esd       ? 
_cell.length_b_esd       ? 
_cell.length_c_esd       ? 
_cell.angle_alpha_esd    ? 
_cell.angle_beta_esd     ? 
_cell.angle_gamma_esd    ? 
# 
_symmetry.space_group_name_H-M             'P 21 21 21' 
_symmetry.entry_id                         3BQF 
_symmetry.pdbx_full_space_group_name_H-M   ? 
_symmetry.Int_Tables_number                19 
_symmetry.cell_setting                     ? 
_symmetry.space_group_name_Hall            ? 
# 
loop_
_entity.id 
_entity.type 
_entity.src_method 
_entity.pdbx_description 
_entity.formula_weight 
_entity.pdbx_number_of_molecules 
_entity.pdbx_ec 
_entity.pdbx_mutation 
_entity.pdbx_fragment 
_entity.details 
1 polymer     man 'Peptide methionine sulfoxide reductase msrA/msrB'               21908.264 1  1.8.4.11 C207S 
'Msra Domain, Peptide methionine sulfoxide reductase A, UNP residues 196-389' ? 
2 non-polymer syn '(2S)-2-(acetylamino)-N-methyl-4-[(S)-methylsulfinyl]butanamide' 220.289   1  ?        ?     ? ? 
3 water       nat water                                                            18.015    82 ?        ?     ? ? 
# 
_entity_name_com.entity_id   1 
_entity_name_com.name        PILB 
# 
_entity_poly.entity_id                      1 
_entity_poly.type                           'polypeptide(L)' 
_entity_poly.nstd_linkage                   no 
_entity_poly.nstd_monomer                   no 
_entity_poly.pdbx_seq_one_letter_code       
;MNTRTIYLAGGSFWGLEAYFQRIDGVVDAVSGYANGNTKNPSYEDVSYRHTGHAETVKVTYDADKLSLDDILQYFFRVVD
PTSLNKQGNDTGTQYRSGVYYTDPAEKAVIAAALKREQQKYQLPLVVENEPLKNFYDAEEYHQDYLIKNPNGYCHIDIRK
ADEPLPGKTKTAPQGKGFDAATYKKPSDAELKRT
;
_entity_poly.pdbx_seq_one_letter_code_can   
;MNTRTIYLAGGSFWGLEAYFQRIDGVVDAVSGYANGNTKNPSYEDVSYRHTGHAETVKVTYDADKLSLDDILQYFFRVVD
PTSLNKQGNDTGTQYRSGVYYTDPAEKAVIAAALKREQQKYQLPLVVENEPLKNFYDAEEYHQDYLIKNPNGYCHIDIRK
ADEPLPGKTKTAPQGKGFDAATYKKPSDAELKRT
;
_entity_poly.pdbx_strand_id                 A 
_entity_poly.pdbx_target_identifier         ? 
# 
loop_
_entity_poly_seq.entity_id 
_entity_poly_seq.num 
_entity_poly_seq.mon_id 
_entity_poly_seq.hetero 
1 1   MET n 
1 2   ASN n 
1 3   THR n 
1 4   ARG n 
1 5   THR n 
1 6   ILE n 
1 7   TYR n 
1 8   LEU n 
1 9   ALA n 
1 10  GLY n 
1 11  GLY n 
1 12  SER n 
1 13  PHE n 
1 14  TRP n 
1 15  GLY n 
1 16  LEU n 
1 17  GLU n 
1 18  ALA n 
1 19  TYR n 
1 20  PHE n 
1 21  GLN n 
1 22  ARG n 
1 23  ILE n 
1 24  ASP n 
1 25  GLY n 
1 26  VAL n 
1 27  VAL n 
1 28  ASP n 
1 29  ALA n 
1 30  VAL n 
1 31  SER n 
1 32  GLY n 
1 33  TYR n 
1 34  ALA n 
1 35  ASN n 
1 36  GLY n 
1 37  ASN n 
1 38  THR n 
1 39  LYS n 
1 40  ASN n 
1 41  PRO n 
1 42  SER n 
1 43  TYR n 
1 44  GLU n 
1 45  ASP n 
1 46  VAL n 
1 47  SER n 
1 48  TYR n 
1 49  ARG n 
1 50  HIS n 
1 51  THR n 
1 52  GLY n 
1 53  HIS n 
1 54  ALA n 
1 55  GLU n 
1 56  THR n 
1 57  VAL n 
1 58  LYS n 
1 59  VAL n 
1 60  THR n 
1 61  TYR n 
1 62  ASP n 
1 63  ALA n 
1 64  ASP n 
1 65  LYS n 
1 66  LEU n 
1 67  SER n 
1 68  LEU n 
1 69  ASP n 
1 70  ASP n 
1 71  ILE n 
1 72  LEU n 
1 73  GLN n 
1 74  TYR n 
1 75  PHE n 
1 76  PHE n 
1 77  ARG n 
1 78  VAL n 
1 79  VAL n 
1 80  ASP n 
1 81  PRO n 
1 82  THR n 
1 83  SER n 
1 84  LEU n 
1 85  ASN n 
1 86  LYS n 
1 87  GLN n 
1 88  GLY n 
1 89  ASN n 
1 90  ASP n 
1 91  THR n 
1 92  GLY n 
1 93  THR n 
1 94  GLN n 
1 95  TYR n 
1 96  ARG n 
1 97  SER n 
1 98  GLY n 
1 99  VAL n 
1 100 TYR n 
1 101 TYR n 
1 102 THR n 
1 103 ASP n 
1 104 PRO n 
1 105 ALA n 
1 106 GLU n 
1 107 LYS n 
1 108 ALA n 
1 109 VAL n 
1 110 ILE n 
1 111 ALA n 
1 112 ALA n 
1 113 ALA n 
1 114 LEU n 
1 115 LYS n 
1 116 ARG n 
1 117 GLU n 
1 118 GLN n 
1 119 GLN n 
1 120 LYS n 
1 121 TYR n 
1 122 GLN n 
1 123 LEU n 
1 124 PRO n 
1 125 LEU n 
1 126 VAL n 
1 127 VAL n 
1 128 GLU n 
1 129 ASN n 
1 130 GLU n 
1 131 PRO n 
1 132 LEU n 
1 133 LYS n 
1 134 ASN n 
1 135 PHE n 
1 136 TYR n 
1 137 ASP n 
1 138 ALA n 
1 139 GLU n 
1 140 GLU n 
1 141 TYR n 
1 142 HIS n 
1 143 GLN n 
1 144 ASP n 
1 145 TYR n 
1 146 LEU n 
1 147 ILE n 
1 148 LYS n 
1 149 ASN n 
1 150 PRO n 
1 151 ASN n 
1 152 GLY n 
1 153 TYR n 
1 154 CYS n 
1 155 HIS n 
1 156 ILE n 
1 157 ASP n 
1 158 ILE n 
1 159 ARG n 
1 160 LYS n 
1 161 ALA n 
1 162 ASP n 
1 163 GLU n 
1 164 PRO n 
1 165 LEU n 
1 166 PRO n 
1 167 GLY n 
1 168 LYS n 
1 169 THR n 
1 170 LYS n 
1 171 THR n 
1 172 ALA n 
1 173 PRO n 
1 174 GLN n 
1 175 GLY n 
1 176 LYS n 
1 177 GLY n 
1 178 PHE n 
1 179 ASP n 
1 180 ALA n 
1 181 ALA n 
1 182 THR n 
1 183 TYR n 
1 184 LYS n 
1 185 LYS n 
1 186 PRO n 
1 187 SER n 
1 188 ASP n 
1 189 ALA n 
1 190 GLU n 
1 191 LEU n 
1 192 LYS n 
1 193 ARG n 
1 194 THR n 
# 
_entity_src_gen.entity_id                          1 
_entity_src_gen.pdbx_src_id                        1 
_entity_src_gen.pdbx_alt_source_flag               sample 
_entity_src_gen.pdbx_seq_type                      ? 
_entity_src_gen.pdbx_beg_seq_num                   ? 
_entity_src_gen.pdbx_end_seq_num                   ? 
_entity_src_gen.gene_src_common_name               ? 
_entity_src_gen.gene_src_genus                     Neisseria 
_entity_src_gen.pdbx_gene_src_gene                 pilB 
_entity_src_gen.gene_src_species                   'Neisseria meningitidis' 
_entity_src_gen.gene_src_strain                    Z2491 
_entity_src_gen.gene_src_tissue                    ? 
_entity_src_gen.gene_src_tissue_fraction           ? 
_entity_src_gen.gene_src_details                   ? 
_entity_src_gen.pdbx_gene_src_fragment             ? 
_entity_src_gen.pdbx_gene_src_scientific_name      'Neisseria meningitidis' 
_entity_src_gen.pdbx_gene_src_ncbi_taxonomy_id     122587 
_entity_src_gen.pdbx_gene_src_variant              ? 
_entity_src_gen.pdbx_gene_src_cell_line            ? 
_entity_src_gen.pdbx_gene_src_atcc                 ? 
_entity_src_gen.pdbx_gene_src_organ                ? 
_entity_src_gen.pdbx_gene_src_organelle            ? 
_entity_src_gen.pdbx_gene_src_cell                 ? 
_entity_src_gen.pdbx_gene_src_cellular_location    ? 
_entity_src_gen.host_org_common_name               ? 
_entity_src_gen.pdbx_host_org_scientific_name      'Escherichia coli' 
_entity_src_gen.pdbx_host_org_ncbi_taxonomy_id     562 
_entity_src_gen.host_org_genus                     Escherichia 
_entity_src_gen.pdbx_host_org_gene                 ? 
_entity_src_gen.pdbx_host_org_organ                ? 
_entity_src_gen.host_org_species                   ? 
_entity_src_gen.pdbx_host_org_tissue               ? 
_entity_src_gen.pdbx_host_org_tissue_fraction      ? 
_entity_src_gen.pdbx_host_org_strain               BE002 
_entity_src_gen.pdbx_host_org_variant              ? 
_entity_src_gen.pdbx_host_org_cell_line            ? 
_entity_src_gen.pdbx_host_org_atcc                 ? 
_entity_src_gen.pdbx_host_org_culture_collection   ? 
_entity_src_gen.pdbx_host_org_cell                 ? 
_entity_src_gen.pdbx_host_org_organelle            ? 
_entity_src_gen.pdbx_host_org_cellular_location    ? 
_entity_src_gen.pdbx_host_org_vector_type          plasmid 
_entity_src_gen.pdbx_host_org_vector               ? 
_entity_src_gen.host_org_details                   ? 
_entity_src_gen.expression_system_id               ? 
_entity_src_gen.plasmid_name                       pSKPILBMsrA 
_entity_src_gen.plasmid_details                    ? 
_entity_src_gen.pdbx_description                   ? 
# 
_struct_ref.id                         1 
_struct_ref.db_name                    UNP 
_struct_ref.db_code                    MSRAB_NEIMA 
_struct_ref.pdbx_db_accession          Q9JWM8 
_struct_ref.entity_id                  1 
_struct_ref.pdbx_seq_one_letter_code   
;MNTRTIYLAGGCFWGLEAYFQRIDGVVDAVSGYANGNTKNPSYEDVSYRHTGHAETVKVTYDADKLSLDDILQYFFRVVD
PTSLNKQGNDTGTQYRSGVYYTDPAEKAVIAAALKREQQKYQLPLVVENEPLKNFYDAEEYHQDYLIKNPNGYCHIDIRK
ADEPLPGKTKTAPQGKGFDAATYKKPSDAELKRT
;
_struct_ref.pdbx_align_begin           196 
_struct_ref.pdbx_db_isoform            ? 
# 
_struct_ref_seq.align_id                      1 
_struct_ref_seq.ref_id                        1 
_struct_ref_seq.pdbx_PDB_id_code              3BQF 
_struct_ref_seq.pdbx_strand_id                A 
_struct_ref_seq.seq_align_beg                 1 
_struct_ref_seq.pdbx_seq_align_beg_ins_code   ? 
_struct_ref_seq.seq_align_end                 194 
_struct_ref_seq.pdbx_seq_align_end_ins_code   ? 
_struct_ref_seq.pdbx_db_accession             Q9JWM8 
_struct_ref_seq.db_align_beg                  196 
_struct_ref_seq.pdbx_db_align_beg_ins_code    ? 
_struct_ref_seq.db_align_end                  389 
_struct_ref_seq.pdbx_db_align_end_ins_code    ? 
_struct_ref_seq.pdbx_auth_seq_align_beg       196 
_struct_ref_seq.pdbx_auth_seq_align_end       389 
# 
_struct_ref_seq_dif.align_id                     1 
_struct_ref_seq_dif.pdbx_pdb_id_code             3BQF 
_struct_ref_seq_dif.mon_id                       SER 
_struct_ref_seq_dif.pdbx_pdb_strand_id           A 
_struct_ref_seq_dif.seq_num                      12 
_struct_ref_seq_dif.pdbx_pdb_ins_code            ? 
_struct_ref_seq_dif.pdbx_seq_db_name             UNP 
_struct_ref_seq_dif.pdbx_seq_db_accession_code   Q9JWM8 
_struct_ref_seq_dif.db_mon_id                    CYS 
_struct_ref_seq_dif.pdbx_seq_db_seq_num          207 
_struct_ref_seq_dif.details                      'engineered mutation' 
_struct_ref_seq_dif.pdbx_auth_seq_num            207 
_struct_ref_seq_dif.pdbx_ordinal                 1 
# 
loop_
_chem_comp.id 
_chem_comp.type 
_chem_comp.mon_nstd_flag 
_chem_comp.name 
_chem_comp.pdbx_synonyms 
_chem_comp.formula 
_chem_comp.formula_weight 
ALA 'L-peptide linking' y ALANINE                                                          ? 'C3 H7 N O2'     89.093  
ARG 'L-peptide linking' y ARGININE                                                         ? 'C6 H15 N4 O2 1' 175.209 
ASN 'L-peptide linking' y ASPARAGINE                                                       ? 'C4 H8 N2 O3'    132.118 
ASP 'L-peptide linking' y 'ASPARTIC ACID'                                                  ? 'C4 H7 N O4'     133.103 
CYS 'L-peptide linking' y CYSTEINE                                                         ? 'C3 H7 N O2 S'   121.158 
GLN 'L-peptide linking' y GLUTAMINE                                                        ? 'C5 H10 N2 O3'   146.144 
GLU 'L-peptide linking' y 'GLUTAMIC ACID'                                                  ? 'C5 H9 N O4'     147.129 
GLY 'peptide linking'   y GLYCINE                                                          ? 'C2 H5 N O2'     75.067  
HIS 'L-peptide linking' y HISTIDINE                                                        ? 'C6 H10 N3 O2 1' 156.162 
HOH non-polymer         . WATER                                                            ? 'H2 O'           18.015  
ILE 'L-peptide linking' y ISOLEUCINE                                                       ? 'C6 H13 N O2'    131.173 
LEU 'L-peptide linking' y LEUCINE                                                          ? 'C6 H13 N O2'    131.173 
LYS 'L-peptide linking' y LYSINE                                                           ? 'C6 H15 N2 O2 1' 147.195 
MET 'L-peptide linking' y METHIONINE                                                       ? 'C5 H11 N O2 S'  149.211 
PHE 'L-peptide linking' y PHENYLALANINE                                                    ? 'C9 H11 N O2'    165.189 
PRO 'L-peptide linking' y PROLINE                                                          ? 'C5 H9 N O2'     115.130 
SER 'L-peptide linking' y SERINE                                                           ? 'C3 H7 N O3'     105.093 
SSM non-polymer         . '(2S)-2-(acetylamino)-N-methyl-4-[(S)-methylsulfinyl]butanamide' ? 'C8 H16 N2 O3 S' 220.289 
THR 'L-peptide linking' y THREONINE                                                        ? 'C4 H9 N O3'     119.119 
TRP 'L-peptide linking' y TRYPTOPHAN                                                       ? 'C11 H12 N2 O2'  204.225 
TYR 'L-peptide linking' y TYROSINE                                                         ? 'C9 H11 N O3'    181.189 
VAL 'L-peptide linking' y VALINE                                                           ? 'C5 H11 N O2'    117.146 
# 
_exptl.crystals_number   1 
_exptl.entry_id          3BQF 
_exptl.method            'X-RAY DIFFRACTION' 
# 
_exptl_crystal.id                    1 
_exptl_crystal.density_Matthews      1.679566 
_exptl_crystal.density_meas          ? 
_exptl_crystal.density_percent_sol   26.766775 
_exptl_crystal.description           ? 
_exptl_crystal.F_000                 ? 
_exptl_crystal.preparation           ? 
# 
_exptl_crystal_grow.crystal_id      1 
_exptl_crystal_grow.method          microbatch-under-oil 
_exptl_crystal_grow.pH              9.0 
_exptl_crystal_grow.temp            293 
_exptl_crystal_grow.temp_details    ? 
_exptl_crystal_grow.pdbx_details    
;1 volume of 30% PEG 550 MME, 0.1M Bicine pH 9.0, 0.1M NaCl, mixed with 1 volume of 50mM TRIS HCl, 2mM EDTA pH 8, 18mg/mL protein + 200mM AcMet(R,S)SONHMe, microbatch-under-oil, temperature 293K
;
_exptl_crystal_grow.pdbx_pH_range   . 
# 
_diffrn.id                     1 
_diffrn.ambient_temp           100 
_diffrn.ambient_temp_details   ? 
_diffrn.crystal_id             1 
# 
_diffrn_detector.diffrn_id              1 
_diffrn_detector.detector               CCD 
_diffrn_detector.type                   'MAR CCD 165 mm' 
_diffrn_detector.pdbx_collection_date   2003-12-15 
_diffrn_detector.details                'Bent Mirror' 
# 
_diffrn_radiation.diffrn_id                        1 
_diffrn_radiation.wavelength_id                    1 
_diffrn_radiation.pdbx_diffrn_protocol             'SINGLE WAVELENGTH' 
_diffrn_radiation.monochromator                    Triangular 
_diffrn_radiation.pdbx_monochromatic_or_laue_m_l   M 
_diffrn_radiation.pdbx_scattering_type             x-ray 
# 
_diffrn_radiation_wavelength.id           1 
_diffrn_radiation_wavelength.wavelength   0.81 
_diffrn_radiation_wavelength.wt           1.0 
# 
_diffrn_source.diffrn_id                   1 
_diffrn_source.source                      SYNCHROTRON 
_diffrn_source.type                        'EMBL/DESY, HAMBURG BEAMLINE X11' 
_diffrn_source.pdbx_wavelength             ? 
_diffrn_source.pdbx_wavelength_list        0.81 
_diffrn_source.pdbx_synchrotron_site       'EMBL/DESY, HAMBURG' 
_diffrn_source.pdbx_synchrotron_beamline   X11 
# 
_reflns.entry_id                     3BQF 
_reflns.B_iso_Wilson_estimate        15.700 
_reflns.observed_criterion_sigma_F   0 
_reflns.observed_criterion_sigma_I   0 
_reflns.d_resolution_high            2.22 
_reflns.d_resolution_low             20 
_reflns.number_all                   7685 
_reflns.number_obs                   7491 
_reflns.percent_possible_obs         97.5 
_reflns.pdbx_Rmerge_I_obs            0.078 
_reflns.pdbx_Rsym_value              ? 
_reflns.pdbx_netI_over_sigmaI        15.3 
_reflns.pdbx_redundancy              4.1 
_reflns.R_free_details               ? 
_reflns.limit_h_max                  ? 
_reflns.limit_h_min                  ? 
_reflns.limit_k_max                  ? 
_reflns.limit_k_min                  ? 
_reflns.limit_l_max                  ? 
_reflns.limit_l_min                  ? 
_reflns.observed_criterion_F_max     ? 
_reflns.observed_criterion_F_min     ? 
_reflns.pdbx_chi_squared             ? 
_reflns.pdbx_scaling_rejects         ? 
_reflns.pdbx_ordinal                 1 
_reflns.pdbx_diffrn_id               1 
# 
_reflns_shell.d_res_high             2.24 
_reflns_shell.d_res_low              2.28 
_reflns_shell.percent_possible_obs   ? 
_reflns_shell.percent_possible_all   99.7 
_reflns_shell.Rmerge_I_obs           0.265 
_reflns_shell.meanI_over_sigI_obs    4.24 
_reflns_shell.pdbx_Rsym_value        ? 
_reflns_shell.pdbx_redundancy        4.1 
_reflns_shell.number_unique_all      ? 
_reflns_shell.number_measured_all    ? 
_reflns_shell.number_measured_obs    ? 
_reflns_shell.number_unique_obs      ? 
_reflns_shell.pdbx_chi_squared       ? 
_reflns_shell.pdbx_ordinal           1 
_reflns_shell.pdbx_diffrn_id         1 
# 
_refine.entry_id                                 3BQF 
_refine.ls_d_res_high                            2.240 
_refine.ls_d_res_low                             19.800 
_refine.pdbx_ls_sigma_F                          0.00 
_refine.pdbx_data_cutoff_high_absF               458280.406 
_refine.pdbx_data_cutoff_low_absF                0.000 
_refine.ls_percent_reflns_obs                    95.900 
_refine.ls_number_reflns_obs                     7169 
_refine.pdbx_ls_cross_valid_method               THROUGHOUT 
_refine.pdbx_R_Free_selection_details            RANDOM 
_refine.ls_R_factor_R_work                       0.185 
_refine.ls_R_factor_R_free                       0.209 
_refine.ls_percent_reflns_R_free                 9.700 
_refine.ls_number_reflns_R_free                  694 
_refine.ls_R_factor_R_free_error                 0.008 
_refine.B_iso_mean                               25.600 
_refine.solvent_model_param_bsol                 55.551 
_refine.solvent_model_param_ksol                 0.479 
_refine.pdbx_isotropic_thermal_model             RESTRAINED 
_refine.aniso_B[1][1]                            1.080 
_refine.aniso_B[2][2]                            -0.930 
_refine.aniso_B[3][3]                            -0.150 
_refine.aniso_B[1][2]                            0.000 
_refine.aniso_B[1][3]                            0.000 
_refine.aniso_B[2][3]                            0.000 
_refine.solvent_model_details                    'FLAT MODEL' 
_refine.pdbx_method_to_determine_struct          'MOLECULAR REPLACEMENT' 
_refine.pdbx_ls_sigma_I                          ? 
_refine.ls_number_reflns_all                     7475 
_refine.ls_R_factor_all                          ? 
_refine.ls_R_factor_obs                          ? 
_refine.ls_redundancy_reflns_obs                 ? 
_refine.ls_number_parameters                     ? 
_refine.ls_number_restraints                     ? 
_refine.ls_R_factor_R_free_error_details         ? 
_refine.pdbx_starting_model                      'PDB ENTRY 3BQE' 
_refine.pdbx_stereochem_target_val_spec_case     ? 
_refine.pdbx_stereochemistry_target_values       'Engh & Huber' 
_refine.occupancy_max                            ? 
_refine.occupancy_min                            ? 
_refine.details                                  ? 
_refine.B_iso_min                                ? 
_refine.B_iso_max                                ? 
_refine.correlation_coeff_Fo_to_Fc               ? 
_refine.correlation_coeff_Fo_to_Fc_free          ? 
_refine.pdbx_solvent_vdw_probe_radii             ? 
_refine.pdbx_solvent_ion_probe_radii             ? 
_refine.pdbx_solvent_shrinkage_radii             ? 
_refine.overall_SU_R_Cruickshank_DPI             ? 
_refine.overall_SU_R_free                        ? 
_refine.overall_SU_ML                            ? 
_refine.overall_SU_B                             ? 
_refine.pdbx_overall_ESU_R_Free                  ? 
_refine.pdbx_data_cutoff_high_rms_absF           ? 
_refine.pdbx_overall_ESU_R                       ? 
_refine.ls_wR_factor_R_free                      ? 
_refine.ls_wR_factor_R_work                      ? 
_refine.overall_FOM_free_R_set                   ? 
_refine.overall_FOM_work_R_set                   ? 
_refine.pdbx_overall_phase_error                 ? 
_refine.pdbx_refine_id                           'X-RAY DIFFRACTION' 
_refine.pdbx_diffrn_id                           1 
_refine.pdbx_TLS_residual_ADP_flag               ? 
_refine.pdbx_overall_SU_R_free_Cruickshank_DPI   ? 
_refine.pdbx_overall_SU_R_Blow_DPI               ? 
_refine.pdbx_overall_SU_R_free_Blow_DPI          ? 
# 
_refine_analyze.entry_id                        3BQF 
_refine_analyze.Luzzati_coordinate_error_obs    0.220 
_refine_analyze.Luzzati_sigma_a_obs             0.190 
_refine_analyze.Luzzati_d_res_low_obs           5.000 
_refine_analyze.Luzzati_coordinate_error_free   0.260 
_refine_analyze.Luzzati_sigma_a_free            0.200 
_refine_analyze.Luzzati_d_res_low_free          ? 
_refine_analyze.number_disordered_residues      ? 
_refine_analyze.occupancy_sum_non_hydrogen      ? 
_refine_analyze.occupancy_sum_hydrogen          ? 
_refine_analyze.pdbx_Luzzati_d_res_high_obs     ? 
_refine_analyze.pdbx_refine_id                  'X-RAY DIFFRACTION' 
# 
_refine_hist.pdbx_refine_id                   'X-RAY DIFFRACTION' 
_refine_hist.cycle_id                         LAST 
_refine_hist.pdbx_number_atoms_protein        1341 
_refine_hist.pdbx_number_atoms_nucleic_acid   0 
_refine_hist.pdbx_number_atoms_ligand         14 
_refine_hist.number_atoms_solvent             82 
_refine_hist.number_atoms_total               1437 
_refine_hist.d_res_high                       2.240 
_refine_hist.d_res_low                        19.800 
# 
loop_
_refine_ls_restr.type 
_refine_ls_restr.number 
_refine_ls_restr.dev_ideal 
_refine_ls_restr.dev_ideal_target 
_refine_ls_restr.weight 
_refine_ls_restr.pdbx_refine_id 
_refine_ls_restr.pdbx_restraint_function 
c_bond_d           ? 0.007  ?     ? 'X-RAY DIFFRACTION' ? 
c_angle_deg        ? 1.200  ?     ? 'X-RAY DIFFRACTION' ? 
c_dihedral_angle_d ? 24.300 ?     ? 'X-RAY DIFFRACTION' ? 
c_improper_angle_d ? 0.670  ?     ? 'X-RAY DIFFRACTION' ? 
c_mcbond_it        ? 1.330  1.500 ? 'X-RAY DIFFRACTION' ? 
c_mcangle_it       ? 2.080  2.000 ? 'X-RAY DIFFRACTION' ? 
c_scbond_it        ? 1.590  2.000 ? 'X-RAY DIFFRACTION' ? 
c_scangle_it       ? 2.360  2.500 ? 'X-RAY DIFFRACTION' ? 
# 
_refine_ls_shell.d_res_high                       2.240 
_refine_ls_shell.d_res_low                        2.380 
_refine_ls_shell.pdbx_total_number_of_bins_used   6 
_refine_ls_shell.percent_reflns_obs               94.900 
_refine_ls_shell.number_reflns_R_work             1041 
_refine_ls_shell.R_factor_all                     ? 
_refine_ls_shell.R_factor_R_work                  0.213 
_refine_ls_shell.R_factor_R_free                  0.250 
_refine_ls_shell.percent_reflns_R_free            9.800 
_refine_ls_shell.number_reflns_R_free             113 
_refine_ls_shell.R_factor_R_free_error            0.024 
_refine_ls_shell.number_reflns_all                1154 
_refine_ls_shell.number_reflns_obs                ? 
_refine_ls_shell.redundancy_reflns_obs            ? 
_refine_ls_shell.pdbx_refine_id                   'X-RAY DIFFRACTION' 
# 
loop_
_pdbx_xplor_file.serial_no 
_pdbx_xplor_file.param_file 
_pdbx_xplor_file.topol_file 
_pdbx_xplor_file.pdbx_refine_id 
1 protein_rep.param protein.top 'X-RAY DIFFRACTION' 
2 water_rep.param   water.top   'X-RAY DIFFRACTION' 
3 S_mso.param       S_mso.top   'X-RAY DIFFRACTION' 
# 
_struct.entry_id                  3BQF 
_struct.title                     
'Structure of the central domain (MsrA) of Neisseria meningitidis PilB (complex with a substrate)' 
_struct.pdbx_model_details        ? 
_struct.pdbx_CASP_flag            ? 
_struct.pdbx_model_type_details   ? 
# 
_struct_keywords.entry_id        3BQF 
_struct_keywords.pdbx_keywords   OXIDOREDUCTASE 
_struct_keywords.text            
;PILB, Methionine sulfoxide reductase A, complex with a substrate, Electron transport, Multifunctional enzyme, Oxidoreductase, Redox-active center, Transport
;
# 
loop_
_struct_asym.id 
_struct_asym.pdbx_blank_PDB_chainid_flag 
_struct_asym.pdbx_modified 
_struct_asym.entity_id 
_struct_asym.details 
A N N 1 ? 
B N N 2 ? 
C N N 3 ? 
# 
_struct_biol.id        1 
_struct_biol.details   ? 
# 
loop_
_struct_conf.conf_type_id 
_struct_conf.id 
_struct_conf.pdbx_PDB_helix_id 
_struct_conf.beg_label_comp_id 
_struct_conf.beg_label_asym_id 
_struct_conf.beg_label_seq_id 
_struct_conf.pdbx_beg_PDB_ins_code 
_struct_conf.end_label_comp_id 
_struct_conf.end_label_asym_id 
_struct_conf.end_label_seq_id 
_struct_conf.pdbx_end_PDB_ins_code 
_struct_conf.beg_auth_comp_id 
_struct_conf.beg_auth_asym_id 
_struct_conf.beg_auth_seq_id 
_struct_conf.end_auth_comp_id 
_struct_conf.end_auth_asym_id 
_struct_conf.end_auth_seq_id 
_struct_conf.pdbx_PDB_helix_class 
_struct_conf.details 
_struct_conf.pdbx_PDB_helix_length 
HELX_P HELX_P1 1 SER A 12  ? ARG A 22  ? SER A 207 ARG A 217 1 ? 11 
HELX_P HELX_P2 2 SER A 42  ? ARG A 49  ? SER A 237 ARG A 244 1 ? 8  
HELX_P HELX_P3 3 SER A 67  ? VAL A 79  ? SER A 262 VAL A 274 1 ? 13 
HELX_P HELX_P4 4 THR A 93  ? TYR A 95  ? THR A 288 TYR A 290 5 ? 3  
HELX_P HELX_P5 5 ASP A 103 ? ALA A 105 ? ASP A 298 ALA A 300 5 ? 3  
HELX_P HELX_P6 6 GLU A 106 ? GLN A 119 ? GLU A 301 GLN A 314 1 ? 14 
HELX_P HELX_P7 7 GLU A 139 ? GLN A 143 ? GLU A 334 GLN A 338 5 ? 5  
HELX_P HELX_P8 8 ASP A 144 ? ASN A 149 ? ASP A 339 ASN A 344 1 ? 6  
HELX_P HELX_P9 9 ASP A 157 ? GLU A 163 ? ASP A 352 GLU A 358 5 ? 7  
# 
_struct_conf_type.id          HELX_P 
_struct_conf_type.criteria    ? 
_struct_conf_type.reference   ? 
# 
loop_
_struct_sheet.id 
_struct_sheet.type 
_struct_sheet.number_strands 
_struct_sheet.details 
A ? 6 ? 
B ? 2 ? 
# 
loop_
_struct_sheet_order.sheet_id 
_struct_sheet_order.range_id_1 
_struct_sheet_order.range_id_2 
_struct_sheet_order.offset 
_struct_sheet_order.sense 
A 1 2 ? parallel      
A 2 3 ? anti-parallel 
A 3 4 ? anti-parallel 
A 4 5 ? anti-parallel 
A 5 6 ? anti-parallel 
B 1 2 ? anti-parallel 
# 
loop_
_struct_sheet_range.sheet_id 
_struct_sheet_range.id 
_struct_sheet_range.beg_label_comp_id 
_struct_sheet_range.beg_label_asym_id 
_struct_sheet_range.beg_label_seq_id 
_struct_sheet_range.pdbx_beg_PDB_ins_code 
_struct_sheet_range.end_label_comp_id 
_struct_sheet_range.end_label_asym_id 
_struct_sheet_range.end_label_seq_id 
_struct_sheet_range.pdbx_end_PDB_ins_code 
_struct_sheet_range.beg_auth_comp_id 
_struct_sheet_range.beg_auth_asym_id 
_struct_sheet_range.beg_auth_seq_id 
_struct_sheet_range.end_auth_comp_id 
_struct_sheet_range.end_auth_asym_id 
_struct_sheet_range.end_auth_seq_id 
A 1 GLU A 128 ? PRO A 131 ? GLU A 323 PRO A 326 
A 2 SER A 97  ? TYR A 101 ? SER A 292 TYR A 296 
A 3 THR A 3   ? GLY A 10  ? THR A 198 GLY A 205 
A 4 ALA A 54  ? ASP A 62  ? ALA A 249 ASP A 257 
A 5 VAL A 26  ? ALA A 34  ? VAL A 221 ALA A 229 
A 6 PHE A 135 ? ASP A 137 ? PHE A 330 ASP A 332 
B 1 LYS A 86  ? GLN A 87  ? LYS A 281 GLN A 282 
B 2 ASP A 90  ? THR A 91  ? ASP A 285 THR A 286 
# 
loop_
_pdbx_struct_sheet_hbond.sheet_id 
_pdbx_struct_sheet_hbond.range_id_1 
_pdbx_struct_sheet_hbond.range_id_2 
_pdbx_struct_sheet_hbond.range_1_label_atom_id 
_pdbx_struct_sheet_hbond.range_1_label_comp_id 
_pdbx_struct_sheet_hbond.range_1_label_asym_id 
_pdbx_struct_sheet_hbond.range_1_label_seq_id 
_pdbx_struct_sheet_hbond.range_1_PDB_ins_code 
_pdbx_struct_sheet_hbond.range_1_auth_atom_id 
_pdbx_struct_sheet_hbond.range_1_auth_comp_id 
_pdbx_struct_sheet_hbond.range_1_auth_asym_id 
_pdbx_struct_sheet_hbond.range_1_auth_seq_id 
_pdbx_struct_sheet_hbond.range_2_label_atom_id 
_pdbx_struct_sheet_hbond.range_2_label_comp_id 
_pdbx_struct_sheet_hbond.range_2_label_asym_id 
_pdbx_struct_sheet_hbond.range_2_label_seq_id 
_pdbx_struct_sheet_hbond.range_2_PDB_ins_code 
_pdbx_struct_sheet_hbond.range_2_auth_atom_id 
_pdbx_struct_sheet_hbond.range_2_auth_comp_id 
_pdbx_struct_sheet_hbond.range_2_auth_asym_id 
_pdbx_struct_sheet_hbond.range_2_auth_seq_id 
A 1 2 O GLU A 128 ? O GLU A 323 N SER A 97  ? N SER A 292 
A 2 3 O TYR A 100 ? O TYR A 295 N TYR A 7   ? N TYR A 202 
A 3 4 N LEU A 8   ? N LEU A 203 O VAL A 57  ? O VAL A 252 
A 4 5 O LYS A 58  ? O LYS A 253 N VAL A 30  ? N VAL A 225 
A 5 6 N TYR A 33  ? N TYR A 228 O TYR A 136 ? O TYR A 331 
B 1 2 N GLN A 87  ? N GLN A 282 O ASP A 90  ? O ASP A 285 
# 
_struct_site.id                   AC1 
_struct_site.pdbx_evidence_code   Software 
_struct_site.pdbx_auth_asym_id    A 
_struct_site.pdbx_auth_comp_id    SSM 
_struct_site.pdbx_auth_seq_id     400 
_struct_site.pdbx_auth_ins_code   ? 
_struct_site.pdbx_num_residues    7 
_struct_site.details              'BINDING SITE FOR RESIDUE SSM A 400' 
# 
loop_
_struct_site_gen.id 
_struct_site_gen.site_id 
_struct_site_gen.pdbx_num_res 
_struct_site_gen.label_comp_id 
_struct_site_gen.label_asym_id 
_struct_site_gen.label_seq_id 
_struct_site_gen.pdbx_auth_ins_code 
_struct_site_gen.auth_comp_id 
_struct_site_gen.auth_asym_id 
_struct_site_gen.auth_seq_id 
_struct_site_gen.label_atom_id 
_struct_site_gen.label_alt_id 
_struct_site_gen.symmetry 
_struct_site_gen.details 
1 AC1 7 HOH C .  ? HOH A 76  . ? 1_555 ? 
2 AC1 7 SER A 12 ? SER A 207 . ? 1_555 ? 
3 AC1 7 TRP A 14 ? TRP A 209 . ? 1_555 ? 
4 AC1 7 TYR A 43 ? TYR A 238 . ? 1_555 ? 
5 AC1 7 GLU A 55 ? GLU A 250 . ? 1_555 ? 
6 AC1 7 ASP A 90 ? ASP A 285 . ? 1_555 ? 
7 AC1 7 TYR A 95 ? TYR A 290 . ? 1_555 ? 
# 
_atom_sites.entry_id                    3BQF 
_atom_sites.fract_transf_matrix[1][1]   -0.01764913 
_atom_sites.fract_transf_matrix[1][2]   -0.00153353 
_atom_sites.fract_transf_matrix[1][3]   -0.01429214 
_atom_sites.fract_transf_matrix[2][1]   -0.01145387 
_atom_sites.fract_transf_matrix[2][2]   0.00959043 
_atom_sites.fract_transf_matrix[2][3]   0.01311516 
_atom_sites.fract_transf_matrix[3][1]   0.00388355 
_atom_sites.fract_transf_matrix[3][2]   0.01312185 
_atom_sites.fract_transf_matrix[3][3]   -0.00620369 
_atom_sites.fract_transf_vector[1]      -0.390338 
_atom_sites.fract_transf_vector[2]      0.515000 
_atom_sites.fract_transf_vector[3]      -0.148914 
# 
loop_
_atom_type.symbol 
C 
N 
O 
S 
# 
loop_
_atom_site.group_PDB 
_atom_site.id 
_atom_site.type_symbol 
_atom_site.label_atom_id 
_atom_site.label_alt_id 
_atom_site.label_comp_id 
_atom_site.label_asym_id 
_atom_site.label_entity_id 
_atom_site.label_seq_id 
_atom_site.pdbx_PDB_ins_code 
_atom_site.Cartn_x 
_atom_site.Cartn_y 
_atom_site.Cartn_z 
_atom_site.occupancy 
_atom_site.B_iso_or_equiv 
_atom_site.pdbx_formal_charge 
_atom_site.auth_seq_id 
_atom_site.auth_comp_id 
_atom_site.auth_asym_id 
_atom_site.auth_atom_id 
_atom_site.pdbx_PDB_model_num 
ATOM   1    N N   . MET A 1 1   ? -19.950 2.969   -12.244 1.00 41.24 ? 196 MET A N   1 
ATOM   2    C CA  . MET A 1 1   ? -19.122 1.927   -11.574 1.00 41.29 ? 196 MET A CA  1 
ATOM   3    C C   . MET A 1 1   ? -19.280 1.914   -10.060 1.00 39.91 ? 196 MET A C   1 
ATOM   4    O O   . MET A 1 1   ? -19.394 2.962   -9.420  1.00 39.12 ? 196 MET A O   1 
ATOM   5    C CB  . MET A 1 1   ? -17.641 2.119   -11.908 1.00 43.63 ? 196 MET A CB  1 
ATOM   6    C CG  . MET A 1 1   ? -17.176 1.362   -13.135 1.00 46.14 ? 196 MET A CG  1 
ATOM   7    S SD  . MET A 1 1   ? -15.493 0.752   -12.906 1.00 49.66 ? 196 MET A SD  1 
ATOM   8    C CE  . MET A 1 1   ? -14.918 0.650   -14.625 1.00 47.78 ? 196 MET A CE  1 
ATOM   9    N N   . ASN A 1 2   ? -19.283 0.711   -9.498  1.00 37.62 ? 197 ASN A N   1 
ATOM   10   C CA  . ASN A 1 2   ? -19.401 0.514   -8.061  1.00 35.95 ? 197 ASN A CA  1 
ATOM   11   C C   . ASN A 1 2   ? -17.986 0.364   -7.539  1.00 34.53 ? 197 ASN A C   1 
ATOM   12   O O   . ASN A 1 2   ? -17.409 -0.719  -7.616  1.00 36.77 ? 197 ASN A O   1 
ATOM   13   C CB  . ASN A 1 2   ? -20.191 -0.763  -7.765  1.00 37.08 ? 197 ASN A CB  1 
ATOM   14   C CG  . ASN A 1 2   ? -21.610 -0.699  -8.284  1.00 37.33 ? 197 ASN A CG  1 
ATOM   15   O OD1 . ASN A 1 2   ? -22.434 0.058   -7.774  1.00 37.71 ? 197 ASN A OD1 1 
ATOM   16   N ND2 . ASN A 1 2   ? -21.900 -1.484  -9.315  1.00 37.98 ? 197 ASN A ND2 1 
ATOM   17   N N   . THR A 1 3   ? -17.426 1.449   -7.015  1.00 31.01 ? 198 THR A N   1 
ATOM   18   C CA  . THR A 1 3   ? -16.062 1.414   -6.506  1.00 27.40 ? 198 THR A CA  1 
ATOM   19   C C   . THR A 1 3   ? -15.933 1.489   -4.986  1.00 24.99 ? 198 THR A C   1 
ATOM   20   O O   . THR A 1 3   ? -16.864 1.873   -4.271  1.00 23.28 ? 198 THR A O   1 
ATOM   21   C CB  . THR A 1 3   ? -15.210 2.563   -7.097  1.00 27.94 ? 198 THR A CB  1 
ATOM   22   O OG1 . THR A 1 3   ? -15.698 3.821   -6.611  1.00 28.48 ? 198 THR A OG1 1 
ATOM   23   C CG2 . THR A 1 3   ? -15.282 2.557   -8.613  1.00 28.09 ? 198 THR A CG2 1 
ATOM   24   N N   . ARG A 1 4   ? -14.752 1.106   -4.519  1.00 23.93 ? 199 ARG A N   1 
ATOM   25   C CA  . ARG A 1 4   ? -14.395 1.131   -3.108  1.00 24.34 ? 199 ARG A CA  1 
ATOM   26   C C   . ARG A 1 4   ? -12.935 1.561   -3.042  1.00 23.61 ? 199 ARG A C   1 
ATOM   27   O O   . ARG A 1 4   ? -12.197 1.450   -4.029  1.00 24.26 ? 199 ARG A O   1 
ATOM   28   C CB  . ARG A 1 4   ? -14.541 -0.254  -2.481  1.00 23.36 ? 199 ARG A CB  1 
ATOM   29   C CG  . ARG A 1 4   ? -15.963 -0.729  -2.340  1.00 23.16 ? 199 ARG A CG  1 
ATOM   30   C CD  . ARG A 1 4   ? -16.003 -2.134  -1.773  1.00 25.92 ? 199 ARG A CD  1 
ATOM   31   N NE  . ARG A 1 4   ? -15.469 -2.199  -0.415  1.00 29.08 ? 199 ARG A NE  1 
ATOM   32   C CZ  . ARG A 1 4   ? -15.385 -3.317  0.301   1.00 31.88 ? 199 ARG A CZ  1 
ATOM   33   N NH1 . ARG A 1 4   ? -14.888 -3.288  1.533   1.00 32.85 ? 199 ARG A NH1 1 
ATOM   34   N NH2 . ARG A 1 4   ? -15.799 -4.467  -0.216  1.00 31.90 ? 199 ARG A NH2 1 
ATOM   35   N N   . THR A 1 5   ? -12.526 2.047   -1.878  1.00 22.94 ? 200 THR A N   1 
ATOM   36   C CA  . THR A 1 5   ? -11.165 2.491   -1.681  1.00 20.99 ? 200 THR A CA  1 
ATOM   37   C C   . THR A 1 5   ? -10.555 1.798   -0.471  1.00 19.76 ? 200 THR A C   1 
ATOM   38   O O   . THR A 1 5   ? -11.261 1.425   0.470   1.00 20.95 ? 200 THR A O   1 
ATOM   39   C CB  . THR A 1 5   ? -11.106 4.017   -1.462  1.00 21.73 ? 200 THR A CB  1 
ATOM   40   O OG1 . THR A 1 5   ? -11.746 4.683   -2.555  1.00 24.62 ? 200 THR A OG1 1 
ATOM   41   C CG2 . THR A 1 5   ? -9.664  4.493   -1.391  1.00 21.65 ? 200 THR A CG2 1 
ATOM   42   N N   . ILE A 1 6   ? -9.239  1.626   -0.513  1.00 18.24 ? 201 ILE A N   1 
ATOM   43   C CA  . ILE A 1 6   ? -8.484  1.007   0.568   1.00 17.15 ? 201 ILE A CA  1 
ATOM   44   C C   . ILE A 1 6   ? -7.090  1.641   0.521   1.00 16.36 ? 201 ILE A C   1 
ATOM   45   O O   . ILE A 1 6   ? -6.582  1.934   -0.560  1.00 16.33 ? 201 ILE A O   1 
ATOM   46   C CB  . ILE A 1 6   ? -8.376  -0.523  0.368   1.00 16.10 ? 201 ILE A CB  1 
ATOM   47   C CG1 . ILE A 1 6   ? -7.685  -1.158  1.575   1.00 15.06 ? 201 ILE A CG1 1 
ATOM   48   C CG2 . ILE A 1 6   ? -7.637  -0.834  -0.936  1.00 15.13 ? 201 ILE A CG2 1 
ATOM   49   C CD1 . ILE A 1 6   ? -8.484  -1.050  2.858   1.00 11.79 ? 201 ILE A CD1 1 
ATOM   50   N N   . TYR A 1 7   ? -6.483  1.867   1.681   1.00 16.54 ? 202 TYR A N   1 
ATOM   51   C CA  . TYR A 1 7   ? -5.160  2.480   1.723   1.00 17.47 ? 202 TYR A CA  1 
ATOM   52   C C   . TYR A 1 7   ? -4.083  1.477   2.108   1.00 17.58 ? 202 TYR A C   1 
ATOM   53   O O   . TYR A 1 7   ? -4.150  0.845   3.165   1.00 19.07 ? 202 TYR A O   1 
ATOM   54   C CB  . TYR A 1 7   ? -5.179  3.656   2.689   1.00 16.55 ? 202 TYR A CB  1 
ATOM   55   C CG  . TYR A 1 7   ? -6.118  4.745   2.230   1.00 18.42 ? 202 TYR A CG  1 
ATOM   56   C CD1 . TYR A 1 7   ? -5.632  5.895   1.622   1.00 18.83 ? 202 TYR A CD1 1 
ATOM   57   C CD2 . TYR A 1 7   ? -7.500  4.607   2.370   1.00 20.25 ? 202 TYR A CD2 1 
ATOM   58   C CE1 . TYR A 1 7   ? -6.495  6.889   1.163   1.00 22.10 ? 202 TYR A CE1 1 
ATOM   59   C CE2 . TYR A 1 7   ? -8.373  5.592   1.913   1.00 22.07 ? 202 TYR A CE2 1 
ATOM   60   C CZ  . TYR A 1 7   ? -7.862  6.731   1.313   1.00 23.43 ? 202 TYR A CZ  1 
ATOM   61   O OH  . TYR A 1 7   ? -8.709  7.723   0.881   1.00 27.42 ? 202 TYR A OH  1 
ATOM   62   N N   . LEU A 1 8   ? -3.083  1.341   1.245   1.00 16.69 ? 203 LEU A N   1 
ATOM   63   C CA  . LEU A 1 8   ? -2.017  0.378   1.473   1.00 16.98 ? 203 LEU A CA  1 
ATOM   64   C C   . LEU A 1 8   ? -0.617  0.985   1.590   1.00 16.81 ? 203 LEU A C   1 
ATOM   65   O O   . LEU A 1 8   ? -0.194  1.784   0.757   1.00 17.27 ? 203 LEU A O   1 
ATOM   66   C CB  . LEU A 1 8   ? -2.034  -0.662  0.346   1.00 16.13 ? 203 LEU A CB  1 
ATOM   67   C CG  . LEU A 1 8   ? -3.419  -1.208  -0.029  1.00 17.23 ? 203 LEU A CG  1 
ATOM   68   C CD1 . LEU A 1 8   ? -3.333  -2.018  -1.308  1.00 15.35 ? 203 LEU A CD1 1 
ATOM   69   C CD2 . LEU A 1 8   ? -3.976  -2.047  1.108   1.00 17.09 ? 203 LEU A CD2 1 
ATOM   70   N N   . ALA A 1 9   ? 0.091   0.592   2.642   1.00 16.78 ? 204 ALA A N   1 
ATOM   71   C CA  . ALA A 1 9   ? 1.451   1.053   2.886   1.00 17.23 ? 204 ALA A CA  1 
ATOM   72   C C   . ALA A 1 9   ? 2.355   -0.176  2.847   1.00 18.69 ? 204 ALA A C   1 
ATOM   73   O O   . ALA A 1 9   ? 2.184   -1.103  3.642   1.00 19.49 ? 204 ALA A O   1 
ATOM   74   C CB  . ALA A 1 9   ? 1.539   1.726   4.247   1.00 14.24 ? 204 ALA A CB  1 
ATOM   75   N N   . GLY A 1 10  ? 3.305   -0.194  1.914   1.00 19.11 ? 205 GLY A N   1 
ATOM   76   C CA  . GLY A 1 10  ? 4.211   -1.330  1.815   1.00 19.88 ? 205 GLY A CA  1 
ATOM   77   C C   . GLY A 1 10  ? 5.583   -0.977  1.260   1.00 19.32 ? 205 GLY A C   1 
ATOM   78   O O   . GLY A 1 10  ? 6.134   -1.711  0.443   1.00 20.89 ? 205 GLY A O   1 
ATOM   79   N N   . GLY A 1 11  ? 6.144   0.133   1.722   1.00 17.59 ? 206 GLY A N   1 
ATOM   80   C CA  . GLY A 1 11  ? 7.440   0.572   1.236   1.00 19.81 ? 206 GLY A CA  1 
ATOM   81   C C   . GLY A 1 11  ? 7.277   1.737   0.271   1.00 20.07 ? 206 GLY A C   1 
ATOM   82   O O   . GLY A 1 11  ? 6.245   2.418   0.287   1.00 18.19 ? 206 GLY A O   1 
ATOM   83   N N   . SER A 1 12  ? 8.288   1.971   -0.565  1.00 20.82 ? 207 SER A N   1 
ATOM   84   C CA  . SER A 1 12  ? 8.266   3.058   -1.547  1.00 20.55 ? 207 SER A CA  1 
ATOM   85   C C   . SER A 1 12  ? 6.958   3.045   -2.350  1.00 19.74 ? 207 SER A C   1 
ATOM   86   O O   . SER A 1 12  ? 6.653   2.048   -3.008  1.00 16.70 ? 207 SER A O   1 
ATOM   87   C CB  . SER A 1 12  ? 9.462   2.907   -2.496  1.00 22.68 ? 207 SER A CB  1 
ATOM   88   O OG  . SER A 1 12  ? 9.425   3.858   -3.548  1.00 23.57 ? 207 SER A OG  1 
ATOM   89   N N   . PHE A 1 13  ? 6.182   4.131   -2.308  1.00 18.68 ? 208 PHE A N   1 
ATOM   90   C CA  . PHE A 1 13  ? 4.938   4.126   -3.067  1.00 19.08 ? 208 PHE A CA  1 
ATOM   91   C C   . PHE A 1 13  ? 5.089   4.117   -4.595  1.00 18.93 ? 208 PHE A C   1 
ATOM   92   O O   . PHE A 1 13  ? 4.114   3.888   -5.304  1.00 18.11 ? 208 PHE A O   1 
ATOM   93   C CB  . PHE A 1 13  ? 3.952   5.247   -2.622  1.00 19.40 ? 208 PHE A CB  1 
ATOM   94   C CG  . PHE A 1 13  ? 4.551   6.635   -2.483  1.00 18.64 ? 208 PHE A CG  1 
ATOM   95   C CD1 . PHE A 1 13  ? 5.493   7.117   -3.382  1.00 18.94 ? 208 PHE A CD1 1 
ATOM   96   C CD2 . PHE A 1 13  ? 4.087   7.491   -1.481  1.00 16.62 ? 208 PHE A CD2 1 
ATOM   97   C CE1 . PHE A 1 13  ? 5.967   8.437   -3.289  1.00 19.25 ? 208 PHE A CE1 1 
ATOM   98   C CE2 . PHE A 1 13  ? 4.549   8.808   -1.376  1.00 19.83 ? 208 PHE A CE2 1 
ATOM   99   C CZ  . PHE A 1 13  ? 5.493   9.284   -2.284  1.00 18.26 ? 208 PHE A CZ  1 
ATOM   100  N N   . TRP A 1 14  ? 6.301   4.328   -5.107  1.00 19.27 ? 209 TRP A N   1 
ATOM   101  C CA  . TRP A 1 14  ? 6.513   4.306   -6.559  1.00 20.67 ? 209 TRP A CA  1 
ATOM   102  C C   . TRP A 1 14  ? 6.212   2.926   -7.128  1.00 19.72 ? 209 TRP A C   1 
ATOM   103  O O   . TRP A 1 14  ? 5.425   2.784   -8.059  1.00 19.23 ? 209 TRP A O   1 
ATOM   104  C CB  . TRP A 1 14  ? 7.955   4.661   -6.922  1.00 21.30 ? 209 TRP A CB  1 
ATOM   105  C CG  . TRP A 1 14  ? 8.334   6.071   -6.628  1.00 25.02 ? 209 TRP A CG  1 
ATOM   106  C CD1 . TRP A 1 14  ? 7.489   7.116   -6.375  1.00 24.98 ? 209 TRP A CD1 1 
ATOM   107  C CD2 . TRP A 1 14  ? 9.659   6.612   -6.591  1.00 26.00 ? 209 TRP A CD2 1 
ATOM   108  N NE1 . TRP A 1 14  ? 8.206   8.270   -6.185  1.00 25.54 ? 209 TRP A NE1 1 
ATOM   109  C CE2 . TRP A 1 14  ? 9.541   7.989   -6.316  1.00 25.97 ? 209 TRP A CE2 1 
ATOM   110  C CE3 . TRP A 1 14  ? 10.934  6.062   -6.776  1.00 26.62 ? 209 TRP A CE3 1 
ATOM   111  C CZ2 . TRP A 1 14  ? 10.654  8.831   -6.206  1.00 27.95 ? 209 TRP A CZ2 1 
ATOM   112  C CZ3 . TRP A 1 14  ? 12.045  6.901   -6.670  1.00 28.68 ? 209 TRP A CZ3 1 
ATOM   113  C CH2 . TRP A 1 14  ? 11.893  8.272   -6.391  1.00 27.09 ? 209 TRP A CH2 1 
ATOM   114  N N   . GLY A 1 15  ? 6.855   1.911   -6.564  1.00 19.46 ? 210 GLY A N   1 
ATOM   115  C CA  . GLY A 1 15  ? 6.639   0.556   -7.036  1.00 19.74 ? 210 GLY A CA  1 
ATOM   116  C C   . GLY A 1 15  ? 5.233   0.065   -6.742  1.00 18.91 ? 210 GLY A C   1 
ATOM   117  O O   . GLY A 1 15  ? 4.587   -0.544  -7.597  1.00 20.97 ? 210 GLY A O   1 
ATOM   118  N N   . LEU A 1 16  ? 4.754   0.341   -5.534  1.00 18.20 ? 211 LEU A N   1 
ATOM   119  C CA  . LEU A 1 16  ? 3.426   -0.098  -5.130  1.00 18.36 ? 211 LEU A CA  1 
ATOM   120  C C   . LEU A 1 16  ? 2.322   0.517   -5.996  1.00 17.09 ? 211 LEU A C   1 
ATOM   121  O O   . LEU A 1 16  ? 1.349   -0.156  -6.331  1.00 16.53 ? 211 LEU A O   1 
ATOM   122  C CB  . LEU A 1 16  ? 3.185   0.229   -3.648  1.00 18.19 ? 211 LEU A CB  1 
ATOM   123  C CG  . LEU A 1 16  ? 1.967   -0.467  -3.024  1.00 20.46 ? 211 LEU A CG  1 
ATOM   124  C CD1 . LEU A 1 16  ? 2.179   -1.982  -3.070  1.00 18.54 ? 211 LEU A CD1 1 
ATOM   125  C CD2 . LEU A 1 16  ? 1.766   -0.008  -1.586  1.00 20.67 ? 211 LEU A CD2 1 
ATOM   126  N N   . GLU A 1 17  ? 2.468   1.789   -6.356  1.00 16.42 ? 212 GLU A N   1 
ATOM   127  C CA  . GLU A 1 17  ? 1.466   2.439   -7.192  1.00 17.10 ? 212 GLU A CA  1 
ATOM   128  C C   . GLU A 1 17  ? 1.458   1.784   -8.571  1.00 17.94 ? 212 GLU A C   1 
ATOM   129  O O   . GLU A 1 17  ? 0.403   1.386   -9.075  1.00 18.41 ? 212 GLU A O   1 
ATOM   130  C CB  . GLU A 1 17  ? 1.759   3.931   -7.369  1.00 17.73 ? 212 GLU A CB  1 
ATOM   131  C CG  . GLU A 1 17  ? 0.924   4.557   -8.495  1.00 20.69 ? 212 GLU A CG  1 
ATOM   132  C CD  . GLU A 1 17  ? 1.331   5.980   -8.841  1.00 21.37 ? 212 GLU A CD  1 
ATOM   133  O OE1 . GLU A 1 17  ? 2.548   6.235   -9.000  1.00 20.26 ? 212 GLU A OE1 1 
ATOM   134  O OE2 . GLU A 1 17  ? 0.428   6.834   -8.965  1.00 21.71 ? 212 GLU A OE2 1 
ATOM   135  N N   . ALA A 1 18  ? 2.639   1.687   -9.175  1.00 16.61 ? 213 ALA A N   1 
ATOM   136  C CA  . ALA A 1 18  ? 2.776   1.093   -10.499 1.00 18.10 ? 213 ALA A CA  1 
ATOM   137  C C   . ALA A 1 18  ? 2.172   -0.307  -10.504 1.00 17.86 ? 213 ALA A C   1 
ATOM   138  O O   . ALA A 1 18  ? 1.460   -0.681  -11.435 1.00 19.28 ? 213 ALA A O   1 
ATOM   139  C CB  . ALA A 1 18  ? 4.250   1.038   -10.906 1.00 18.38 ? 213 ALA A CB  1 
ATOM   140  N N   . TYR A 1 19  ? 2.452   -1.060  -9.444  1.00 17.61 ? 214 TYR A N   1 
ATOM   141  C CA  . TYR A 1 19  ? 1.951   -2.420  -9.289  1.00 16.89 ? 214 TYR A CA  1 
ATOM   142  C C   . TYR A 1 19  ? 0.432   -2.509  -9.363  1.00 18.23 ? 214 TYR A C   1 
ATOM   143  O O   . TYR A 1 19  ? -0.112  -3.278  -10.147 1.00 18.46 ? 214 TYR A O   1 
ATOM   144  C CB  . TYR A 1 19  ? 2.427   -2.990  -7.953  1.00 17.83 ? 214 TYR A CB  1 
ATOM   145  C CG  . TYR A 1 19  ? 1.900   -4.371  -7.628  1.00 19.20 ? 214 TYR A CG  1 
ATOM   146  C CD1 . TYR A 1 19  ? 2.253   -5.476  -8.405  1.00 18.96 ? 214 TYR A CD1 1 
ATOM   147  C CD2 . TYR A 1 19  ? 1.091   -4.583  -6.506  1.00 19.22 ? 214 TYR A CD2 1 
ATOM   148  C CE1 . TYR A 1 19  ? 1.818   -6.762  -8.069  1.00 18.37 ? 214 TYR A CE1 1 
ATOM   149  C CE2 . TYR A 1 19  ? 0.648   -5.869  -6.163  1.00 18.44 ? 214 TYR A CE2 1 
ATOM   150  C CZ  . TYR A 1 19  ? 1.019   -6.952  -6.949  1.00 17.56 ? 214 TYR A CZ  1 
ATOM   151  O OH  . TYR A 1 19  ? 0.598   -8.219  -6.623  1.00 18.09 ? 214 TYR A OH  1 
ATOM   152  N N   . PHE A 1 20  ? -0.256  -1.732  -8.534  1.00 18.85 ? 215 PHE A N   1 
ATOM   153  C CA  . PHE A 1 20  ? -1.711  -1.760  -8.518  1.00 18.82 ? 215 PHE A CA  1 
ATOM   154  C C   . PHE A 1 20  ? -2.341  -1.173  -9.770  1.00 20.73 ? 215 PHE A C   1 
ATOM   155  O O   . PHE A 1 20  ? -3.459  -1.540  -10.134 1.00 21.85 ? 215 PHE A O   1 
ATOM   156  C CB  . PHE A 1 20  ? -2.236  -1.049  -7.264  1.00 18.23 ? 215 PHE A CB  1 
ATOM   157  C CG  . PHE A 1 20  ? -2.250  -1.932  -6.055  1.00 16.92 ? 215 PHE A CG  1 
ATOM   158  C CD1 . PHE A 1 20  ? -3.242  -2.899  -5.905  1.00 16.67 ? 215 PHE A CD1 1 
ATOM   159  C CD2 . PHE A 1 20  ? -1.218  -1.880  -5.129  1.00 18.73 ? 215 PHE A CD2 1 
ATOM   160  C CE1 . PHE A 1 20  ? -3.203  -3.806  -4.849  1.00 16.10 ? 215 PHE A CE1 1 
ATOM   161  C CE2 . PHE A 1 20  ? -1.167  -2.781  -4.065  1.00 18.65 ? 215 PHE A CE2 1 
ATOM   162  C CZ  . PHE A 1 20  ? -2.158  -3.752  -3.925  1.00 19.08 ? 215 PHE A CZ  1 
ATOM   163  N N   . GLN A 1 21  ? -1.632  -0.273  -10.433 1.00 22.49 ? 216 GLN A N   1 
ATOM   164  C CA  . GLN A 1 21  ? -2.158  0.331   -11.654 1.00 25.03 ? 216 GLN A CA  1 
ATOM   165  C C   . GLN A 1 21  ? -2.239  -0.646  -12.824 1.00 26.36 ? 216 GLN A C   1 
ATOM   166  O O   . GLN A 1 21  ? -2.947  -0.396  -13.795 1.00 27.20 ? 216 GLN A O   1 
ATOM   167  C CB  . GLN A 1 21  ? -1.311  1.542   -12.058 1.00 25.16 ? 216 GLN A CB  1 
ATOM   168  C CG  . GLN A 1 21  ? -1.774  2.840   -11.428 1.00 26.69 ? 216 GLN A CG  1 
ATOM   169  C CD  . GLN A 1 21  ? -0.898  4.027   -11.791 1.00 29.25 ? 216 GLN A CD  1 
ATOM   170  O OE1 . GLN A 1 21  ? -1.262  5.178   -11.530 1.00 29.65 ? 216 GLN A OE1 1 
ATOM   171  N NE2 . GLN A 1 21  ? 0.262   3.756   -12.381 1.00 27.79 ? 216 GLN A NE2 1 
ATOM   172  N N   . ARG A 1 22  ? -1.517  -1.756  -12.746 1.00 28.01 ? 217 ARG A N   1 
ATOM   173  C CA  . ARG A 1 22  ? -1.550  -2.714  -13.845 1.00 30.43 ? 217 ARG A CA  1 
ATOM   174  C C   . ARG A 1 22  ? -2.532  -3.856  -13.596 1.00 30.32 ? 217 ARG A C   1 
ATOM   175  O O   . ARG A 1 22  ? -2.646  -4.782  -14.402 1.00 30.39 ? 217 ARG A O   1 
ATOM   176  C CB  . ARG A 1 22  ? -0.152  -3.283  -14.103 1.00 32.40 ? 217 ARG A CB  1 
ATOM   177  C CG  . ARG A 1 22  ? 0.310   -4.303  -13.088 1.00 35.30 ? 217 ARG A CG  1 
ATOM   178  C CD  . ARG A 1 22  ? 1.666   -4.843  -13.486 1.00 38.52 ? 217 ARG A CD  1 
ATOM   179  N NE  . ARG A 1 22  ? 1.630   -5.533  -14.774 1.00 41.99 ? 217 ARG A NE  1 
ATOM   180  C CZ  . ARG A 1 22  ? 2.714   -5.939  -15.430 1.00 43.36 ? 217 ARG A CZ  1 
ATOM   181  N NH1 . ARG A 1 22  ? 3.917   -5.715  -14.919 1.00 45.36 ? 217 ARG A NH1 1 
ATOM   182  N NH2 . ARG A 1 22  ? 2.599   -6.576  -16.588 1.00 42.49 ? 217 ARG A NH2 1 
ATOM   183  N N   . ILE A 1 23  ? -3.248  -3.785  -12.482 1.00 29.51 ? 218 ILE A N   1 
ATOM   184  C CA  . ILE A 1 23  ? -4.206  -4.826  -12.148 1.00 29.38 ? 218 ILE A CA  1 
ATOM   185  C C   . ILE A 1 23  ? -5.585  -4.516  -12.720 1.00 30.16 ? 218 ILE A C   1 
ATOM   186  O O   . ILE A 1 23  ? -6.138  -3.446  -12.476 1.00 31.11 ? 218 ILE A O   1 
ATOM   187  C CB  . ILE A 1 23  ? -4.299  -5.006  -10.613 1.00 27.70 ? 218 ILE A CB  1 
ATOM   188  C CG1 . ILE A 1 23  ? -2.927  -5.416  -10.069 1.00 24.98 ? 218 ILE A CG1 1 
ATOM   189  C CG2 . ILE A 1 23  ? -5.356  -6.047  -10.262 1.00 26.05 ? 218 ILE A CG2 1 
ATOM   190  C CD1 . ILE A 1 23  ? -2.881  -5.613  -8.573  1.00 24.02 ? 218 ILE A CD1 1 
ATOM   191  N N   . ASP A 1 24  ? -6.126  -5.449  -13.501 1.00 30.82 ? 219 ASP A N   1 
ATOM   192  C CA  . ASP A 1 24  ? -7.456  -5.271  -14.082 1.00 30.92 ? 219 ASP A CA  1 
ATOM   193  C C   . ASP A 1 24  ? -8.455  -5.206  -12.933 1.00 29.21 ? 219 ASP A C   1 
ATOM   194  O O   . ASP A 1 24  ? -8.593  -6.156  -12.166 1.00 29.39 ? 219 ASP A O   1 
ATOM   195  C CB  . ASP A 1 24  ? -7.808  -6.444  -15.008 1.00 33.92 ? 219 ASP A CB  1 
ATOM   196  C CG  . ASP A 1 24  ? -9.270  -6.432  -15.443 1.00 37.56 ? 219 ASP A CG  1 
ATOM   197  O OD1 . ASP A 1 24  ? -9.698  -5.448  -16.081 1.00 39.29 ? 219 ASP A OD1 1 
ATOM   198  O OD2 . ASP A 1 24  ? -9.995  -7.408  -15.143 1.00 37.70 ? 219 ASP A OD2 1 
ATOM   199  N N   . GLY A 1 25  ? -9.143  -4.080  -12.813 1.00 27.69 ? 220 GLY A N   1 
ATOM   200  C CA  . GLY A 1 25  ? -10.102 -3.922  -11.736 1.00 27.52 ? 220 GLY A CA  1 
ATOM   201  C C   . GLY A 1 25  ? -9.754  -2.711  -10.894 1.00 27.89 ? 220 GLY A C   1 
ATOM   202  O O   . GLY A 1 25  ? -10.605 -2.167  -10.188 1.00 27.71 ? 220 GLY A O   1 
ATOM   203  N N   . VAL A 1 26  ? -8.492  -2.293  -10.954 1.00 26.78 ? 221 VAL A N   1 
ATOM   204  C CA  . VAL A 1 26  ? -8.059  -1.124  -10.207 1.00 25.53 ? 221 VAL A CA  1 
ATOM   205  C C   . VAL A 1 26  ? -8.341  0.086   -11.088 1.00 26.90 ? 221 VAL A C   1 
ATOM   206  O O   . VAL A 1 26  ? -7.806  0.200   -12.186 1.00 25.63 ? 221 VAL A O   1 
ATOM   207  C CB  . VAL A 1 26  ? -6.551  -1.173  -9.874  1.00 24.01 ? 221 VAL A CB  1 
ATOM   208  C CG1 . VAL A 1 26  ? -6.134  0.120   -9.208  1.00 23.94 ? 221 VAL A CG1 1 
ATOM   209  C CG2 . VAL A 1 26  ? -6.251  -2.357  -8.963  1.00 24.07 ? 221 VAL A CG2 1 
ATOM   210  N N   . VAL A 1 27  ? -9.198  0.978   -10.600 1.00 27.26 ? 222 VAL A N   1 
ATOM   211  C CA  . VAL A 1 27  ? -9.583  2.179   -11.330 1.00 27.78 ? 222 VAL A CA  1 
ATOM   212  C C   . VAL A 1 27  ? -8.579  3.312   -11.148 1.00 28.96 ? 222 VAL A C   1 
ATOM   213  O O   . VAL A 1 27  ? -8.386  4.137   -12.048 1.00 28.30 ? 222 VAL A O   1 
ATOM   214  C CB  . VAL A 1 27  ? -10.970 2.667   -10.869 1.00 28.73 ? 222 VAL A CB  1 
ATOM   215  C CG1 . VAL A 1 27  ? -11.297 4.001   -11.513 1.00 29.57 ? 222 VAL A CG1 1 
ATOM   216  C CG2 . VAL A 1 27  ? -12.023 1.632   -11.228 1.00 29.02 ? 222 VAL A CG2 1 
ATOM   217  N N   . ASP A 1 28  ? -7.943  3.358   -9.983  1.00 27.30 ? 223 ASP A N   1 
ATOM   218  C CA  . ASP A 1 28  ? -6.970  4.405   -9.717  1.00 27.48 ? 223 ASP A CA  1 
ATOM   219  C C   . ASP A 1 28  ? -6.046  4.075   -8.555  1.00 26.52 ? 223 ASP A C   1 
ATOM   220  O O   . ASP A 1 28  ? -6.354  3.217   -7.722  1.00 27.13 ? 223 ASP A O   1 
ATOM   221  C CB  . ASP A 1 28  ? -7.681  5.723   -9.422  1.00 28.00 ? 223 ASP A CB  1 
ATOM   222  C CG  . ASP A 1 28  ? -6.796  6.919   -9.676  1.00 30.07 ? 223 ASP A CG  1 
ATOM   223  O OD1 . ASP A 1 28  ? -7.170  8.040   -9.276  1.00 32.23 ? 223 ASP A OD1 1 
ATOM   224  O OD2 . ASP A 1 28  ? -5.724  6.736   -10.292 1.00 31.19 ? 223 ASP A OD2 1 
ATOM   225  N N   . ALA A 1 29  ? -4.913  4.770   -8.509  1.00 25.49 ? 224 ALA A N   1 
ATOM   226  C CA  . ALA A 1 29  ? -3.911  4.589   -7.460  1.00 24.61 ? 224 ALA A CA  1 
ATOM   227  C C   . ALA A 1 29  ? -3.190  5.914   -7.240  1.00 23.99 ? 224 ALA A C   1 
ATOM   228  O O   . ALA A 1 29  ? -2.500  6.413   -8.129  1.00 26.05 ? 224 ALA A O   1 
ATOM   229  C CB  . ALA A 1 29  ? -2.912  3.507   -7.863  1.00 24.41 ? 224 ALA A CB  1 
ATOM   230  N N   . VAL A 1 30  ? -3.354  6.484   -6.053  1.00 21.69 ? 225 VAL A N   1 
ATOM   231  C CA  . VAL A 1 30  ? -2.727  7.757   -5.734  1.00 21.48 ? 225 VAL A CA  1 
ATOM   232  C C   . VAL A 1 30  ? -1.729  7.598   -4.596  1.00 21.28 ? 225 VAL A C   1 
ATOM   233  O O   . VAL A 1 30  ? -2.037  7.001   -3.564  1.00 20.01 ? 225 VAL A O   1 
ATOM   234  C CB  . VAL A 1 30  ? -3.785  8.806   -5.321  1.00 23.24 ? 225 VAL A CB  1 
ATOM   235  C CG1 . VAL A 1 30  ? -3.109  10.133  -4.997  1.00 23.58 ? 225 VAL A CG1 1 
ATOM   236  C CG2 . VAL A 1 30  ? -4.816  8.975   -6.434  1.00 23.92 ? 225 VAL A CG2 1 
ATOM   237  N N   . SER A 1 31  ? -0.532  8.137   -4.791  1.00 18.99 ? 226 SER A N   1 
ATOM   238  C CA  . SER A 1 31  ? 0.507   8.059   -3.777  1.00 18.40 ? 226 SER A CA  1 
ATOM   239  C C   . SER A 1 31  ? 0.349   9.222   -2.808  1.00 18.31 ? 226 SER A C   1 
ATOM   240  O O   . SER A 1 31  ? 0.128   10.365  -3.223  1.00 19.98 ? 226 SER A O   1 
ATOM   241  C CB  . SER A 1 31  ? 1.885   8.093   -4.429  1.00 17.81 ? 226 SER A CB  1 
ATOM   242  O OG  . SER A 1 31  ? 2.101   6.929   -5.206  1.00 20.13 ? 226 SER A OG  1 
ATOM   243  N N   . GLY A 1 32  ? 0.447   8.924   -1.519  1.00 16.99 ? 227 GLY A N   1 
ATOM   244  C CA  . GLY A 1 32  ? 0.304   9.960   -0.516  1.00 18.05 ? 227 GLY A CA  1 
ATOM   245  C C   . GLY A 1 32  ? 0.949   9.592   0.798   1.00 18.14 ? 227 GLY A C   1 
ATOM   246  O O   . GLY A 1 32  ? 1.685   8.612   0.884   1.00 18.73 ? 227 GLY A O   1 
ATOM   247  N N   . TYR A 1 33  ? 0.659   10.383  1.826   1.00 18.35 ? 228 TYR A N   1 
ATOM   248  C CA  . TYR A 1 33  ? 1.206   10.184  3.163   1.00 18.06 ? 228 TYR A CA  1 
ATOM   249  C C   . TYR A 1 33  ? 0.034   9.977   4.115   1.00 19.40 ? 228 TYR A C   1 
ATOM   250  O O   . TYR A 1 33  ? -0.842  10.836  4.222   1.00 21.63 ? 228 TYR A O   1 
ATOM   251  C CB  . TYR A 1 33  ? 2.011   11.420  3.553   1.00 18.35 ? 228 TYR A CB  1 
ATOM   252  C CG  . TYR A 1 33  ? 3.003   11.841  2.488   1.00 18.53 ? 228 TYR A CG  1 
ATOM   253  C CD1 . TYR A 1 33  ? 4.086   11.028  2.155   1.00 17.97 ? 228 TYR A CD1 1 
ATOM   254  C CD2 . TYR A 1 33  ? 2.856   13.051  1.805   1.00 18.26 ? 228 TYR A CD2 1 
ATOM   255  C CE1 . TYR A 1 33  ? 4.995   11.408  1.172   1.00 19.16 ? 228 TYR A CE1 1 
ATOM   256  C CE2 . TYR A 1 33  ? 3.763   13.441  0.817   1.00 19.27 ? 228 TYR A CE2 1 
ATOM   257  C CZ  . TYR A 1 33  ? 4.829   12.615  0.505   1.00 18.64 ? 228 TYR A CZ  1 
ATOM   258  O OH  . TYR A 1 33  ? 5.724   12.983  -0.477  1.00 21.45 ? 228 TYR A OH  1 
ATOM   259  N N   . ALA A 1 34  ? 0.027   8.846   4.814   1.00 19.35 ? 229 ALA A N   1 
ATOM   260  C CA  . ALA A 1 34  ? -1.073  8.510   5.708   1.00 18.83 ? 229 ALA A CA  1 
ATOM   261  C C   . ALA A 1 34  ? -0.741  8.276   7.183   1.00 19.14 ? 229 ALA A C   1 
ATOM   262  O O   . ALA A 1 34  ? 0.377   7.897   7.536   1.00 18.92 ? 229 ALA A O   1 
ATOM   263  C CB  . ALA A 1 34  ? -1.795  7.287   5.159   1.00 19.27 ? 229 ALA A CB  1 
ATOM   264  N N   . ASN A 1 35  ? -1.750  8.487   8.025   1.00 18.06 ? 230 ASN A N   1 
ATOM   265  C CA  . ASN A 1 35  ? -1.659  8.294   9.469   1.00 17.51 ? 230 ASN A CA  1 
ATOM   266  C C   . ASN A 1 35  ? -0.448  8.923   10.143  1.00 17.59 ? 230 ASN A C   1 
ATOM   267  O O   . ASN A 1 35  ? 0.267   8.266   10.899  1.00 17.69 ? 230 ASN A O   1 
ATOM   268  C CB  . ASN A 1 35  ? -1.720  6.797   9.792   1.00 16.01 ? 230 ASN A CB  1 
ATOM   269  C CG  . ASN A 1 35  ? -3.094  6.211   9.532   1.00 15.90 ? 230 ASN A CG  1 
ATOM   270  O OD1 . ASN A 1 35  ? -3.948  6.866   8.936   1.00 13.77 ? 230 ASN A OD1 1 
ATOM   271  N ND2 . ASN A 1 35  ? -3.317  4.977   9.971   1.00 14.33 ? 230 ASN A ND2 1 
ATOM   272  N N   . GLY A 1 36  ? -0.229  10.202  9.866   1.00 19.68 ? 231 GLY A N   1 
ATOM   273  C CA  . GLY A 1 36  ? 0.881   10.914  10.464  1.00 20.79 ? 231 GLY A CA  1 
ATOM   274  C C   . GLY A 1 36  ? 0.365   11.861  11.528  1.00 23.91 ? 231 GLY A C   1 
ATOM   275  O O   . GLY A 1 36  ? -0.836  11.893  11.806  1.00 23.88 ? 231 GLY A O   1 
ATOM   276  N N   . ASN A 1 37  ? 1.266   12.636  12.121  1.00 24.92 ? 232 ASN A N   1 
ATOM   277  C CA  . ASN A 1 37  ? 0.886   13.578  13.159  1.00 27.98 ? 232 ASN A CA  1 
ATOM   278  C C   . ASN A 1 37  ? 0.810   15.016  12.672  1.00 29.08 ? 232 ASN A C   1 
ATOM   279  O O   . ASN A 1 37  ? 0.452   15.902  13.436  1.00 30.85 ? 232 ASN A O   1 
ATOM   280  C CB  . ASN A 1 37  ? 1.872   13.507  14.321  1.00 27.92 ? 232 ASN A CB  1 
ATOM   281  C CG  . ASN A 1 37  ? 1.972   12.120  14.909  1.00 28.02 ? 232 ASN A CG  1 
ATOM   282  O OD1 . ASN A 1 37  ? 0.975   11.546  15.346  1.00 29.17 ? 232 ASN A OD1 1 
ATOM   283  N ND2 . ASN A 1 37  ? 3.184   11.571  14.928  1.00 29.50 ? 232 ASN A ND2 1 
ATOM   284  N N   . THR A 1 38  ? 1.152   15.255  11.411  1.00 30.91 ? 233 THR A N   1 
ATOM   285  C CA  . THR A 1 38  ? 1.110   16.610  10.870  1.00 31.84 ? 233 THR A CA  1 
ATOM   286  C C   . THR A 1 38  ? 0.150   16.726  9.691   1.00 33.00 ? 233 THR A C   1 
ATOM   287  O O   . THR A 1 38  ? -0.284  15.724  9.124   1.00 33.52 ? 233 THR A O   1 
ATOM   288  C CB  . THR A 1 38  ? 2.514   17.080  10.426  1.00 32.58 ? 233 THR A CB  1 
ATOM   289  O OG1 . THR A 1 38  ? 2.972   16.274  9.336   1.00 34.54 ? 233 THR A OG1 1 
ATOM   290  C CG2 . THR A 1 38  ? 3.502   16.959  11.582  1.00 33.10 ? 233 THR A CG2 1 
ATOM   291  N N   . LYS A 1 39  ? -0.182  17.957  9.322   1.00 31.46 ? 234 LYS A N   1 
ATOM   292  C CA  . LYS A 1 39  ? -1.096  18.188  8.215   1.00 30.71 ? 234 LYS A CA  1 
ATOM   293  C C   . LYS A 1 39  ? -0.370  18.639  6.952   1.00 33.54 ? 234 LYS A C   1 
ATOM   294  O O   . LYS A 1 39  ? 0.608   19.383  7.019   1.00 35.93 ? 234 LYS A O   1 
ATOM   295  C CB  . LYS A 1 39  ? -2.132  19.260  8.628   1.00 28.01 ? 234 LYS A CB  1 
ATOM   296  C CG  . LYS A 1 39  ? -2.289  19.395  10.136  1.00 25.37 ? 234 LYS A CG  1 
ATOM   297  C CD  . LYS A 1 39  ? -3.291  20.475  10.539  1.00 25.54 ? 234 LYS A CD  1 
ATOM   298  C CE  . LYS A 1 39  ? -4.345  19.969  11.522  1.00 29.62 ? 234 LYS A CE  1 
ATOM   299  N NZ  . LYS A 1 39  ? -5.310  21.004  11.914  1.00 31.91 ? 234 LYS A NZ  1 
ATOM   300  N N   . ASN A 1 40  ? -0.846  18.158  5.805   1.00 34.27 ? 235 ASN A N   1 
ATOM   301  C CA  . ASN A 1 40  ? -0.272  18.499  4.500   1.00 34.09 ? 235 ASN A CA  1 
ATOM   302  C C   . ASN A 1 40  ? 1.260   18.437  4.476   1.00 31.85 ? 235 ASN A C   1 
ATOM   303  O O   . ASN A 1 40  ? 1.926   19.426  4.167   1.00 30.73 ? 235 ASN A O   1 
ATOM   304  C CB  . ASN A 1 40  ? -0.733  19.900  4.079   1.00 36.44 ? 235 ASN A CB  1 
ATOM   305  C CG  . ASN A 1 40  ? -2.249  20.018  3.998   1.00 38.12 ? 235 ASN A CG  1 
ATOM   306  O OD1 . ASN A 1 40  ? -2.902  19.293  3.244   1.00 39.20 ? 235 ASN A OD1 1 
ATOM   307  N ND2 . ASN A 1 40  ? -2.816  20.939  4.778   1.00 40.28 ? 235 ASN A ND2 1 
ATOM   308  N N   . PRO A 1 41  ? 1.838   17.263  4.780   1.00 29.90 ? 236 PRO A N   1 
ATOM   309  C CA  . PRO A 1 41  ? 3.296   17.116  4.787   1.00 28.70 ? 236 PRO A CA  1 
ATOM   310  C C   . PRO A 1 41  ? 3.929   17.066  3.401   1.00 28.08 ? 236 PRO A C   1 
ATOM   311  O O   . PRO A 1 41  ? 3.312   16.620  2.436   1.00 27.91 ? 236 PRO A O   1 
ATOM   312  C CB  . PRO A 1 41  ? 3.498   15.812  5.550   1.00 27.99 ? 236 PRO A CB  1 
ATOM   313  C CG  . PRO A 1 41  ? 2.342   14.996  5.070   1.00 29.44 ? 236 PRO A CG  1 
ATOM   314  C CD  . PRO A 1 41  ? 1.181   15.984  5.110   1.00 29.48 ? 236 PRO A CD  1 
ATOM   315  N N   . SER A 1 42  ? 5.165   17.542  3.314   1.00 27.93 ? 237 SER A N   1 
ATOM   316  C CA  . SER A 1 42  ? 5.912   17.517  2.064   1.00 27.42 ? 237 SER A CA  1 
ATOM   317  C C   . SER A 1 42  ? 6.738   16.243  2.156   1.00 26.21 ? 237 SER A C   1 
ATOM   318  O O   . SER A 1 42  ? 6.803   15.621  3.219   1.00 25.01 ? 237 SER A O   1 
ATOM   319  C CB  . SER A 1 42  ? 6.856   18.719  1.969   1.00 27.14 ? 237 SER A CB  1 
ATOM   320  O OG  . SER A 1 42  ? 7.859   18.640  2.969   1.00 27.29 ? 237 SER A OG  1 
ATOM   321  N N   . TYR A 1 43  ? 7.371   15.859  1.055   1.00 25.43 ? 238 TYR A N   1 
ATOM   322  C CA  . TYR A 1 43  ? 8.199   14.661  1.047   1.00 26.22 ? 238 TYR A CA  1 
ATOM   323  C C   . TYR A 1 43  ? 9.303   14.828  2.082   1.00 26.64 ? 238 TYR A C   1 
ATOM   324  O O   . TYR A 1 43  ? 9.681   13.883  2.773   1.00 28.40 ? 238 TYR A O   1 
ATOM   325  C CB  . TYR A 1 43  ? 8.817   14.464  -0.339  1.00 27.44 ? 238 TYR A CB  1 
ATOM   326  C CG  . TYR A 1 43  ? 9.642   13.207  -0.471  1.00 28.18 ? 238 TYR A CG  1 
ATOM   327  C CD1 . TYR A 1 43  ? 9.048   11.945  -0.389  1.00 29.24 ? 238 TYR A CD1 1 
ATOM   328  C CD2 . TYR A 1 43  ? 11.017  13.275  -0.686  1.00 28.47 ? 238 TYR A CD2 1 
ATOM   329  C CE1 . TYR A 1 43  ? 9.800   10.782  -0.520  1.00 28.74 ? 238 TYR A CE1 1 
ATOM   330  C CE2 . TYR A 1 43  ? 11.782  12.117  -0.816  1.00 30.97 ? 238 TYR A CE2 1 
ATOM   331  C CZ  . TYR A 1 43  ? 11.166  10.874  -0.731  1.00 30.81 ? 238 TYR A CZ  1 
ATOM   332  O OH  . TYR A 1 43  ? 11.918  9.730   -0.869  1.00 31.37 ? 238 TYR A OH  1 
ATOM   333  N N   . GLU A 1 44  ? 9.805   16.053  2.179   1.00 27.59 ? 239 GLU A N   1 
ATOM   334  C CA  . GLU A 1 44  ? 10.868  16.406  3.111   1.00 27.14 ? 239 GLU A CA  1 
ATOM   335  C C   . GLU A 1 44  ? 10.421  16.284  4.574   1.00 26.08 ? 239 GLU A C   1 
ATOM   336  O O   . GLU A 1 44  ? 11.197  15.851  5.424   1.00 24.59 ? 239 GLU A O   1 
ATOM   337  C CB  . GLU A 1 44  ? 11.346  17.830  2.796   1.00 29.52 ? 239 GLU A CB  1 
ATOM   338  C CG  . GLU A 1 44  ? 12.476  18.354  3.662   1.00 34.40 ? 239 GLU A CG  1 
ATOM   339  C CD  . GLU A 1 44  ? 12.909  19.759  3.255   1.00 38.10 ? 239 GLU A CD  1 
ATOM   340  O OE1 . GLU A 1 44  ? 13.448  19.919  2.136   1.00 39.36 ? 239 GLU A OE1 1 
ATOM   341  O OE2 . GLU A 1 44  ? 12.707  20.706  4.049   1.00 39.54 ? 239 GLU A OE2 1 
ATOM   342  N N   . ASP A 1 45  ? 9.179   16.656  4.875   1.00 25.76 ? 240 ASP A N   1 
ATOM   343  C CA  . ASP A 1 45  ? 8.677   16.538  6.248   1.00 26.09 ? 240 ASP A CA  1 
ATOM   344  C C   . ASP A 1 45  ? 8.668   15.080  6.671   1.00 26.42 ? 240 ASP A C   1 
ATOM   345  O O   . ASP A 1 45  ? 9.230   14.703  7.707   1.00 25.46 ? 240 ASP A O   1 
ATOM   346  C CB  . ASP A 1 45  ? 7.242   17.058  6.378   1.00 28.31 ? 240 ASP A CB  1 
ATOM   347  C CG  . ASP A 1 45  ? 7.147   18.558  6.253   1.00 29.08 ? 240 ASP A CG  1 
ATOM   348  O OD1 . ASP A 1 45  ? 8.194   19.233  6.331   1.00 30.12 ? 240 ASP A OD1 1 
ATOM   349  O OD2 . ASP A 1 45  ? 6.015   19.058  6.087   1.00 30.94 ? 240 ASP A OD2 1 
ATOM   350  N N   . VAL A 1 46  ? 8.000   14.269  5.859   1.00 25.92 ? 241 VAL A N   1 
ATOM   351  C CA  . VAL A 1 46  ? 7.871   12.841  6.115   1.00 26.06 ? 241 VAL A CA  1 
ATOM   352  C C   . VAL A 1 46  ? 9.217   12.134  6.186   1.00 26.37 ? 241 VAL A C   1 
ATOM   353  O O   . VAL A 1 46  ? 9.471   11.351  7.101   1.00 26.77 ? 241 VAL A O   1 
ATOM   354  C CB  . VAL A 1 46  ? 7.032   12.154  5.015   1.00 26.24 ? 241 VAL A CB  1 
ATOM   355  C CG1 . VAL A 1 46  ? 6.954   10.656  5.283   1.00 26.20 ? 241 VAL A CG1 1 
ATOM   356  C CG2 . VAL A 1 46  ? 5.639   12.772  4.952   1.00 22.58 ? 241 VAL A CG2 1 
ATOM   357  N N   . SER A 1 47  ? 10.077  12.413  5.214   1.00 26.11 ? 242 SER A N   1 
ATOM   358  C CA  . SER A 1 47  ? 11.385  11.774  5.153   1.00 26.82 ? 242 SER A CA  1 
ATOM   359  C C   . SER A 1 47  ? 12.407  12.222  6.197   1.00 26.38 ? 242 SER A C   1 
ATOM   360  O O   . SER A 1 47  ? 13.221  11.416  6.643   1.00 26.92 ? 242 SER A O   1 
ATOM   361  C CB  . SER A 1 47  ? 11.986  11.958  3.757   1.00 26.25 ? 242 SER A CB  1 
ATOM   362  O OG  . SER A 1 47  ? 11.215  11.282  2.784   1.00 26.79 ? 242 SER A OG  1 
ATOM   363  N N   . TYR A 1 48  ? 12.371  13.488  6.599   1.00 26.62 ? 243 TYR A N   1 
ATOM   364  C CA  . TYR A 1 48  ? 13.354  13.971  7.567   1.00 26.71 ? 243 TYR A CA  1 
ATOM   365  C C   . TYR A 1 48  ? 12.826  14.539  8.877   1.00 26.04 ? 243 TYR A C   1 
ATOM   366  O O   . TYR A 1 48  ? 13.488  14.419  9.904   1.00 27.37 ? 243 TYR A O   1 
ATOM   367  C CB  . TYR A 1 48  ? 14.261  15.012  6.899   1.00 26.46 ? 243 TYR A CB  1 
ATOM   368  C CG  . TYR A 1 48  ? 14.933  14.497  5.650   1.00 27.92 ? 243 TYR A CG  1 
ATOM   369  C CD1 . TYR A 1 48  ? 15.823  13.427  5.711   1.00 28.37 ? 243 TYR A CD1 1 
ATOM   370  C CD2 . TYR A 1 48  ? 14.652  15.054  4.399   1.00 28.51 ? 243 TYR A CD2 1 
ATOM   371  C CE1 . TYR A 1 48  ? 16.415  12.919  4.563   1.00 29.05 ? 243 TYR A CE1 1 
ATOM   372  C CE2 . TYR A 1 48  ? 15.238  14.551  3.242   1.00 29.16 ? 243 TYR A CE2 1 
ATOM   373  C CZ  . TYR A 1 48  ? 16.119  13.483  3.334   1.00 29.77 ? 243 TYR A CZ  1 
ATOM   374  O OH  . TYR A 1 48  ? 16.711  12.977  2.205   1.00 30.43 ? 243 TYR A OH  1 
ATOM   375  N N   . ARG A 1 49  ? 11.650  15.159  8.856   1.00 25.67 ? 244 ARG A N   1 
ATOM   376  C CA  . ARG A 1 49  ? 11.096  15.747  10.077  1.00 27.30 ? 244 ARG A CA  1 
ATOM   377  C C   . ARG A 1 49  ? 10.380  14.768  11.014  1.00 25.98 ? 244 ARG A C   1 
ATOM   378  O O   . ARG A 1 49  ? 9.944   15.149  12.098  1.00 24.82 ? 244 ARG A O   1 
ATOM   379  C CB  . ARG A 1 49  ? 10.151  16.899  9.720   1.00 28.18 ? 244 ARG A CB  1 
ATOM   380  C CG  . ARG A 1 49  ? 10.824  18.060  8.987   1.00 31.09 ? 244 ARG A CG  1 
ATOM   381  C CD  . ARG A 1 49  ? 11.941  18.672  9.829   1.00 33.49 ? 244 ARG A CD  1 
ATOM   382  N NE  . ARG A 1 49  ? 12.535  19.861  9.217   1.00 36.70 ? 244 ARG A NE  1 
ATOM   383  C CZ  . ARG A 1 49  ? 13.550  20.540  9.745   1.00 36.02 ? 244 ARG A CZ  1 
ATOM   384  N NH1 . ARG A 1 49  ? 14.086  20.147  10.894  1.00 35.08 ? 244 ARG A NH1 1 
ATOM   385  N NH2 . ARG A 1 49  ? 14.030  21.611  9.131   1.00 36.95 ? 244 ARG A NH2 1 
ATOM   386  N N   . HIS A 1 50  ? 10.264  13.511  10.605  1.00 26.58 ? 245 HIS A N   1 
ATOM   387  C CA  . HIS A 1 50  ? 9.610   12.504  11.436  1.00 26.70 ? 245 HIS A CA  1 
ATOM   388  C C   . HIS A 1 50  ? 8.162   12.873  11.761  1.00 24.79 ? 245 HIS A C   1 
ATOM   389  O O   . HIS A 1 50  ? 7.749   12.816  12.920  1.00 25.47 ? 245 HIS A O   1 
ATOM   390  C CB  . HIS A 1 50  ? 10.380  12.323  12.749  1.00 28.83 ? 245 HIS A CB  1 
ATOM   391  C CG  . HIS A 1 50  ? 11.867  12.296  12.577  1.00 33.50 ? 245 HIS A CG  1 
ATOM   392  N ND1 . HIS A 1 50  ? 12.508  11.373  11.778  1.00 34.55 ? 245 HIS A ND1 1 
ATOM   393  C CD2 . HIS A 1 50  ? 12.836  13.093  13.084  1.00 33.89 ? 245 HIS A CD2 1 
ATOM   394  C CE1 . HIS A 1 50  ? 13.808  11.604  11.798  1.00 34.38 ? 245 HIS A CE1 1 
ATOM   395  N NE2 . HIS A 1 50  ? 14.034  12.644  12.584  1.00 34.51 ? 245 HIS A NE2 1 
ATOM   396  N N   . THR A 1 51  ? 7.393   13.256  10.746  1.00 22.49 ? 246 THR A N   1 
ATOM   397  C CA  . THR A 1 51  ? 5.995   13.615  10.955  1.00 21.24 ? 246 THR A CA  1 
ATOM   398  C C   . THR A 1 51  ? 5.170   12.371  11.269  1.00 20.22 ? 246 THR A C   1 
ATOM   399  O O   . THR A 1 51  ? 4.012   12.473  11.674  1.00 19.41 ? 246 THR A O   1 
ATOM   400  C CB  . THR A 1 51  ? 5.395   14.318  9.714   1.00 21.35 ? 246 THR A CB  1 
ATOM   401  O OG1 . THR A 1 51  ? 5.491   13.457  8.568   1.00 21.38 ? 246 THR A OG1 1 
ATOM   402  C CG2 . THR A 1 51  ? 6.136   15.618  9.442   1.00 20.93 ? 246 THR A CG2 1 
ATOM   403  N N   . GLY A 1 52  ? 5.780   11.202  11.080  1.00 19.43 ? 247 GLY A N   1 
ATOM   404  C CA  . GLY A 1 52  ? 5.102   9.947   11.355  1.00 18.31 ? 247 GLY A CA  1 
ATOM   405  C C   . GLY A 1 52  ? 4.272   9.351   10.227  1.00 16.32 ? 247 GLY A C   1 
ATOM   406  O O   . GLY A 1 52  ? 3.787   8.228   10.361  1.00 18.13 ? 247 GLY A O   1 
ATOM   407  N N   . HIS A 1 53  ? 4.089   10.079  9.126   1.00 14.59 ? 248 HIS A N   1 
ATOM   408  C CA  . HIS A 1 53  ? 3.298   9.554   8.007   1.00 15.48 ? 248 HIS A CA  1 
ATOM   409  C C   . HIS A 1 53  ? 3.962   8.357   7.333   1.00 15.88 ? 248 HIS A C   1 
ATOM   410  O O   . HIS A 1 53  ? 5.187   8.232   7.326   1.00 16.98 ? 248 HIS A O   1 
ATOM   411  C CB  . HIS A 1 53  ? 3.071   10.623  6.928   1.00 14.63 ? 248 HIS A CB  1 
ATOM   412  C CG  . HIS A 1 53  ? 2.276   11.798  7.395   1.00 16.24 ? 248 HIS A CG  1 
ATOM   413  N ND1 . HIS A 1 53  ? 2.846   12.868  8.053   1.00 16.74 ? 248 HIS A ND1 1 
ATOM   414  C CD2 . HIS A 1 53  ? 0.947   12.055  7.340   1.00 15.11 ? 248 HIS A CD2 1 
ATOM   415  C CE1 . HIS A 1 53  ? 1.901   13.729  8.387   1.00 17.04 ? 248 HIS A CE1 1 
ATOM   416  N NE2 . HIS A 1 53  ? 0.739   13.259  7.966   1.00 17.57 ? 248 HIS A NE2 1 
ATOM   417  N N   . ALA A 1 54  ? 3.148   7.485   6.751   1.00 16.04 ? 249 ALA A N   1 
ATOM   418  C CA  . ALA A 1 54  ? 3.678   6.334   6.034   1.00 14.63 ? 249 ALA A CA  1 
ATOM   419  C C   . ALA A 1 54  ? 3.387   6.549   4.552   1.00 15.03 ? 249 ALA A C   1 
ATOM   420  O O   . ALA A 1 54  ? 2.306   7.021   4.198   1.00 13.87 ? 249 ALA A O   1 
ATOM   421  C CB  . ALA A 1 54  ? 3.005   5.055   6.509   1.00 13.38 ? 249 ALA A CB  1 
ATOM   422  N N   . GLU A 1 55  ? 4.351   6.229   3.690   1.00 16.18 ? 250 GLU A N   1 
ATOM   423  C CA  . GLU A 1 55  ? 4.126   6.351   2.258   1.00 17.40 ? 250 GLU A CA  1 
ATOM   424  C C   . GLU A 1 55  ? 3.028   5.347   1.982   1.00 17.89 ? 250 GLU A C   1 
ATOM   425  O O   . GLU A 1 55  ? 3.197   4.141   2.197   1.00 17.81 ? 250 GLU A O   1 
ATOM   426  C CB  . GLU A 1 55  ? 5.393   6.012   1.476   1.00 17.93 ? 250 GLU A CB  1 
ATOM   427  C CG  . GLU A 1 55  ? 6.389   7.152   1.517   1.00 19.48 ? 250 GLU A CG  1 
ATOM   428  C CD  . GLU A 1 55  ? 7.566   6.946   0.600   1.00 18.05 ? 250 GLU A CD  1 
ATOM   429  O OE1 . GLU A 1 55  ? 7.417   6.254   -0.427  1.00 20.47 ? 250 GLU A OE1 1 
ATOM   430  O OE2 . GLU A 1 55  ? 8.640   7.500   0.910   1.00 20.76 ? 250 GLU A OE2 1 
ATOM   431  N N   . THR A 1 56  ? 1.899   5.859   1.513   1.00 17.42 ? 251 THR A N   1 
ATOM   432  C CA  . THR A 1 56  ? 0.732   5.036   1.276   1.00 15.99 ? 251 THR A CA  1 
ATOM   433  C C   . THR A 1 56  ? 0.135   5.216   -0.106  1.00 16.91 ? 251 THR A C   1 
ATOM   434  O O   . THR A 1 56  ? 0.229   6.292   -0.707  1.00 18.07 ? 251 THR A O   1 
ATOM   435  C CB  . THR A 1 56  ? -0.348  5.368   2.318   1.00 14.08 ? 251 THR A CB  1 
ATOM   436  O OG1 . THR A 1 56  ? 0.211   5.244   3.630   1.00 13.29 ? 251 THR A OG1 1 
ATOM   437  C CG2 . THR A 1 56  ? -1.550  4.441   2.181   1.00 13.68 ? 251 THR A CG2 1 
ATOM   438  N N   . VAL A 1 57  ? -0.488  4.155   -0.607  1.00 16.85 ? 252 VAL A N   1 
ATOM   439  C CA  . VAL A 1 57  ? -1.121  4.218   -1.907  1.00 17.26 ? 252 VAL A CA  1 
ATOM   440  C C   . VAL A 1 57  ? -2.626  4.078   -1.740  1.00 17.49 ? 252 VAL A C   1 
ATOM   441  O O   . VAL A 1 57  ? -3.107  3.078   -1.206  1.00 17.59 ? 252 VAL A O   1 
ATOM   442  C CB  . VAL A 1 57  ? -0.623  3.095   -2.851  1.00 17.28 ? 252 VAL A CB  1 
ATOM   443  C CG1 . VAL A 1 57  ? -1.426  3.125   -4.165  1.00 18.16 ? 252 VAL A CG1 1 
ATOM   444  C CG2 . VAL A 1 57  ? 0.851   3.279   -3.145  1.00 16.91 ? 252 VAL A CG2 1 
ATOM   445  N N   . LYS A 1 58  ? -3.362  5.092   -2.182  1.00 17.60 ? 253 LYS A N   1 
ATOM   446  C CA  . LYS A 1 58  ? -4.812  5.065   -2.113  1.00 19.40 ? 253 LYS A CA  1 
ATOM   447  C C   . LYS A 1 58  ? -5.305  4.299   -3.338  1.00 19.94 ? 253 LYS A C   1 
ATOM   448  O O   . LYS A 1 58  ? -5.205  4.786   -4.462  1.00 19.63 ? 253 LYS A O   1 
ATOM   449  C CB  . LYS A 1 58  ? -5.376  6.485   -2.134  1.00 19.72 ? 253 LYS A CB  1 
ATOM   450  C CG  . LYS A 1 58  ? -6.889  6.527   -2.096  1.00 21.67 ? 253 LYS A CG  1 
ATOM   451  C CD  . LYS A 1 58  ? -7.427  7.871   -2.550  1.00 21.78 ? 253 LYS A CD  1 
ATOM   452  C CE  . LYS A 1 58  ? -8.948  7.878   -2.478  1.00 25.33 ? 253 LYS A CE  1 
ATOM   453  N NZ  . LYS A 1 58  ? -9.525  9.130   -3.032  1.00 25.28 ? 253 LYS A NZ  1 
ATOM   454  N N   . VAL A 1 59  ? -5.838  3.102   -3.120  1.00 19.07 ? 254 VAL A N   1 
ATOM   455  C CA  . VAL A 1 59  ? -6.308  2.265   -4.220  1.00 19.37 ? 254 VAL A CA  1 
ATOM   456  C C   . VAL A 1 59  ? -7.823  2.221   -4.387  1.00 20.31 ? 254 VAL A C   1 
ATOM   457  O O   . VAL A 1 59  ? -8.550  1.790   -3.489  1.00 20.62 ? 254 VAL A O   1 
ATOM   458  C CB  . VAL A 1 59  ? -5.798  0.816   -4.058  1.00 18.66 ? 254 VAL A CB  1 
ATOM   459  C CG1 . VAL A 1 59  ? -6.274  -0.047  -5.228  1.00 20.16 ? 254 VAL A CG1 1 
ATOM   460  C CG2 . VAL A 1 59  ? -4.282  0.811   -3.973  1.00 16.86 ? 254 VAL A CG2 1 
ATOM   461  N N   . THR A 1 60  ? -8.291  2.673   -5.546  1.00 21.60 ? 255 THR A N   1 
ATOM   462  C CA  . THR A 1 60  ? -9.716  2.665   -5.858  1.00 21.82 ? 255 THR A CA  1 
ATOM   463  C C   . THR A 1 60  ? -9.943  1.509   -6.821  1.00 22.38 ? 255 THR A C   1 
ATOM   464  O O   . THR A 1 60  ? -9.321  1.447   -7.878  1.00 22.39 ? 255 THR A O   1 
ATOM   465  C CB  . THR A 1 60  ? -10.145 3.980   -6.526  1.00 21.78 ? 255 THR A CB  1 
ATOM   466  O OG1 . THR A 1 60  ? -9.846  5.074   -5.650  1.00 21.06 ? 255 THR A OG1 1 
ATOM   467  C CG2 . THR A 1 60  ? -11.640 3.965   -6.838  1.00 22.35 ? 255 THR A CG2 1 
ATOM   468  N N   . TYR A 1 61  ? -10.828 0.588   -6.459  1.00 22.80 ? 256 TYR A N   1 
ATOM   469  C CA  . TYR A 1 61  ? -11.075 -0.565  -7.314  1.00 22.27 ? 256 TYR A CA  1 
ATOM   470  C C   . TYR A 1 61  ? -12.543 -0.813  -7.632  1.00 22.95 ? 256 TYR A C   1 
ATOM   471  O O   . TYR A 1 61  ? -13.437 -0.327  -6.944  1.00 21.03 ? 256 TYR A O   1 
ATOM   472  C CB  . TYR A 1 61  ? -10.451 -1.811  -6.676  1.00 22.31 ? 256 TYR A CB  1 
ATOM   473  C CG  . TYR A 1 61  ? -10.958 -2.112  -5.283  1.00 22.43 ? 256 TYR A CG  1 
ATOM   474  C CD1 . TYR A 1 61  ? -11.923 -3.094  -5.070  1.00 23.37 ? 256 TYR A CD1 1 
ATOM   475  C CD2 . TYR A 1 61  ? -10.490 -1.397  -4.177  1.00 23.79 ? 256 TYR A CD2 1 
ATOM   476  C CE1 . TYR A 1 61  ? -12.416 -3.361  -3.789  1.00 21.96 ? 256 TYR A CE1 1 
ATOM   477  C CE2 . TYR A 1 61  ? -10.977 -1.652  -2.894  1.00 23.70 ? 256 TYR A CE2 1 
ATOM   478  C CZ  . TYR A 1 61  ? -11.938 -2.634  -2.708  1.00 22.64 ? 256 TYR A CZ  1 
ATOM   479  O OH  . TYR A 1 61  ? -12.430 -2.892  -1.449  1.00 24.03 ? 256 TYR A OH  1 
ATOM   480  N N   . ASP A 1 62  ? -12.781 -1.571  -8.697  1.00 24.89 ? 257 ASP A N   1 
ATOM   481  C CA  . ASP A 1 62  ? -14.134 -1.910  -9.125  1.00 27.28 ? 257 ASP A CA  1 
ATOM   482  C C   . ASP A 1 62  ? -14.664 -2.944  -8.149  1.00 27.69 ? 257 ASP A C   1 
ATOM   483  O O   . ASP A 1 62  ? -14.226 -4.097  -8.159  1.00 29.08 ? 257 ASP A O   1 
ATOM   484  C CB  . ASP A 1 62  ? -14.108 -2.507  -10.534 1.00 28.46 ? 257 ASP A CB  1 
ATOM   485  C CG  . ASP A 1 62  ? -15.499 -2.764  -11.088 1.00 30.62 ? 257 ASP A CG  1 
ATOM   486  O OD1 . ASP A 1 62  ? -16.430 -3.031  -10.290 1.00 29.84 ? 257 ASP A OD1 1 
ATOM   487  O OD2 . ASP A 1 62  ? -15.655 -2.714  -12.329 1.00 30.85 ? 257 ASP A OD2 1 
ATOM   488  N N   . ALA A 1 63  ? -15.603 -2.537  -7.306  1.00 28.73 ? 258 ALA A N   1 
ATOM   489  C CA  . ALA A 1 63  ? -16.165 -3.435  -6.307  1.00 29.88 ? 258 ALA A CA  1 
ATOM   490  C C   . ALA A 1 63  ? -16.884 -4.638  -6.921  1.00 31.02 ? 258 ALA A C   1 
ATOM   491  O O   . ALA A 1 63  ? -17.169 -5.618  -6.231  1.00 31.38 ? 258 ALA A O   1 
ATOM   492  C CB  . ALA A 1 63  ? -17.109 -2.663  -5.390  1.00 29.31 ? 258 ALA A CB  1 
ATOM   493  N N   . ASP A 1 64  ? -17.176 -4.569  -8.214  1.00 32.00 ? 259 ASP A N   1 
ATOM   494  C CA  . ASP A 1 64  ? -17.853 -5.674  -8.883  1.00 32.32 ? 259 ASP A CA  1 
ATOM   495  C C   . ASP A 1 64  ? -16.874 -6.662  -9.501  1.00 32.63 ? 259 ASP A C   1 
ATOM   496  O O   . ASP A 1 64  ? -17.235 -7.805  -9.770  1.00 35.49 ? 259 ASP A O   1 
ATOM   497  C CB  . ASP A 1 64  ? -18.793 -5.151  -9.972  1.00 34.39 ? 259 ASP A CB  1 
ATOM   498  C CG  . ASP A 1 64  ? -19.933 -4.329  -9.413  1.00 35.68 ? 259 ASP A CG  1 
ATOM   499  O OD1 . ASP A 1 64  ? -20.606 -4.805  -8.475  1.00 36.72 ? 259 ASP A OD1 1 
ATOM   500  O OD2 . ASP A 1 64  ? -20.161 -3.210  -9.916  1.00 37.10 ? 259 ASP A OD2 1 
ATOM   501  N N   . LYS A 1 65  ? -15.637 -6.228  -9.727  1.00 30.83 ? 260 LYS A N   1 
ATOM   502  C CA  . LYS A 1 65  ? -14.625 -7.093  -10.329 1.00 30.43 ? 260 LYS A CA  1 
ATOM   503  C C   . LYS A 1 65  ? -13.719 -7.713  -9.274  1.00 29.39 ? 260 LYS A C   1 
ATOM   504  O O   . LYS A 1 65  ? -13.357 -8.888  -9.358  1.00 29.47 ? 260 LYS A O   1 
ATOM   505  C CB  . LYS A 1 65  ? -13.764 -6.292  -11.316 1.00 31.40 ? 260 LYS A CB  1 
ATOM   506  C CG  . LYS A 1 65  ? -14.562 -5.563  -12.386 1.00 33.69 ? 260 LYS A CG  1 
ATOM   507  C CD  . LYS A 1 65  ? -13.676 -4.717  -13.303 1.00 34.81 ? 260 LYS A CD  1 
ATOM   508  C CE  . LYS A 1 65  ? -12.826 -5.574  -14.227 1.00 36.13 ? 260 LYS A CE  1 
ATOM   509  N NZ  . LYS A 1 65  ? -12.036 -4.739  -15.181 1.00 36.76 ? 260 LYS A NZ  1 
ATOM   510  N N   . LEU A 1 66  ? -13.359 -6.914  -8.276  1.00 27.19 ? 261 LEU A N   1 
ATOM   511  C CA  . LEU A 1 66  ? -12.471 -7.372  -7.216  1.00 25.25 ? 261 LEU A CA  1 
ATOM   512  C C   . LEU A 1 66  ? -13.049 -7.138  -5.827  1.00 24.72 ? 261 LEU A C   1 
ATOM   513  O O   . LEU A 1 66  ? -13.813 -6.196  -5.603  1.00 23.92 ? 261 LEU A O   1 
ATOM   514  C CB  . LEU A 1 66  ? -11.129 -6.643  -7.321  1.00 24.27 ? 261 LEU A CB  1 
ATOM   515  C CG  . LEU A 1 66  ? -10.314 -6.841  -8.602  1.00 25.87 ? 261 LEU A CG  1 
ATOM   516  C CD1 . LEU A 1 66  ? -9.193  -5.804  -8.671  1.00 27.15 ? 261 LEU A CD1 1 
ATOM   517  C CD2 . LEU A 1 66  ? -9.746  -8.252  -8.624  1.00 25.62 ? 261 LEU A CD2 1 
ATOM   518  N N   . SER A 1 67  ? -12.681 -8.006  -4.894  1.00 23.92 ? 262 SER A N   1 
ATOM   519  C CA  . SER A 1 67  ? -13.139 -7.861  -3.525  1.00 21.94 ? 262 SER A CA  1 
ATOM   520  C C   . SER A 1 67  ? -11.982 -7.242  -2.763  1.00 20.99 ? 262 SER A C   1 
ATOM   521  O O   . SER A 1 67  ? -10.865 -7.169  -3.282  1.00 20.91 ? 262 SER A O   1 
ATOM   522  C CB  . SER A 1 67  ? -13.484 -9.223  -2.924  1.00 21.53 ? 262 SER A CB  1 
ATOM   523  O OG  . SER A 1 67  ? -12.352 -10.079 -2.895  1.00 21.97 ? 262 SER A OG  1 
ATOM   524  N N   . LEU A 1 68  ? -12.248 -6.778  -1.546  1.00 20.12 ? 263 LEU A N   1 
ATOM   525  C CA  . LEU A 1 68  ? -11.190 -6.207  -0.726  1.00 19.04 ? 263 LEU A CA  1 
ATOM   526  C C   . LEU A 1 68  ? -10.156 -7.307  -0.505  1.00 18.79 ? 263 LEU A C   1 
ATOM   527  O O   . LEU A 1 68  ? -8.958  -7.045  -0.457  1.00 17.67 ? 263 LEU A O   1 
ATOM   528  C CB  . LEU A 1 68  ? -11.748 -5.730  0.621   1.00 18.72 ? 263 LEU A CB  1 
ATOM   529  C CG  . LEU A 1 68  ? -10.730 -5.374  1.720   1.00 19.54 ? 263 LEU A CG  1 
ATOM   530  C CD1 . LEU A 1 68  ? -9.637  -4.474  1.155   1.00 19.13 ? 263 LEU A CD1 1 
ATOM   531  C CD2 . LEU A 1 68  ? -11.445 -4.683  2.883   1.00 19.48 ? 263 LEU A CD2 1 
ATOM   532  N N   . ASP A 1 69  ? -10.636 -8.543  -0.380  1.00 19.37 ? 264 ASP A N   1 
ATOM   533  C CA  . ASP A 1 69  ? -9.766  -9.699  -0.161  1.00 19.43 ? 264 ASP A CA  1 
ATOM   534  C C   . ASP A 1 69  ? -8.783  -9.912  -1.301  1.00 19.43 ? 264 ASP A C   1 
ATOM   535  O O   . ASP A 1 69  ? -7.617  -10.222 -1.061  1.00 20.11 ? 264 ASP A O   1 
ATOM   536  C CB  . ASP A 1 69  ? -10.606 -10.961 0.044   1.00 19.95 ? 264 ASP A CB  1 
ATOM   537  C CG  . ASP A 1 69  ? -11.015 -11.151 1.486   1.00 21.27 ? 264 ASP A CG  1 
ATOM   538  O OD1 . ASP A 1 69  ? -10.114 -11.377 2.318   1.00 23.33 ? 264 ASP A OD1 1 
ATOM   539  O OD2 . ASP A 1 69  ? -12.219 -11.069 1.797   1.00 21.20 ? 264 ASP A OD2 1 
ATOM   540  N N   . ASP A 1 70  ? -9.248  -9.745  -2.538  1.00 19.95 ? 265 ASP A N   1 
ATOM   541  C CA  . ASP A 1 70  ? -8.372  -9.907  -3.694  1.00 19.63 ? 265 ASP A CA  1 
ATOM   542  C C   . ASP A 1 70  ? -7.262  -8.852  -3.629  1.00 19.07 ? 265 ASP A C   1 
ATOM   543  O O   . ASP A 1 70  ? -6.086  -9.155  -3.827  1.00 17.86 ? 265 ASP A O   1 
ATOM   544  C CB  . ASP A 1 70  ? -9.152  -9.735  -5.007  1.00 21.66 ? 265 ASP A CB  1 
ATOM   545  C CG  . ASP A 1 70  ? -10.203 -10.820 -5.226  1.00 23.01 ? 265 ASP A CG  1 
ATOM   546  O OD1 . ASP A 1 70  ? -9.970  -11.988 -4.848  1.00 25.58 ? 265 ASP A OD1 1 
ATOM   547  O OD2 . ASP A 1 70  ? -11.263 -10.496 -5.795  1.00 25.60 ? 265 ASP A OD2 1 
ATOM   548  N N   . ILE A 1 71  ? -7.649  -7.606  -3.367  1.00 19.52 ? 266 ILE A N   1 
ATOM   549  C CA  . ILE A 1 71  ? -6.687  -6.517  -3.267  1.00 20.55 ? 266 ILE A CA  1 
ATOM   550  C C   . ILE A 1 71  ? -5.629  -6.870  -2.217  1.00 18.70 ? 266 ILE A C   1 
ATOM   551  O O   . ILE A 1 71  ? -4.435  -6.713  -2.452  1.00 18.02 ? 266 ILE A O   1 
ATOM   552  C CB  . ILE A 1 71  ? -7.384  -5.186  -2.884  1.00 20.69 ? 266 ILE A CB  1 
ATOM   553  C CG1 . ILE A 1 71  ? -8.374  -4.776  -3.983  1.00 21.84 ? 266 ILE A CG1 1 
ATOM   554  C CG2 . ILE A 1 71  ? -6.342  -4.086  -2.687  1.00 22.39 ? 266 ILE A CG2 1 
ATOM   555  C CD1 . ILE A 1 71  ? -7.726  -4.511  -5.351  1.00 23.12 ? 266 ILE A CD1 1 
ATOM   556  N N   . LEU A 1 72  ? -6.070  -7.372  -1.068  1.00 17.78 ? 267 LEU A N   1 
ATOM   557  C CA  . LEU A 1 72  ? -5.135  -7.748  -0.014  1.00 18.79 ? 267 LEU A CA  1 
ATOM   558  C C   . LEU A 1 72  ? -4.192  -8.867  -0.465  1.00 18.76 ? 267 LEU A C   1 
ATOM   559  O O   . LEU A 1 72  ? -3.008  -8.845  -0.137  1.00 18.45 ? 267 LEU A O   1 
ATOM   560  C CB  . LEU A 1 72  ? -5.896  -8.167  1.245   1.00 17.76 ? 267 LEU A CB  1 
ATOM   561  C CG  . LEU A 1 72  ? -6.737  -7.065  1.902   1.00 18.69 ? 267 LEU A CG  1 
ATOM   562  C CD1 . LEU A 1 72  ? -7.376  -7.607  3.174   1.00 16.58 ? 267 LEU A CD1 1 
ATOM   563  C CD2 . LEU A 1 72  ? -5.855  -5.846  2.221   1.00 17.48 ? 267 LEU A CD2 1 
ATOM   564  N N   . GLN A 1 73  ? -4.704  -9.839  -1.218  1.00 19.06 ? 268 GLN A N   1 
ATOM   565  C CA  . GLN A 1 73  ? -3.851  -10.924 -1.698  1.00 19.82 ? 268 GLN A CA  1 
ATOM   566  C C   . GLN A 1 73  ? -2.777  -10.375 -2.632  1.00 20.37 ? 268 GLN A C   1 
ATOM   567  O O   . GLN A 1 73  ? -1.620  -10.800 -2.577  1.00 19.94 ? 268 GLN A O   1 
ATOM   568  C CB  . GLN A 1 73  ? -4.670  -11.998 -2.425  1.00 21.55 ? 268 GLN A CB  1 
ATOM   569  C CG  . GLN A 1 73  ? -5.464  -12.897 -1.496  1.00 24.15 ? 268 GLN A CG  1 
ATOM   570  C CD  . GLN A 1 73  ? -4.604  -13.497 -0.388  1.00 25.82 ? 268 GLN A CD  1 
ATOM   571  O OE1 . GLN A 1 73  ? -3.582  -14.145 -0.650  1.00 26.25 ? 268 GLN A OE1 1 
ATOM   572  N NE2 . GLN A 1 73  ? -5.017  -13.282 0.859   1.00 24.54 ? 268 GLN A NE2 1 
ATOM   573  N N   . TYR A 1 74  ? -3.159  -9.430  -3.487  1.00 20.15 ? 269 TYR A N   1 
ATOM   574  C CA  . TYR A 1 74  ? -2.201  -8.819  -4.410  1.00 19.02 ? 269 TYR A CA  1 
ATOM   575  C C   . TYR A 1 74  ? -1.114  -8.132  -3.596  1.00 18.46 ? 269 TYR A C   1 
ATOM   576  O O   . TYR A 1 74  ? 0.077   -8.263  -3.865  1.00 18.65 ? 269 TYR A O   1 
ATOM   577  C CB  . TYR A 1 74  ? -2.899  -7.789  -5.302  1.00 20.22 ? 269 TYR A CB  1 
ATOM   578  C CG  . TYR A 1 74  ? -3.579  -8.377  -6.518  1.00 18.84 ? 269 TYR A CG  1 
ATOM   579  C CD1 . TYR A 1 74  ? -2.854  -9.119  -7.452  1.00 20.30 ? 269 TYR A CD1 1 
ATOM   580  C CD2 . TYR A 1 74  ? -4.935  -8.163  -6.757  1.00 20.93 ? 269 TYR A CD2 1 
ATOM   581  C CE1 . TYR A 1 74  ? -3.466  -9.632  -8.603  1.00 20.17 ? 269 TYR A CE1 1 
ATOM   582  C CE2 . TYR A 1 74  ? -5.557  -8.671  -7.902  1.00 21.71 ? 269 TYR A CE2 1 
ATOM   583  C CZ  . TYR A 1 74  ? -4.813  -9.402  -8.820  1.00 22.14 ? 269 TYR A CZ  1 
ATOM   584  O OH  . TYR A 1 74  ? -5.414  -9.876  -9.968  1.00 24.17 ? 269 TYR A OH  1 
ATOM   585  N N   . PHE A 1 75  ? -1.557  -7.397  -2.591  1.00 32.40 ? 270 PHE A N   1 
ATOM   586  C CA  . PHE A 1 75  ? -0.684  -6.669  -1.694  1.00 32.89 ? 270 PHE A CA  1 
ATOM   587  C C   . PHE A 1 75  ? 0.322   -7.601  -1.006  1.00 35.14 ? 270 PHE A C   1 
ATOM   588  O O   . PHE A 1 75  ? 1.515   -7.294  -0.930  1.00 35.74 ? 270 PHE A O   1 
ATOM   589  C CB  . PHE A 1 75  ? -1.557  -5.950  -0.666  1.00 34.84 ? 270 PHE A CB  1 
ATOM   590  C CG  . PHE A 1 75  ? -0.819  -5.309  0.468   1.00 38.35 ? 270 PHE A CG  1 
ATOM   591  C CD1 . PHE A 1 75  ? -0.104  -4.123  0.290   1.00 39.23 ? 270 PHE A CD1 1 
ATOM   592  C CD2 . PHE A 1 75  ? -0.837  -5.886  1.730   1.00 38.96 ? 270 PHE A CD2 1 
ATOM   593  C CE1 . PHE A 1 75  ? 0.571   -3.531  1.355   1.00 40.36 ? 270 PHE A CE1 1 
ATOM   594  C CE2 . PHE A 1 75  ? -0.167  -5.306  2.790   1.00 40.50 ? 270 PHE A CE2 1 
ATOM   595  C CZ  . PHE A 1 75  ? 0.532   -4.135  2.596   1.00 40.94 ? 270 PHE A CZ  1 
ATOM   596  N N   . PHE A 1 76  ? -0.152  -8.744  -0.516  1.00 20.29 ? 271 PHE A N   1 
ATOM   597  C CA  . PHE A 1 76  ? 0.733   -9.690  0.151   1.00 21.44 ? 271 PHE A CA  1 
ATOM   598  C C   . PHE A 1 76  ? 1.786   -10.286 -0.791  1.00 22.91 ? 271 PHE A C   1 
ATOM   599  O O   . PHE A 1 76  ? 2.814   -10.785 -0.333  1.00 23.55 ? 271 PHE A O   1 
ATOM   600  C CB  . PHE A 1 76  ? -0.078  -10.819 0.812   1.00 21.34 ? 271 PHE A CB  1 
ATOM   601  C CG  . PHE A 1 76  ? -0.959  -10.357 1.951   1.00 20.20 ? 271 PHE A CG  1 
ATOM   602  C CD1 . PHE A 1 76  ? -0.460  -9.517  2.943   1.00 18.35 ? 271 PHE A CD1 1 
ATOM   603  C CD2 . PHE A 1 76  ? -2.284  -10.779 2.039   1.00 20.76 ? 271 PHE A CD2 1 
ATOM   604  C CE1 . PHE A 1 76  ? -1.272  -9.101  4.010   1.00 20.91 ? 271 PHE A CE1 1 
ATOM   605  C CE2 . PHE A 1 76  ? -3.103  -10.370 3.101   1.00 21.92 ? 271 PHE A CE2 1 
ATOM   606  C CZ  . PHE A 1 76  ? -2.596  -9.529  4.087   1.00 21.07 ? 271 PHE A CZ  1 
ATOM   607  N N   . ARG A 1 77  ? 1.534   -10.233 -2.099  1.00 22.56 ? 272 ARG A N   1 
ATOM   608  C CA  . ARG A 1 77  ? 2.479   -10.762 -3.088  1.00 23.34 ? 272 ARG A CA  1 
ATOM   609  C C   . ARG A 1 77  ? 3.751   -9.922  -3.210  1.00 23.50 ? 272 ARG A C   1 
ATOM   610  O O   . ARG A 1 77  ? 4.830   -10.447 -3.491  1.00 24.50 ? 272 ARG A O   1 
ATOM   611  C CB  . ARG A 1 77  ? 1.846   -10.818 -4.484  1.00 24.48 ? 272 ARG A CB  1 
ATOM   612  C CG  . ARG A 1 77  ? 0.774   -11.865 -4.694  1.00 25.53 ? 272 ARG A CG  1 
ATOM   613  C CD  . ARG A 1 77  ? 0.302   -11.824 -6.145  1.00 26.93 ? 272 ARG A CD  1 
ATOM   614  N NE  . ARG A 1 77  ? -0.725  -12.823 -6.424  1.00 27.98 ? 272 ARG A NE  1 
ATOM   615  C CZ  . ARG A 1 77  ? -1.345  -12.955 -7.592  1.00 28.84 ? 272 ARG A CZ  1 
ATOM   616  N NH1 . ARG A 1 77  ? -2.267  -13.894 -7.746  1.00 29.65 ? 272 ARG A NH1 1 
ATOM   617  N NH2 . ARG A 1 77  ? -1.047  -12.148 -8.604  1.00 28.03 ? 272 ARG A NH2 1 
ATOM   618  N N   . VAL A 1 78  ? 3.627   -8.614  -3.023  1.00 22.51 ? 273 VAL A N   1 
ATOM   619  C CA  . VAL A 1 78  ? 4.787   -7.752  -3.169  1.00 22.51 ? 273 VAL A CA  1 
ATOM   620  C C   . VAL A 1 78  ? 5.331   -7.125  -1.894  1.00 22.26 ? 273 VAL A C   1 
ATOM   621  O O   . VAL A 1 78  ? 6.407   -6.533  -1.912  1.00 24.62 ? 273 VAL A O   1 
ATOM   622  C CB  . VAL A 1 78  ? 4.507   -6.632  -4.194  1.00 21.99 ? 273 VAL A CB  1 
ATOM   623  C CG1 . VAL A 1 78  ? 4.267   -7.245  -5.564  1.00 21.10 ? 273 VAL A CG1 1 
ATOM   624  C CG2 . VAL A 1 78  ? 3.308   -5.795  -3.753  1.00 18.71 ? 273 VAL A CG2 1 
ATOM   625  N N   . VAL A 1 79  ? 4.605   -7.245  -0.792  1.00 21.53 ? 274 VAL A N   1 
ATOM   626  C CA  . VAL A 1 79  ? 5.081   -6.672  0.457   1.00 20.83 ? 274 VAL A CA  1 
ATOM   627  C C   . VAL A 1 79  ? 5.564   -7.757  1.417   1.00 20.99 ? 274 VAL A C   1 
ATOM   628  O O   . VAL A 1 79  ? 4.924   -8.805  1.559   1.00 21.43 ? 274 VAL A O   1 
ATOM   629  C CB  . VAL A 1 79  ? 3.966   -5.846  1.162   1.00 21.85 ? 274 VAL A CB  1 
ATOM   630  C CG1 . VAL A 1 79  ? 4.467   -5.320  2.497   1.00 20.87 ? 274 VAL A CG1 1 
ATOM   631  C CG2 . VAL A 1 79  ? 3.534   -4.674  0.275   1.00 21.96 ? 274 VAL A CG2 1 
ATOM   632  N N   . ASP A 1 80  ? 6.706   -7.517  2.054   1.00 18.59 ? 275 ASP A N   1 
ATOM   633  C CA  . ASP A 1 80  ? 7.222   -8.464  3.040   1.00 19.82 ? 275 ASP A CA  1 
ATOM   634  C C   . ASP A 1 80  ? 6.507   -8.064  4.333   1.00 19.09 ? 275 ASP A C   1 
ATOM   635  O O   . ASP A 1 80  ? 6.851   -7.058  4.949   1.00 21.03 ? 275 ASP A O   1 
ATOM   636  C CB  . ASP A 1 80  ? 8.740   -8.312  3.203   1.00 18.29 ? 275 ASP A CB  1 
ATOM   637  C CG  . ASP A 1 80  ? 9.299   -9.185  4.325   1.00 19.02 ? 275 ASP A CG  1 
ATOM   638  O OD1 . ASP A 1 80  ? 8.505   -9.870  5.013   1.00 18.38 ? 275 ASP A OD1 1 
ATOM   639  O OD2 . ASP A 1 80  ? 10.533  -9.183  4.526   1.00 17.53 ? 275 ASP A OD2 1 
ATOM   640  N N   . PRO A 1 81  ? 5.503   -8.849  4.755   1.00 19.33 ? 276 PRO A N   1 
ATOM   641  C CA  . PRO A 1 81  ? 4.735   -8.565  5.969   1.00 18.36 ? 276 PRO A CA  1 
ATOM   642  C C   . PRO A 1 81  ? 5.415   -8.925  7.292   1.00 18.14 ? 276 PRO A C   1 
ATOM   643  O O   . PRO A 1 81  ? 4.780   -8.937  8.335   1.00 17.47 ? 276 PRO A O   1 
ATOM   644  C CB  . PRO A 1 81  ? 3.466   -9.371  5.745   1.00 16.62 ? 276 PRO A CB  1 
ATOM   645  C CG  . PRO A 1 81  ? 4.020   -10.624 5.135   1.00 17.80 ? 276 PRO A CG  1 
ATOM   646  C CD  . PRO A 1 81  ? 5.046   -10.104 4.131   1.00 17.44 ? 276 PRO A CD  1 
ATOM   647  N N   . THR A 1 82  ? 6.710   -9.217  7.246   1.00 18.39 ? 277 THR A N   1 
ATOM   648  C CA  . THR A 1 82  ? 7.423   -9.587  8.458   1.00 18.56 ? 277 THR A CA  1 
ATOM   649  C C   . THR A 1 82  ? 8.566   -8.640  8.813   1.00 19.81 ? 277 THR A C   1 
ATOM   650  O O   . THR A 1 82  ? 9.152   -8.756  9.895   1.00 21.62 ? 277 THR A O   1 
ATOM   651  C CB  . THR A 1 82  ? 8.003   -11.016 8.357   1.00 19.37 ? 277 THR A CB  1 
ATOM   652  O OG1 . THR A 1 82  ? 9.113   -11.022 7.448   1.00 16.03 ? 277 THR A OG1 1 
ATOM   653  C CG2 . THR A 1 82  ? 6.932   -11.994 7.868   1.00 17.25 ? 277 THR A CG2 1 
ATOM   654  N N   . SER A 1 83  ? 8.882   -7.707  7.918   1.00 20.10 ? 278 SER A N   1 
ATOM   655  C CA  . SER A 1 83  ? 9.958   -6.751  8.168   1.00 21.43 ? 278 SER A CA  1 
ATOM   656  C C   . SER A 1 83  ? 9.405   -5.490  8.835   1.00 21.89 ? 278 SER A C   1 
ATOM   657  O O   . SER A 1 83  ? 8.412   -4.918  8.380   1.00 21.65 ? 278 SER A O   1 
ATOM   658  C CB  . SER A 1 83  ? 10.654  -6.375  6.859   1.00 20.73 ? 278 SER A CB  1 
ATOM   659  O OG  . SER A 1 83  ? 9.735   -5.796  5.953   1.00 25.39 ? 278 SER A OG  1 
ATOM   660  N N   . LEU A 1 84  ? 10.055  -5.065  9.912   1.00 21.10 ? 279 LEU A N   1 
ATOM   661  C CA  . LEU A 1 84  ? 9.620   -3.885  10.639  1.00 21.91 ? 279 LEU A CA  1 
ATOM   662  C C   . LEU A 1 84  ? 10.272  -2.621  10.074  1.00 21.69 ? 279 LEU A C   1 
ATOM   663  O O   . LEU A 1 84  ? 11.495  -2.496  10.047  1.00 21.97 ? 279 LEU A O   1 
ATOM   664  C CB  . LEU A 1 84  ? 9.965   -4.020  12.127  1.00 22.82 ? 279 LEU A CB  1 
ATOM   665  C CG  . LEU A 1 84  ? 9.392   -2.923  13.039  1.00 24.91 ? 279 LEU A CG  1 
ATOM   666  C CD1 . LEU A 1 84  ? 7.867   -2.924  12.969  1.00 26.13 ? 279 LEU A CD1 1 
ATOM   667  C CD2 . LEU A 1 84  ? 9.847   -3.164  14.465  1.00 28.16 ? 279 LEU A CD2 1 
ATOM   668  N N   . ASN A 1 85  ? 9.441   -1.691  9.621   1.00 21.67 ? 280 ASN A N   1 
ATOM   669  C CA  . ASN A 1 85  ? 9.927   -0.436  9.065   1.00 22.38 ? 280 ASN A CA  1 
ATOM   670  C C   . ASN A 1 85  ? 11.045  -0.642  8.045   1.00 22.52 ? 280 ASN A C   1 
ATOM   671  O O   . ASN A 1 85  ? 12.064  0.047   8.101   1.00 22.20 ? 280 ASN A O   1 
ATOM   672  C CB  . ASN A 1 85  ? 10.433  0.478   10.189  1.00 23.13 ? 280 ASN A CB  1 
ATOM   673  C CG  . ASN A 1 85  ? 9.354   0.803   11.206  1.00 22.46 ? 280 ASN A CG  1 
ATOM   674  O OD1 . ASN A 1 85  ? 8.193   0.974   10.850  1.00 24.34 ? 280 ASN A OD1 1 
ATOM   675  N ND2 . ASN A 1 85  ? 9.729   0.902   12.473  1.00 22.60 ? 280 ASN A ND2 1 
ATOM   676  N N   . LYS A 1 86  ? 10.864  -1.581  7.118   1.00 22.32 ? 281 LYS A N   1 
ATOM   677  C CA  . LYS A 1 86  ? 11.886  -1.832  6.107   1.00 21.93 ? 281 LYS A CA  1 
ATOM   678  C C   . LYS A 1 86  ? 11.447  -2.748  4.971   1.00 21.71 ? 281 LYS A C   1 
ATOM   679  O O   . LYS A 1 86  ? 10.982  -3.855  5.196   1.00 22.76 ? 281 LYS A O   1 
ATOM   680  C CB  . LYS A 1 86  ? 13.139  -2.427  6.750   1.00 22.45 ? 281 LYS A CB  1 
ATOM   681  C CG  . LYS A 1 86  ? 14.296  -2.706  5.773   1.00 24.96 ? 281 LYS A CG  1 
ATOM   682  C CD  . LYS A 1 86  ? 15.500  -3.298  6.519   1.00 26.93 ? 281 LYS A CD  1 
ATOM   683  C CE  . LYS A 1 86  ? 16.605  -3.770  5.577   1.00 26.59 ? 281 LYS A CE  1 
ATOM   684  N NZ  . LYS A 1 86  ? 17.299  -2.658  4.888   1.00 25.12 ? 281 LYS A NZ  1 
ATOM   685  N N   . GLN A 1 87  ? 11.622  -2.269  3.749   1.00 22.23 ? 282 GLN A N   1 
ATOM   686  C CA  . GLN A 1 87  ? 11.310  -3.023  2.542   1.00 23.06 ? 282 GLN A CA  1 
ATOM   687  C C   . GLN A 1 87  ? 12.509  -2.701  1.661   1.00 23.80 ? 282 GLN A C   1 
ATOM   688  O O   . GLN A 1 87  ? 12.659  -1.566  1.203   1.00 23.47 ? 282 GLN A O   1 
ATOM   689  C CB  . GLN A 1 87  ? 10.014  -2.521  1.884   1.00 21.54 ? 282 GLN A CB  1 
ATOM   690  C CG  . GLN A 1 87  ? 8.765   -2.614  2.769   1.00 21.83 ? 282 GLN A CG  1 
ATOM   691  C CD  . GLN A 1 87  ? 8.340   -4.044  3.058   1.00 21.51 ? 282 GLN A CD  1 
ATOM   692  O OE1 . GLN A 1 87  ? 8.285   -4.882  2.159   1.00 21.05 ? 282 GLN A OE1 1 
ATOM   693  N NE2 . GLN A 1 87  ? 8.014   -4.326  4.317   1.00 19.30 ? 282 GLN A NE2 1 
ATOM   694  N N   . GLY A 1 88  ? 13.368  -3.687  1.430   1.00 24.95 ? 283 GLY A N   1 
ATOM   695  C CA  . GLY A 1 88  ? 14.552  -3.427  0.624   1.00 27.43 ? 283 GLY A CA  1 
ATOM   696  C C   . GLY A 1 88  ? 15.474  -2.469  1.368   1.00 28.32 ? 283 GLY A C   1 
ATOM   697  O O   . GLY A 1 88  ? 15.767  -2.676  2.545   1.00 29.70 ? 283 GLY A O   1 
ATOM   698  N N   . ASN A 1 89  ? 15.937  -1.421  0.691   1.00 30.63 ? 284 ASN A N   1 
ATOM   699  C CA  . ASN A 1 89  ? 16.829  -0.444  1.323   1.00 31.74 ? 284 ASN A CA  1 
ATOM   700  C C   . ASN A 1 89  ? 16.061  0.674   2.009   1.00 32.00 ? 284 ASN A C   1 
ATOM   701  O O   . ASN A 1 89  ? 16.628  1.424   2.807   1.00 33.40 ? 284 ASN A O   1 
ATOM   702  C CB  . ASN A 1 89  ? 17.788  0.172   0.300   1.00 33.43 ? 284 ASN A CB  1 
ATOM   703  C CG  . ASN A 1 89  ? 18.985  -0.709  0.022   1.00 34.23 ? 284 ASN A CG  1 
ATOM   704  O OD1 . ASN A 1 89  ? 19.519  -1.348  0.928   1.00 33.96 ? 284 ASN A OD1 1 
ATOM   705  N ND2 . ASN A 1 89  ? 19.426  -0.734  -1.231  1.00 34.12 ? 284 ASN A ND2 1 
ATOM   706  N N   . ASP A 1 90  ? 14.778  0.793   1.684   1.00 29.88 ? 285 ASP A N   1 
ATOM   707  C CA  . ASP A 1 90  ? 13.943  1.820   2.283   1.00 28.27 ? 285 ASP A CA  1 
ATOM   708  C C   . ASP A 1 90  ? 13.713  1.469   3.752   1.00 26.87 ? 285 ASP A C   1 
ATOM   709  O O   . ASP A 1 90  ? 12.926  0.580   4.082   1.00 25.92 ? 285 ASP A O   1 
ATOM   710  C CB  . ASP A 1 90  ? 12.615  1.918   1.525   1.00 29.39 ? 285 ASP A CB  1 
ATOM   711  C CG  . ASP A 1 90  ? 12.813  2.158   0.028   1.00 31.63 ? 285 ASP A CG  1 
ATOM   712  O OD1 . ASP A 1 90  ? 13.642  3.026   -0.340  1.00 32.66 ? 285 ASP A OD1 1 
ATOM   713  O OD2 . ASP A 1 90  ? 12.133  1.495   -0.776  1.00 31.84 ? 285 ASP A OD2 1 
ATOM   714  N N   . THR A 1 91  ? 14.412  2.182   4.627   1.00 25.84 ? 286 THR A N   1 
ATOM   715  C CA  . THR A 1 91  ? 14.327  1.966   6.063   1.00 24.17 ? 286 THR A CA  1 
ATOM   716  C C   . THR A 1 91  ? 13.790  3.196   6.785   1.00 22.74 ? 286 THR A C   1 
ATOM   717  O O   . THR A 1 91  ? 14.185  4.328   6.506   1.00 22.18 ? 286 THR A O   1 
ATOM   718  C CB  . THR A 1 91  ? 15.726  1.633   6.640   1.00 26.21 ? 286 THR A CB  1 
ATOM   719  O OG1 . THR A 1 91  ? 16.333  0.602   5.848   1.00 27.84 ? 286 THR A OG1 1 
ATOM   720  C CG2 . THR A 1 91  ? 15.612  1.156   8.082   1.00 26.10 ? 286 THR A CG2 1 
ATOM   721  N N   . GLY A 1 92  ? 12.895  2.957   7.736   1.00 21.75 ? 287 GLY A N   1 
ATOM   722  C CA  . GLY A 1 92  ? 12.300  4.043   8.486   1.00 19.49 ? 287 GLY A CA  1 
ATOM   723  C C   . GLY A 1 92  ? 10.805  3.829   8.604   1.00 19.28 ? 287 GLY A C   1 
ATOM   724  O O   . GLY A 1 92  ? 10.204  3.136   7.777   1.00 18.84 ? 287 GLY A O   1 
ATOM   725  N N   . THR A 1 93  ? 10.197  4.436   9.618   1.00 18.50 ? 288 THR A N   1 
ATOM   726  C CA  . THR A 1 93  ? 8.765   4.292   9.840   1.00 19.19 ? 288 THR A CA  1 
ATOM   727  C C   . THR A 1 93  ? 7.890   4.728   8.658   1.00 18.57 ? 288 THR A C   1 
ATOM   728  O O   . THR A 1 93  ? 6.728   4.325   8.560   1.00 18.76 ? 288 THR A O   1 
ATOM   729  C CB  . THR A 1 93  ? 8.325   5.055   11.117  1.00 19.64 ? 288 THR A CB  1 
ATOM   730  O OG1 . THR A 1 93  ? 8.584   6.453   10.963  1.00 22.08 ? 288 THR A OG1 1 
ATOM   731  C CG2 . THR A 1 93  ? 9.087   4.534   12.334  1.00 20.71 ? 288 THR A CG2 1 
ATOM   732  N N   . GLN A 1 94  ? 8.435   5.531   7.752   1.00 17.58 ? 289 GLN A N   1 
ATOM   733  C CA  . GLN A 1 94  ? 7.652   5.980   6.606   1.00 18.11 ? 289 GLN A CA  1 
ATOM   734  C C   . GLN A 1 94  ? 7.458   4.857   5.595   1.00 17.65 ? 289 GLN A C   1 
ATOM   735  O O   . GLN A 1 94  ? 6.689   4.993   4.646   1.00 16.71 ? 289 GLN A O   1 
ATOM   736  C CB  . GLN A 1 94  ? 8.324   7.183   5.930   1.00 20.32 ? 289 GLN A CB  1 
ATOM   737  C CG  . GLN A 1 94  ? 9.420   6.846   4.918   1.00 20.60 ? 289 GLN A CG  1 
ATOM   738  C CD  . GLN A 1 94  ? 10.304  8.048   4.626   1.00 23.54 ? 289 GLN A CD  1 
ATOM   739  O OE1 . GLN A 1 94  ? 11.133  8.434   5.455   1.00 23.10 ? 289 GLN A OE1 1 
ATOM   740  N NE2 . GLN A 1 94  ? 10.121  8.658   3.454   1.00 22.43 ? 289 GLN A NE2 1 
ATOM   741  N N   . TYR A 1 95  ? 8.148   3.740   5.801   1.00 16.64 ? 290 TYR A N   1 
ATOM   742  C CA  . TYR A 1 95  ? 8.025   2.607   4.889   1.00 15.12 ? 290 TYR A CA  1 
ATOM   743  C C   . TYR A 1 95  ? 7.382   1.419   5.591   1.00 14.66 ? 290 TYR A C   1 
ATOM   744  O O   . TYR A 1 95  ? 7.423   0.293   5.099   1.00 13.34 ? 290 TYR A O   1 
ATOM   745  C CB  . TYR A 1 95  ? 9.400   2.197   4.348   1.00 16.14 ? 290 TYR A CB  1 
ATOM   746  C CG  . TYR A 1 95  ? 10.119  3.288   3.589   1.00 16.99 ? 290 TYR A CG  1 
ATOM   747  C CD1 . TYR A 1 95  ? 9.635   3.755   2.363   1.00 16.97 ? 290 TYR A CD1 1 
ATOM   748  C CD2 . TYR A 1 95  ? 11.290  3.854   4.096   1.00 17.29 ? 290 TYR A CD2 1 
ATOM   749  C CE1 . TYR A 1 95  ? 10.301  4.760   1.663   1.00 17.61 ? 290 TYR A CE1 1 
ATOM   750  C CE2 . TYR A 1 95  ? 11.962  4.860   3.408   1.00 17.45 ? 290 TYR A CE2 1 
ATOM   751  C CZ  . TYR A 1 95  ? 11.466  5.309   2.197   1.00 18.72 ? 290 TYR A CZ  1 
ATOM   752  O OH  . TYR A 1 95  ? 12.131  6.314   1.534   1.00 20.73 ? 290 TYR A OH  1 
ATOM   753  N N   . ARG A 1 96  ? 6.782   1.671   6.746   1.00 14.63 ? 291 ARG A N   1 
ATOM   754  C CA  . ARG A 1 96  ? 6.135   0.597   7.480   1.00 13.84 ? 291 ARG A CA  1 
ATOM   755  C C   . ARG A 1 96  ? 5.002   0.006   6.648   1.00 16.05 ? 291 ARG A C   1 
ATOM   756  O O   . ARG A 1 96  ? 4.427   0.679   5.784   1.00 17.06 ? 291 ARG A O   1 
ATOM   757  C CB  . ARG A 1 96  ? 5.605   1.106   8.829   1.00 13.58 ? 291 ARG A CB  1 
ATOM   758  C CG  . ARG A 1 96  ? 4.465   2.132   8.774   1.00 12.62 ? 291 ARG A CG  1 
ATOM   759  C CD  . ARG A 1 96  ? 4.150   2.609   10.194  1.00 10.67 ? 291 ARG A CD  1 
ATOM   760  N NE  . ARG A 1 96  ? 3.037   3.554   10.286  1.00 10.68 ? 291 ARG A NE  1 
ATOM   761  C CZ  . ARG A 1 96  ? 3.134   4.868   10.100  1.00 12.62 ? 291 ARG A CZ  1 
ATOM   762  N NH1 . ARG A 1 96  ? 4.303   5.423   9.798   1.00 10.48 ? 291 ARG A NH1 1 
ATOM   763  N NH2 . ARG A 1 96  ? 2.061   5.632   10.245  1.00 11.89 ? 291 ARG A NH2 1 
ATOM   764  N N   . SER A 1 97  ? 4.704   -1.266  6.891   1.00 15.98 ? 292 SER A N   1 
ATOM   765  C CA  . SER A 1 97  ? 3.637   -1.939  6.168   1.00 16.53 ? 292 SER A CA  1 
ATOM   766  C C   . SER A 1 97  ? 2.328   -1.770  6.932   1.00 17.41 ? 292 SER A C   1 
ATOM   767  O O   . SER A 1 97  ? 2.301   -1.835  8.162   1.00 17.82 ? 292 SER A O   1 
ATOM   768  C CB  . SER A 1 97  ? 3.958   -3.431  6.005   1.00 15.59 ? 292 SER A CB  1 
ATOM   769  O OG  . SER A 1 97  ? 4.087   -4.073  7.265   1.00 17.04 ? 292 SER A OG  1 
ATOM   770  N N   . GLY A 1 98  ? 1.243   -1.550  6.200   1.00 17.11 ? 293 GLY A N   1 
ATOM   771  C CA  . GLY A 1 98  ? -0.041  -1.388  6.848   1.00 17.53 ? 293 GLY A CA  1 
ATOM   772  C C   . GLY A 1 98  ? -1.216  -1.325  5.890   1.00 17.76 ? 293 GLY A C   1 
ATOM   773  O O   . GLY A 1 98  ? -1.047  -1.125  4.686   1.00 18.07 ? 293 GLY A O   1 
ATOM   774  N N   . VAL A 1 99  ? -2.408  -1.528  6.439   1.00 17.23 ? 294 VAL A N   1 
ATOM   775  C CA  . VAL A 1 99  ? -3.645  -1.462  5.680   1.00 16.25 ? 294 VAL A CA  1 
ATOM   776  C C   . VAL A 1 99  ? -4.545  -0.528  6.486   1.00 16.53 ? 294 VAL A C   1 
ATOM   777  O O   . VAL A 1 99  ? -4.808  -0.771  7.665   1.00 16.18 ? 294 VAL A O   1 
ATOM   778  C CB  . VAL A 1 99  ? -4.310  -2.850  5.554   1.00 15.82 ? 294 VAL A CB  1 
ATOM   779  C CG1 . VAL A 1 99  ? -5.514  -2.774  4.621   1.00 12.57 ? 294 VAL A CG1 1 
ATOM   780  C CG2 . VAL A 1 99  ? -3.304  -3.859  5.030   1.00 16.32 ? 294 VAL A CG2 1 
ATOM   781  N N   . TYR A 1 100 ? -4.991  0.555   5.862   1.00 17.37 ? 295 TYR A N   1 
ATOM   782  C CA  . TYR A 1 100 ? -5.835  1.525   6.544   1.00 16.95 ? 295 TYR A CA  1 
ATOM   783  C C   . TYR A 1 100 ? -7.193  1.581   5.866   1.00 17.35 ? 295 TYR A C   1 
ATOM   784  O O   . TYR A 1 100 ? -7.289  1.709   4.644   1.00 18.91 ? 295 TYR A O   1 
ATOM   785  C CB  . TYR A 1 100 ? -5.151  2.896   6.548   1.00 17.48 ? 295 TYR A CB  1 
ATOM   786  C CG  . TYR A 1 100 ? -3.699  2.824   6.972   1.00 16.82 ? 295 TYR A CG  1 
ATOM   787  C CD1 . TYR A 1 100 ? -3.322  2.152   8.139   1.00 19.74 ? 295 TYR A CD1 1 
ATOM   788  C CD2 . TYR A 1 100 ? -2.697  3.396   6.193   1.00 18.80 ? 295 TYR A CD2 1 
ATOM   789  C CE1 . TYR A 1 100 ? -1.983  2.049   8.514   1.00 17.34 ? 295 TYR A CE1 1 
ATOM   790  C CE2 . TYR A 1 100 ? -1.354  3.302   6.556   1.00 18.60 ? 295 TYR A CE2 1 
ATOM   791  C CZ  . TYR A 1 100 ? -1.001  2.626   7.712   1.00 18.37 ? 295 TYR A CZ  1 
ATOM   792  O OH  . TYR A 1 100 ? 0.332   2.497   8.036   1.00 17.29 ? 295 TYR A OH  1 
ATOM   793  N N   . TYR A 1 101 ? -8.235  1.483   6.683   1.00 16.58 ? 296 TYR A N   1 
ATOM   794  C CA  . TYR A 1 101 ? -9.617  1.451   6.218   1.00 18.15 ? 296 TYR A CA  1 
ATOM   795  C C   . TYR A 1 101 ? -10.452 2.657   6.633   1.00 18.32 ? 296 TYR A C   1 
ATOM   796  O O   . TYR A 1 101 ? -10.175 3.309   7.640   1.00 17.40 ? 296 TYR A O   1 
ATOM   797  C CB  . TYR A 1 101 ? -10.279 0.178   6.747   1.00 16.35 ? 296 TYR A CB  1 
ATOM   798  C CG  . TYR A 1 101 ? -10.195 0.052   8.257   1.00 18.35 ? 296 TYR A CG  1 
ATOM   799  C CD1 . TYR A 1 101 ? -11.046 0.784   9.088   1.00 19.09 ? 296 TYR A CD1 1 
ATOM   800  C CD2 . TYR A 1 101 ? -9.236  -0.763  8.856   1.00 17.47 ? 296 TYR A CD2 1 
ATOM   801  C CE1 . TYR A 1 101 ? -10.944 0.712   10.474  1.00 19.35 ? 296 TYR A CE1 1 
ATOM   802  C CE2 . TYR A 1 101 ? -9.122  -0.845  10.246  1.00 17.94 ? 296 TYR A CE2 1 
ATOM   803  C CZ  . TYR A 1 101 ? -9.981  -0.104  11.047  1.00 19.27 ? 296 TYR A CZ  1 
ATOM   804  O OH  . TYR A 1 101 ? -9.880  -0.174  12.418  1.00 19.14 ? 296 TYR A OH  1 
ATOM   805  N N   . THR A 1 102 ? -11.483 2.937   5.843   1.00 19.14 ? 297 THR A N   1 
ATOM   806  C CA  . THR A 1 102 ? -12.389 4.048   6.109   1.00 20.73 ? 297 THR A CA  1 
ATOM   807  C C   . THR A 1 102 ? -13.702 3.507   6.680   1.00 21.35 ? 297 THR A C   1 
ATOM   808  O O   . THR A 1 102 ? -14.497 4.254   7.246   1.00 21.99 ? 297 THR A O   1 
ATOM   809  C CB  . THR A 1 102 ? -12.678 4.852   4.818   1.00 20.56 ? 297 THR A CB  1 
ATOM   810  O OG1 . THR A 1 102 ? -13.276 3.996   3.835   1.00 17.78 ? 297 THR A OG1 1 
ATOM   811  C CG2 . THR A 1 102 ? -11.386 5.436   4.256   1.00 19.73 ? 297 THR A CG2 1 
ATOM   812  N N   . ASP A 1 103 ? -13.914 2.200   6.532   1.00 22.60 ? 298 ASP A N   1 
ATOM   813  C CA  . ASP A 1 103 ? -15.114 1.538   7.037   1.00 21.91 ? 298 ASP A CA  1 
ATOM   814  C C   . ASP A 1 103 ? -14.707 0.542   8.129   1.00 21.44 ? 298 ASP A C   1 
ATOM   815  O O   . ASP A 1 103 ? -13.927 -0.369  7.875   1.00 22.10 ? 298 ASP A O   1 
ATOM   816  C CB  . ASP A 1 103 ? -15.816 0.783   5.906   1.00 22.82 ? 298 ASP A CB  1 
ATOM   817  C CG  . ASP A 1 103 ? -17.166 0.231   6.326   1.00 24.30 ? 298 ASP A CG  1 
ATOM   818  O OD1 . ASP A 1 103 ? -17.324 -0.126  7.514   1.00 23.89 ? 298 ASP A OD1 1 
ATOM   819  O OD2 . ASP A 1 103 ? -18.066 0.141   5.460   1.00 25.67 ? 298 ASP A OD2 1 
ATOM   820  N N   . PRO A 1 104 ? -15.237 0.703   9.355   1.00 20.93 ? 299 PRO A N   1 
ATOM   821  C CA  . PRO A 1 104 ? -14.919 -0.187  10.482  1.00 21.18 ? 299 PRO A CA  1 
ATOM   822  C C   . PRO A 1 104 ? -15.208 -1.674  10.236  1.00 20.01 ? 299 PRO A C   1 
ATOM   823  O O   . PRO A 1 104 ? -14.627 -2.535  10.888  1.00 17.98 ? 299 PRO A O   1 
ATOM   824  C CB  . PRO A 1 104 ? -15.774 0.376   11.621  1.00 20.81 ? 299 PRO A CB  1 
ATOM   825  C CG  . PRO A 1 104 ? -15.881 1.829   11.278  1.00 21.16 ? 299 PRO A CG  1 
ATOM   826  C CD  . PRO A 1 104 ? -16.130 1.792   9.789   1.00 20.69 ? 299 PRO A CD  1 
ATOM   827  N N   . ALA A 1 105 ? -16.108 -1.971  9.302   1.00 21.07 ? 300 ALA A N   1 
ATOM   828  C CA  . ALA A 1 105 ? -16.456 -3.361  9.004   1.00 21.06 ? 300 ALA A CA  1 
ATOM   829  C C   . ALA A 1 105 ? -15.346 -4.066  8.238   1.00 20.92 ? 300 ALA A C   1 
ATOM   830  O O   . ALA A 1 105 ? -15.393 -5.277  8.048   1.00 22.77 ? 300 ALA A O   1 
ATOM   831  C CB  . ALA A 1 105 ? -17.757 -3.420  8.197   1.00 20.53 ? 300 ALA A CB  1 
ATOM   832  N N   . GLU A 1 106 ? -14.350 -3.309  7.794   1.00 20.78 ? 301 GLU A N   1 
ATOM   833  C CA  . GLU A 1 106 ? -13.247 -3.883  7.033   1.00 20.87 ? 301 GLU A CA  1 
ATOM   834  C C   . GLU A 1 106 ? -12.115 -4.363  7.928   1.00 19.37 ? 301 GLU A C   1 
ATOM   835  O O   . GLU A 1 106 ? -11.273 -5.156  7.502   1.00 20.16 ? 301 GLU A O   1 
ATOM   836  C CB  . GLU A 1 106 ? -12.707 -2.859  6.031   1.00 20.63 ? 301 GLU A CB  1 
ATOM   837  C CG  . GLU A 1 106 ? -13.739 -2.384  5.027   1.00 22.09 ? 301 GLU A CG  1 
ATOM   838  C CD  . GLU A 1 106 ? -13.215 -1.292  4.116   1.00 23.00 ? 301 GLU A CD  1 
ATOM   839  O OE1 . GLU A 1 106 ? -12.527 -0.381  4.622   1.00 22.40 ? 301 GLU A OE1 1 
ATOM   840  O OE2 . GLU A 1 106 ? -13.504 -1.336  2.899   1.00 23.59 ? 301 GLU A OE2 1 
ATOM   841  N N   . LYS A 1 107 ? -12.092 -3.878  9.164   1.00 20.05 ? 302 LYS A N   1 
ATOM   842  C CA  . LYS A 1 107 ? -11.049 -4.274  10.095  1.00 19.58 ? 302 LYS A CA  1 
ATOM   843  C C   . LYS A 1 107 ? -11.032 -5.791  10.250  1.00 19.75 ? 302 LYS A C   1 
ATOM   844  O O   . LYS A 1 107 ? -9.969  -6.408  10.213  1.00 20.05 ? 302 LYS A O   1 
ATOM   845  C CB  . LYS A 1 107 ? -11.256 -3.613  11.465  1.00 17.90 ? 302 LYS A CB  1 
ATOM   846  C CG  . LYS A 1 107 ? -10.128 -3.930  12.454  1.00 16.11 ? 302 LYS A CG  1 
ATOM   847  C CD  . LYS A 1 107 ? -10.401 -3.388  13.840  1.00 16.36 ? 302 LYS A CD  1 
ATOM   848  C CE  . LYS A 1 107 ? -9.290  -3.791  14.789  1.00 17.85 ? 302 LYS A CE  1 
ATOM   849  N NZ  . LYS A 1 107 ? -9.587  -3.357  16.174  1.00 19.18 ? 302 LYS A NZ  1 
ATOM   850  N N   . ALA A 1 108 ? -12.213 -6.386  10.419  1.00 19.93 ? 303 ALA A N   1 
ATOM   851  C CA  . ALA A 1 108 ? -12.322 -7.837  10.568  1.00 20.50 ? 303 ALA A CA  1 
ATOM   852  C C   . ALA A 1 108 ? -11.879 -8.556  9.287   1.00 20.84 ? 303 ALA A C   1 
ATOM   853  O O   . ALA A 1 108 ? -11.317 -9.648  9.345   1.00 20.12 ? 303 ALA A O   1 
ATOM   854  C CB  . ALA A 1 108 ? -13.751 -8.219  10.917  1.00 18.80 ? 303 ALA A CB  1 
ATOM   855  N N   . VAL A 1 109 ? -12.138 -7.945  8.134   1.00 20.81 ? 304 VAL A N   1 
ATOM   856  C CA  . VAL A 1 109 ? -11.738 -8.529  6.855   1.00 21.30 ? 304 VAL A CA  1 
ATOM   857  C C   . VAL A 1 109 ? -10.209 -8.533  6.753   1.00 20.97 ? 304 VAL A C   1 
ATOM   858  O O   . VAL A 1 109 ? -9.597  -9.528  6.363   1.00 20.66 ? 304 VAL A O   1 
ATOM   859  C CB  . VAL A 1 109 ? -12.295 -7.720  5.660   1.00 21.94 ? 304 VAL A CB  1 
ATOM   860  C CG1 . VAL A 1 109 ? -11.721 -8.255  4.357   1.00 23.63 ? 304 VAL A CG1 1 
ATOM   861  C CG2 . VAL A 1 109 ? -13.818 -7.796  5.637   1.00 23.46 ? 304 VAL A CG2 1 
ATOM   862  N N   . ILE A 1 110 ? -9.602  -7.405  7.106   1.00 20.57 ? 305 ILE A N   1 
ATOM   863  C CA  . ILE A 1 110 ? -8.156  -7.263  7.058   1.00 19.36 ? 305 ILE A CA  1 
ATOM   864  C C   . ILE A 1 110 ? -7.489  -8.174  8.083   1.00 18.52 ? 305 ILE A C   1 
ATOM   865  O O   . ILE A 1 110 ? -6.482  -8.817  7.787   1.00 18.58 ? 305 ILE A O   1 
ATOM   866  C CB  . ILE A 1 110 ? -7.757  -5.790  7.308   1.00 19.83 ? 305 ILE A CB  1 
ATOM   867  C CG1 . ILE A 1 110 ? -8.328  -4.925  6.174   1.00 18.64 ? 305 ILE A CG1 1 
ATOM   868  C CG2 . ILE A 1 110 ? -6.234  -5.658  7.414   1.00 19.02 ? 305 ILE A CG2 1 
ATOM   869  C CD1 . ILE A 1 110 ? -8.370  -3.448  6.470   1.00 17.79 ? 305 ILE A CD1 1 
ATOM   870  N N   . ALA A 1 111 ? -8.056  -8.245  9.283   1.00 16.58 ? 306 ALA A N   1 
ATOM   871  C CA  . ALA A 1 111 ? -7.487  -9.098  10.321  1.00 16.46 ? 306 ALA A CA  1 
ATOM   872  C C   . ALA A 1 111 ? -7.544  -10.563 9.903   1.00 16.01 ? 306 ALA A C   1 
ATOM   873  O O   . ALA A 1 111 ? -6.578  -11.299 10.073  1.00 16.87 ? 306 ALA A O   1 
ATOM   874  C CB  . ALA A 1 111 ? -8.228  -8.902  11.629  1.00 15.24 ? 306 ALA A CB  1 
ATOM   875  N N   . ALA A 1 112 ? -8.674  -10.989 9.352   1.00 16.62 ? 307 ALA A N   1 
ATOM   876  C CA  . ALA A 1 112 ? -8.812  -12.378 8.927   1.00 17.68 ? 307 ALA A CA  1 
ATOM   877  C C   . ALA A 1 112 ? -7.808  -12.703 7.820   1.00 18.35 ? 307 ALA A C   1 
ATOM   878  O O   . ALA A 1 112 ? -7.212  -13.778 7.811   1.00 19.30 ? 307 ALA A O   1 
ATOM   879  C CB  . ALA A 1 112 ? -10.240 -12.646 8.444   1.00 16.34 ? 307 ALA A CB  1 
ATOM   880  N N   . ALA A 1 113 ? -7.623  -11.771 6.889   1.00 17.55 ? 308 ALA A N   1 
ATOM   881  C CA  . ALA A 1 113 ? -6.673  -11.964 5.793   1.00 18.66 ? 308 ALA A CA  1 
ATOM   882  C C   . ALA A 1 113 ? -5.251  -12.091 6.345   1.00 18.51 ? 308 ALA A C   1 
ATOM   883  O O   . ALA A 1 113 ? -4.480  -12.947 5.917   1.00 18.17 ? 308 ALA A O   1 
ATOM   884  C CB  . ALA A 1 113 ? -6.752  -10.794 4.820   1.00 17.06 ? 308 ALA A CB  1 
ATOM   885  N N   . LEU A 1 114 ? -4.905  -11.238 7.301   1.00 17.24 ? 309 LEU A N   1 
ATOM   886  C CA  . LEU A 1 114 ? -3.573  -11.283 7.892   1.00 17.73 ? 309 LEU A CA  1 
ATOM   887  C C   . LEU A 1 114 ? -3.362  -12.613 8.613   1.00 18.22 ? 309 LEU A C   1 
ATOM   888  O O   . LEU A 1 114 ? -2.264  -13.174 8.590   1.00 17.77 ? 309 LEU A O   1 
ATOM   889  C CB  . LEU A 1 114 ? -3.387  -10.118 8.867   1.00 16.25 ? 309 LEU A CB  1 
ATOM   890  C CG  . LEU A 1 114 ? -3.220  -8.736  8.218   1.00 17.46 ? 309 LEU A CG  1 
ATOM   891  C CD1 . LEU A 1 114 ? -3.368  -7.639  9.264   1.00 16.20 ? 309 LEU A CD1 1 
ATOM   892  C CD2 . LEU A 1 114 ? -1.850  -8.657  7.551   1.00 14.00 ? 309 LEU A CD2 1 
ATOM   893  N N   . LYS A 1 115 ? -4.419  -13.119 9.242   1.00 18.82 ? 310 LYS A N   1 
ATOM   894  C CA  . LYS A 1 115 ? -4.339  -14.389 9.960   1.00 19.29 ? 310 LYS A CA  1 
ATOM   895  C C   . LYS A 1 115 ? -4.081  -15.525 8.972   1.00 20.15 ? 310 LYS A C   1 
ATOM   896  O O   . LYS A 1 115 ? -3.300  -16.425 9.246   1.00 19.02 ? 310 LYS A O   1 
ATOM   897  C CB  . LYS A 1 115 ? -5.634  -14.660 10.726  1.00 20.34 ? 310 LYS A CB  1 
ATOM   898  C CG  . LYS A 1 115 ? -5.590  -15.935 11.563  1.00 25.62 ? 310 LYS A CG  1 
ATOM   899  C CD  . LYS A 1 115 ? -6.988  -16.479 11.839  1.00 27.74 ? 310 LYS A CD  1 
ATOM   900  C CE  . LYS A 1 115 ? -7.674  -16.909 10.538  1.00 30.00 ? 310 LYS A CE  1 
ATOM   901  N NZ  . LYS A 1 115 ? -9.042  -17.466 10.771  1.00 31.35 ? 310 LYS A NZ  1 
ATOM   902  N N   . ARG A 1 116 ? -4.747  -15.488 7.822   1.00 19.34 ? 311 ARG A N   1 
ATOM   903  C CA  . ARG A 1 116 ? -4.532  -16.526 6.825   1.00 21.10 ? 311 ARG A CA  1 
ATOM   904  C C   . ARG A 1 116 ? -3.104  -16.427 6.287   1.00 21.08 ? 311 ARG A C   1 
ATOM   905  O O   . ARG A 1 116 ? -2.417  -17.440 6.144   1.00 20.62 ? 311 ARG A O   1 
ATOM   906  C CB  . ARG A 1 116 ? -5.546  -16.403 5.686   1.00 19.65 ? 311 ARG A CB  1 
ATOM   907  C CG  . ARG A 1 116 ? -6.993  -16.642 6.125   1.00 19.81 ? 311 ARG A CG  1 
ATOM   908  C CD  . ARG A 1 116 ? -7.891  -16.996 4.937   1.00 18.04 ? 311 ARG A CD  1 
ATOM   909  N NE  . ARG A 1 116 ? -7.963  -15.925 3.947   1.00 19.76 ? 311 ARG A NE  1 
ATOM   910  C CZ  . ARG A 1 116 ? -8.560  -14.756 4.148   1.00 22.40 ? 311 ARG A CZ  1 
ATOM   911  N NH1 . ARG A 1 116 ? -9.143  -14.499 5.312   1.00 22.31 ? 311 ARG A NH1 1 
ATOM   912  N NH2 . ARG A 1 116 ? -8.580  -13.844 3.185   1.00 22.67 ? 311 ARG A NH2 1 
ATOM   913  N N   . GLU A 1 117 ? -2.653  -15.206 6.004   1.00 22.10 ? 312 GLU A N   1 
ATOM   914  C CA  . GLU A 1 117 ? -1.298  -15.003 5.497   1.00 21.34 ? 312 GLU A CA  1 
ATOM   915  C C   . GLU A 1 117 ? -0.270  -15.511 6.512   1.00 22.49 ? 312 GLU A C   1 
ATOM   916  O O   . GLU A 1 117 ? 0.751   -16.090 6.141   1.00 21.73 ? 312 GLU A O   1 
ATOM   917  C CB  . GLU A 1 117 ? -1.039  -13.518 5.223   1.00 20.20 ? 312 GLU A CB  1 
ATOM   918  C CG  . GLU A 1 117 ? 0.181   -13.254 4.342   1.00 19.40 ? 312 GLU A CG  1 
ATOM   919  C CD  . GLU A 1 117 ? 0.001   -13.802 2.932   1.00 19.95 ? 312 GLU A CD  1 
ATOM   920  O OE1 . GLU A 1 117 ? -1.106  -14.280 2.615   1.00 20.92 ? 312 GLU A OE1 1 
ATOM   921  O OE2 . GLU A 1 117 ? 0.963   -13.753 2.138   1.00 19.89 ? 312 GLU A OE2 1 
ATOM   922  N N   . GLN A 1 118 ? -0.552  -15.291 7.794   1.00 22.65 ? 313 GLN A N   1 
ATOM   923  C CA  . GLN A 1 118 ? 0.337   -15.722 8.870   1.00 23.63 ? 313 GLN A CA  1 
ATOM   924  C C   . GLN A 1 118 ? 0.538   -17.241 8.848   1.00 23.45 ? 313 GLN A C   1 
ATOM   925  O O   . GLN A 1 118 ? 1.583   -17.737 9.261   1.00 23.53 ? 313 GLN A O   1 
ATOM   926  C CB  . GLN A 1 118 ? -0.241  -15.279 10.224  1.00 21.29 ? 313 GLN A CB  1 
ATOM   927  C CG  . GLN A 1 118 ? 0.558   -15.682 11.469  1.00 21.42 ? 313 GLN A CG  1 
ATOM   928  C CD  . GLN A 1 118 ? 1.957   -15.079 11.521  1.00 21.25 ? 313 GLN A CD  1 
ATOM   929  O OE1 . GLN A 1 118 ? 2.876   -15.546 10.841  1.00 20.94 ? 313 GLN A OE1 1 
ATOM   930  N NE2 . GLN A 1 118 ? 2.124   -14.036 12.328  1.00 18.79 ? 313 GLN A NE2 1 
ATOM   931  N N   . GLN A 1 119 ? -0.462  -17.971 8.357   1.00 25.00 ? 314 GLN A N   1 
ATOM   932  C CA  . GLN A 1 119 ? -0.392  -19.431 8.280   1.00 25.63 ? 314 GLN A CA  1 
ATOM   933  C C   . GLN A 1 119 ? 0.788   -19.901 7.433   1.00 25.73 ? 314 GLN A C   1 
ATOM   934  O O   . GLN A 1 119 ? 1.331   -20.982 7.662   1.00 24.08 ? 314 GLN A O   1 
ATOM   935  C CB  . GLN A 1 119 ? -1.676  -19.997 7.667   1.00 27.18 ? 314 GLN A CB  1 
ATOM   936  C CG  . GLN A 1 119 ? -2.909  -19.900 8.539   1.00 28.91 ? 314 GLN A CG  1 
ATOM   937  C CD  . GLN A 1 119 ? -3.078  -21.104 9.440   1.00 32.00 ? 314 GLN A CD  1 
ATOM   938  O OE1 . GLN A 1 119 ? -4.126  -21.281 10.061  1.00 32.86 ? 314 GLN A OE1 1 
ATOM   939  N NE2 . GLN A 1 119 ? -2.045  -21.941 9.521   1.00 31.38 ? 314 GLN A NE2 1 
ATOM   940  N N   . LYS A 1 120 ? 1.178   -19.095 6.450   1.00 24.83 ? 315 LYS A N   1 
ATOM   941  C CA  . LYS A 1 120 ? 2.280   -19.472 5.578   1.00 25.39 ? 315 LYS A CA  1 
ATOM   942  C C   . LYS A 1 120 ? 3.622   -18.837 5.946   1.00 24.09 ? 315 LYS A C   1 
ATOM   943  O O   . LYS A 1 120 ? 4.615   -19.039 5.242   1.00 23.38 ? 315 LYS A O   1 
ATOM   944  C CB  . LYS A 1 120 ? 1.927   -19.150 4.121   1.00 27.13 ? 315 LYS A CB  1 
ATOM   945  C CG  . LYS A 1 120 ? 1.750   -17.680 3.826   1.00 30.73 ? 315 LYS A CG  1 
ATOM   946  C CD  . LYS A 1 120 ? 1.352   -17.438 2.372   1.00 31.93 ? 315 LYS A CD  1 
ATOM   947  C CE  . LYS A 1 120 ? -0.056  -17.935 2.093   1.00 32.80 ? 315 LYS A CE  1 
ATOM   948  N NZ  . LYS A 1 120 ? -0.546  -17.490 0.754   1.00 33.19 ? 315 LYS A NZ  1 
ATOM   949  N N   . TYR A 1 121 ? 3.653   -18.089 7.050   1.00 22.14 ? 316 TYR A N   1 
ATOM   950  C CA  . TYR A 1 121 ? 4.885   -17.447 7.515   1.00 21.91 ? 316 TYR A CA  1 
ATOM   951  C C   . TYR A 1 121 ? 5.338   -17.978 8.870   1.00 21.05 ? 316 TYR A C   1 
ATOM   952  O O   . TYR A 1 121 ? 4.537   -18.112 9.796   1.00 22.51 ? 316 TYR A O   1 
ATOM   953  C CB  . TYR A 1 121 ? 4.721   -15.924 7.636   1.00 19.48 ? 316 TYR A CB  1 
ATOM   954  C CG  . TYR A 1 121 ? 4.888   -15.171 6.345   1.00 19.47 ? 316 TYR A CG  1 
ATOM   955  C CD1 . TYR A 1 121 ? 3.836   -15.051 5.436   1.00 17.21 ? 316 TYR A CD1 1 
ATOM   956  C CD2 . TYR A 1 121 ? 6.108   -14.583 6.021   1.00 17.40 ? 316 TYR A CD2 1 
ATOM   957  C CE1 . TYR A 1 121 ? 3.997   -14.361 4.242   1.00 16.00 ? 316 TYR A CE1 1 
ATOM   958  C CE2 . TYR A 1 121 ? 6.284   -13.893 4.829   1.00 16.69 ? 316 TYR A CE2 1 
ATOM   959  C CZ  . TYR A 1 121 ? 5.228   -13.783 3.944   1.00 16.58 ? 316 TYR A CZ  1 
ATOM   960  O OH  . TYR A 1 121 ? 5.403   -13.084 2.770   1.00 17.91 ? 316 TYR A OH  1 
ATOM   961  N N   . GLN A 1 122 ? 6.630   -18.268 8.980   1.00 20.09 ? 317 GLN A N   1 
ATOM   962  C CA  . GLN A 1 122 ? 7.207   -18.764 10.216  1.00 19.71 ? 317 GLN A CA  1 
ATOM   963  C C   . GLN A 1 122 ? 7.405   -17.592 11.177  1.00 19.00 ? 317 GLN A C   1 
ATOM   964  O O   . GLN A 1 122 ? 7.148   -17.714 12.370  1.00 20.70 ? 317 GLN A O   1 
ATOM   965  C CB  . GLN A 1 122 ? 8.530   -19.489 9.919   1.00 20.12 ? 317 GLN A CB  1 
ATOM   966  C CG  . GLN A 1 122 ? 8.322   -20.920 9.385   1.00 20.91 ? 317 GLN A CG  1 
ATOM   967  C CD  . GLN A 1 122 ? 9.546   -21.508 8.688   1.00 22.28 ? 317 GLN A CD  1 
ATOM   968  O OE1 . GLN A 1 122 ? 10.604  -20.885 8.618   1.00 22.10 ? 317 GLN A OE1 1 
ATOM   969  N NE2 . GLN A 1 122 ? 9.398   -22.721 8.164   1.00 22.77 ? 317 GLN A NE2 1 
ATOM   970  N N   . LEU A 1 123 ? 7.844   -16.455 10.647  1.00 19.69 ? 318 LEU A N   1 
ATOM   971  C CA  . LEU A 1 123 ? 8.037   -15.252 11.451  1.00 19.42 ? 318 LEU A CA  1 
ATOM   972  C C   . LEU A 1 123 ? 6.695   -14.525 11.659  1.00 20.05 ? 318 LEU A C   1 
ATOM   973  O O   . LEU A 1 123 ? 5.779   -14.634 10.840  1.00 21.31 ? 318 LEU A O   1 
ATOM   974  C CB  . LEU A 1 123 ? 9.034   -14.309 10.762  1.00 21.66 ? 318 LEU A CB  1 
ATOM   975  C CG  . LEU A 1 123 ? 10.536  -14.511 11.002  1.00 22.43 ? 318 LEU A CG  1 
ATOM   976  C CD1 . LEU A 1 123 ? 10.918  -15.957 10.804  1.00 23.42 ? 318 LEU A CD1 1 
ATOM   977  C CD2 . LEU A 1 123 ? 11.319  -13.611 10.055  1.00 24.53 ? 318 LEU A CD2 1 
ATOM   978  N N   . PRO A 1 124 ? 6.562   -13.782 12.771  1.00 19.39 ? 319 PRO A N   1 
ATOM   979  C CA  . PRO A 1 124 ? 5.328   -13.042 13.076  1.00 19.41 ? 319 PRO A CA  1 
ATOM   980  C C   . PRO A 1 124 ? 5.094   -11.896 12.090  1.00 18.36 ? 319 PRO A C   1 
ATOM   981  O O   . PRO A 1 124 ? 6.036   -11.212 11.689  1.00 18.83 ? 319 PRO A O   1 
ATOM   982  C CB  . PRO A 1 124 ? 5.577   -12.514 14.495  1.00 19.76 ? 319 PRO A CB  1 
ATOM   983  C CG  . PRO A 1 124 ? 6.579   -13.506 15.075  1.00 20.08 ? 319 PRO A CG  1 
ATOM   984  C CD  . PRO A 1 124 ? 7.508   -13.719 13.900  1.00 20.52 ? 319 PRO A CD  1 
ATOM   985  N N   . LEU A 1 125 ? 3.844   -11.703 11.685  1.00 16.52 ? 320 LEU A N   1 
ATOM   986  C CA  . LEU A 1 125 ? 3.507   -10.615 10.776  1.00 17.12 ? 320 LEU A CA  1 
ATOM   987  C C   . LEU A 1 125 ? 3.492   -9.324  11.591  1.00 18.07 ? 320 LEU A C   1 
ATOM   988  O O   . LEU A 1 125 ? 3.091   -9.330  12.754  1.00 17.85 ? 320 LEU A O   1 
ATOM   989  C CB  . LEU A 1 125 ? 2.135   -10.849 10.132  1.00 15.62 ? 320 LEU A CB  1 
ATOM   990  C CG  . LEU A 1 125 ? 2.139   -11.469 8.725   1.00 15.76 ? 320 LEU A CG  1 
ATOM   991  C CD1 . LEU A 1 125 ? 2.902   -12.766 8.743   1.00 15.19 ? 320 LEU A CD1 1 
ATOM   992  C CD2 . LEU A 1 125 ? 0.717   -11.699 8.239   1.00 18.74 ? 320 LEU A CD2 1 
ATOM   993  N N   . VAL A 1 126 ? 3.942   -8.227  10.987  1.00 18.61 ? 321 VAL A N   1 
ATOM   994  C CA  . VAL A 1 126 ? 3.981   -6.945  11.677  1.00 17.26 ? 321 VAL A CA  1 
ATOM   995  C C   . VAL A 1 126 ? 3.227   -5.861  10.912  1.00 18.08 ? 321 VAL A C   1 
ATOM   996  O O   . VAL A 1 126 ? 3.472   -4.668  11.102  1.00 16.29 ? 321 VAL A O   1 
ATOM   997  C CB  . VAL A 1 126 ? 5.439   -6.475  11.906  1.00 17.71 ? 321 VAL A CB  1 
ATOM   998  C CG1 . VAL A 1 126 ? 6.195   -7.508  12.760  1.00 17.93 ? 321 VAL A CG1 1 
ATOM   999  C CG2 . VAL A 1 126 ? 6.140   -6.269  10.573  1.00 17.23 ? 321 VAL A CG2 1 
ATOM   1000 N N   . VAL A 1 127 ? 2.307   -6.285  10.050  1.00 16.45 ? 322 VAL A N   1 
ATOM   1001 C CA  . VAL A 1 127 ? 1.507   -5.355  9.261   1.00 18.01 ? 322 VAL A CA  1 
ATOM   1002 C C   . VAL A 1 127 ? 0.432   -4.687  10.118  1.00 18.58 ? 322 VAL A C   1 
ATOM   1003 O O   . VAL A 1 127 ? -0.331  -5.366  10.812  1.00 18.24 ? 322 VAL A O   1 
ATOM   1004 C CB  . VAL A 1 127 ? 0.802   -6.081  8.091   1.00 16.99 ? 322 VAL A CB  1 
ATOM   1005 C CG1 . VAL A 1 127 ? -0.058  -5.096  7.302   1.00 16.02 ? 322 VAL A CG1 1 
ATOM   1006 C CG2 . VAL A 1 127 ? 1.841   -6.733  7.183   1.00 18.32 ? 322 VAL A CG2 1 
ATOM   1007 N N   . GLU A 1 128 ? 0.365   -3.358  10.062  1.00 18.85 ? 323 GLU A N   1 
ATOM   1008 C CA  . GLU A 1 128 ? -0.640  -2.625  10.824  1.00 19.07 ? 323 GLU A CA  1 
ATOM   1009 C C   . GLU A 1 128 ? -2.004  -2.789  10.159  1.00 17.87 ? 323 GLU A C   1 
ATOM   1010 O O   . GLU A 1 128 ? -2.104  -2.905  8.941   1.00 17.55 ? 323 GLU A O   1 
ATOM   1011 C CB  . GLU A 1 128 ? -0.319  -1.124  10.888  1.00 21.40 ? 323 GLU A CB  1 
ATOM   1012 C CG  . GLU A 1 128 ? 1.077   -0.758  11.359  1.00 22.48 ? 323 GLU A CG  1 
ATOM   1013 C CD  . GLU A 1 128 ? 1.259   0.750   11.513  1.00 24.13 ? 323 GLU A CD  1 
ATOM   1014 O OE1 . GLU A 1 128 ? 0.717   1.509   10.686  1.00 23.17 ? 323 GLU A OE1 1 
ATOM   1015 O OE2 . GLU A 1 128 ? 1.958   1.180   12.457  1.00 26.69 ? 323 GLU A OE2 1 
ATOM   1016 N N   . ASN A 1 129 ? -3.041  -2.802  10.986  1.00 17.13 ? 324 ASN A N   1 
ATOM   1017 C CA  . ASN A 1 129 ? -4.425  -2.920  10.552  1.00 16.53 ? 324 ASN A CA  1 
ATOM   1018 C C   . ASN A 1 129 ? -5.120  -1.828  11.351  1.00 18.60 ? 324 ASN A C   1 
ATOM   1019 O O   . ASN A 1 129 ? -5.493  -2.038  12.505  1.00 17.97 ? 324 ASN A O   1 
ATOM   1020 C CB  . ASN A 1 129 ? -4.990  -4.291  10.926  1.00 15.19 ? 324 ASN A CB  1 
ATOM   1021 C CG  . ASN A 1 129 ? -6.479  -4.401  10.653  1.00 16.10 ? 324 ASN A CG  1 
ATOM   1022 O OD1 . ASN A 1 129 ? -7.082  -3.493  10.080  1.00 15.15 ? 324 ASN A OD1 1 
ATOM   1023 N ND2 . ASN A 1 129 ? -7.080  -5.514  11.058  1.00 14.76 ? 324 ASN A ND2 1 
ATOM   1024 N N   . GLU A 1 130 ? -5.270  -0.659  10.738  1.00 18.85 ? 325 GLU A N   1 
ATOM   1025 C CA  . GLU A 1 130 ? -5.862  0.492   11.410  1.00 19.52 ? 325 GLU A CA  1 
ATOM   1026 C C   . GLU A 1 130 ? -6.709  1.376   10.520  1.00 17.94 ? 325 GLU A C   1 
ATOM   1027 O O   . GLU A 1 130 ? -6.605  1.328   9.297   1.00 16.39 ? 325 GLU A O   1 
ATOM   1028 C CB  . GLU A 1 130 ? -4.752  1.348   12.021  1.00 23.30 ? 325 GLU A CB  1 
ATOM   1029 C CG  . GLU A 1 130 ? -4.276  0.842   13.360  1.00 29.02 ? 325 GLU A CG  1 
ATOM   1030 C CD  . GLU A 1 130 ? -2.793  1.013   13.536  1.00 32.07 ? 325 GLU A CD  1 
ATOM   1031 O OE1 . GLU A 1 130 ? -2.190  0.169   14.227  1.00 34.30 ? 325 GLU A OE1 1 
ATOM   1032 O OE2 . GLU A 1 130 ? -2.231  1.988   12.985  1.00 35.12 ? 325 GLU A OE2 1 
ATOM   1033 N N   . PRO A 1 131 ? -7.549  2.219   11.139  1.00 17.27 ? 326 PRO A N   1 
ATOM   1034 C CA  . PRO A 1 131 ? -8.413  3.127   10.386  1.00 17.60 ? 326 PRO A CA  1 
ATOM   1035 C C   . PRO A 1 131 ? -7.532  4.163   9.710   1.00 18.47 ? 326 PRO A C   1 
ATOM   1036 O O   . PRO A 1 131 ? -6.400  4.401   10.138  1.00 17.85 ? 326 PRO A O   1 
ATOM   1037 C CB  . PRO A 1 131 ? -9.294  3.743   11.471  1.00 18.20 ? 326 PRO A CB  1 
ATOM   1038 C CG  . PRO A 1 131 ? -8.362  3.793   12.655  1.00 17.01 ? 326 PRO A CG  1 
ATOM   1039 C CD  . PRO A 1 131 ? -7.684  2.443   12.593  1.00 16.15 ? 326 PRO A CD  1 
ATOM   1040 N N   . LEU A 1 132 ? -8.031  4.755   8.635   1.00 17.84 ? 327 LEU A N   1 
ATOM   1041 C CA  . LEU A 1 132 ? -7.264  5.783   7.958   1.00 18.62 ? 327 LEU A CA  1 
ATOM   1042 C C   . LEU A 1 132 ? -7.535  7.043   8.767   1.00 18.38 ? 327 LEU A C   1 
ATOM   1043 O O   . LEU A 1 132 ? -8.629  7.607   8.716   1.00 18.29 ? 327 LEU A O   1 
ATOM   1044 C CB  . LEU A 1 132 ? -7.737  5.973   6.516   1.00 18.89 ? 327 LEU A CB  1 
ATOM   1045 C CG  . LEU A 1 132 ? -6.951  7.054   5.772   1.00 19.66 ? 327 LEU A CG  1 
ATOM   1046 C CD1 . LEU A 1 132 ? -5.542  6.557   5.456   1.00 17.50 ? 327 LEU A CD1 1 
ATOM   1047 C CD2 . LEU A 1 132 ? -7.679  7.420   4.505   1.00 21.35 ? 327 LEU A CD2 1 
ATOM   1048 N N   . LYS A 1 133 ? -6.542  7.461   9.537   1.00 18.76 ? 328 LYS A N   1 
ATOM   1049 C CA  . LYS A 1 133 ? -6.669  8.641   10.374  1.00 18.96 ? 328 LYS A CA  1 
ATOM   1050 C C   . LYS A 1 133 ? -6.595  9.872   9.487   1.00 19.51 ? 328 LYS A C   1 
ATOM   1051 O O   . LYS A 1 133 ? -7.455  10.751  9.553   1.00 18.05 ? 328 LYS A O   1 
ATOM   1052 C CB  . LYS A 1 133 ? -5.553  8.642   11.417  1.00 19.15 ? 328 LYS A CB  1 
ATOM   1053 C CG  . LYS A 1 133 ? -5.455  7.307   12.162  1.00 20.10 ? 328 LYS A CG  1 
ATOM   1054 C CD  . LYS A 1 133 ? -4.388  7.328   13.249  1.00 20.22 ? 328 LYS A CD  1 
ATOM   1055 C CE  . LYS A 1 133 ? -4.298  5.972   13.930  1.00 19.72 ? 328 LYS A CE  1 
ATOM   1056 N NZ  . LYS A 1 133 ? -3.213  5.958   14.950  1.00 20.49 ? 328 LYS A NZ  1 
ATOM   1057 N N   . ASN A 1 134 ? -5.567  9.919   8.646   1.00 19.57 ? 329 ASN A N   1 
ATOM   1058 C CA  . ASN A 1 134 ? -5.388  11.031  7.730   1.00 19.92 ? 329 ASN A CA  1 
ATOM   1059 C C   . ASN A 1 134 ? -4.625  10.605  6.484   1.00 19.71 ? 329 ASN A C   1 
ATOM   1060 O O   . ASN A 1 134 ? -3.799  9.693   6.523   1.00 20.09 ? 329 ASN A O   1 
ATOM   1061 C CB  . ASN A 1 134 ? -4.676  12.205  8.430   1.00 19.46 ? 329 ASN A CB  1 
ATOM   1062 C CG  . ASN A 1 134 ? -3.322  11.823  9.016   1.00 21.38 ? 329 ASN A CG  1 
ATOM   1063 O OD1 . ASN A 1 134 ? -2.314  11.752  8.307   1.00 21.10 ? 329 ASN A OD1 1 
ATOM   1064 N ND2 . ASN A 1 134 ? -3.297  11.575  10.317  1.00 18.32 ? 329 ASN A ND2 1 
ATOM   1065 N N   . PHE A 1 135 ? -4.940  11.253  5.368   1.00 21.95 ? 330 PHE A N   1 
ATOM   1066 C CA  . PHE A 1 135 ? -4.275  10.971  4.109   1.00 22.78 ? 330 PHE A CA  1 
ATOM   1067 C C   . PHE A 1 135 ? -4.039  12.278  3.376   1.00 23.25 ? 330 PHE A C   1 
ATOM   1068 O O   . PHE A 1 135 ? -4.932  13.115  3.289   1.00 22.91 ? 330 PHE A O   1 
ATOM   1069 C CB  . PHE A 1 135 ? -5.116  10.054  3.223   1.00 21.67 ? 330 PHE A CB  1 
ATOM   1070 C CG  . PHE A 1 135 ? -4.448  9.712   1.923   1.00 19.81 ? 330 PHE A CG  1 
ATOM   1071 C CD1 . PHE A 1 135 ? -3.426  8.765   1.883   1.00 18.27 ? 330 PHE A CD1 1 
ATOM   1072 C CD2 . PHE A 1 135 ? -4.801  10.369  0.745   1.00 17.38 ? 330 PHE A CD2 1 
ATOM   1073 C CE1 . PHE A 1 135 ? -2.761  8.482   0.693   1.00 18.00 ? 330 PHE A CE1 1 
ATOM   1074 C CE2 . PHE A 1 135 ? -4.138  10.092  -0.452  1.00 17.91 ? 330 PHE A CE2 1 
ATOM   1075 C CZ  . PHE A 1 135 ? -3.117  9.146   -0.478  1.00 17.89 ? 330 PHE A CZ  1 
ATOM   1076 N N   . TYR A 1 136 ? -2.830  12.443  2.849   1.00 24.42 ? 331 TYR A N   1 
ATOM   1077 C CA  . TYR A 1 136 ? -2.465  13.648  2.117   1.00 24.76 ? 331 TYR A CA  1 
ATOM   1078 C C   . TYR A 1 136 ? -1.718  13.271  0.843   1.00 25.50 ? 331 TYR A C   1 
ATOM   1079 O O   . TYR A 1 136 ? -0.734  12.529  0.883   1.00 24.60 ? 331 TYR A O   1 
ATOM   1080 C CB  . TYR A 1 136 ? -1.593  14.543  2.993   1.00 26.31 ? 331 TYR A CB  1 
ATOM   1081 C CG  . TYR A 1 136 ? -2.291  14.994  4.252   1.00 27.84 ? 331 TYR A CG  1 
ATOM   1082 C CD1 . TYR A 1 136 ? -3.265  15.995  4.213   1.00 27.82 ? 331 TYR A CD1 1 
ATOM   1083 C CD2 . TYR A 1 136 ? -2.004  14.400  5.480   1.00 28.86 ? 331 TYR A CD2 1 
ATOM   1084 C CE1 . TYR A 1 136 ? -3.937  16.391  5.370   1.00 30.27 ? 331 TYR A CE1 1 
ATOM   1085 C CE2 . TYR A 1 136 ? -2.668  14.784  6.641   1.00 30.20 ? 331 TYR A CE2 1 
ATOM   1086 C CZ  . TYR A 1 136 ? -3.633  15.778  6.580   1.00 30.78 ? 331 TYR A CZ  1 
ATOM   1087 O OH  . TYR A 1 136 ? -4.292  16.147  7.725   1.00 32.78 ? 331 TYR A OH  1 
ATOM   1088 N N   . ASP A 1 137 ? -2.204  13.783  -0.283  1.00 26.22 ? 332 ASP A N   1 
ATOM   1089 C CA  . ASP A 1 137 ? -1.612  13.511  -1.585  1.00 26.32 ? 332 ASP A CA  1 
ATOM   1090 C C   . ASP A 1 137 ? -0.161  13.951  -1.673  1.00 25.16 ? 332 ASP A C   1 
ATOM   1091 O O   . ASP A 1 137 ? 0.210   15.034  -1.216  1.00 26.37 ? 332 ASP A O   1 
ATOM   1092 C CB  . ASP A 1 137 ? -2.416  14.209  -2.685  1.00 29.68 ? 332 ASP A CB  1 
ATOM   1093 C CG  . ASP A 1 137 ? -3.839  13.686  -2.787  1.00 32.86 ? 332 ASP A CG  1 
ATOM   1094 O OD1 . ASP A 1 137 ? -4.015  12.477  -3.040  1.00 35.76 ? 332 ASP A OD1 1 
ATOM   1095 O OD2 . ASP A 1 137 ? -4.784  14.482  -2.614  1.00 35.85 ? 332 ASP A OD2 1 
ATOM   1096 N N   . ALA A 1 138 ? 0.660   13.093  -2.260  1.00 23.48 ? 333 ALA A N   1 
ATOM   1097 C CA  . ALA A 1 138 ? 2.066   13.399  -2.441  1.00 23.04 ? 333 ALA A CA  1 
ATOM   1098 C C   . ALA A 1 138 ? 2.158   14.383  -3.603  1.00 22.32 ? 333 ALA A C   1 
ATOM   1099 O O   . ALA A 1 138 ? 1.214   14.523  -4.385  1.00 20.68 ? 333 ALA A O   1 
ATOM   1100 C CB  . ALA A 1 138 ? 2.834   12.137  -2.768  1.00 21.64 ? 333 ALA A CB  1 
ATOM   1101 N N   . GLU A 1 139 ? 3.296   15.060  -3.702  1.00 22.01 ? 334 GLU A N   1 
ATOM   1102 C CA  . GLU A 1 139 ? 3.539   16.021  -4.768  1.00 22.25 ? 334 GLU A CA  1 
ATOM   1103 C C   . GLU A 1 139 ? 3.241   15.356  -6.119  1.00 22.03 ? 334 GLU A C   1 
ATOM   1104 O O   . GLU A 1 139 ? 3.395   14.141  -6.260  1.00 20.92 ? 334 GLU A O   1 
ATOM   1105 C CB  . GLU A 1 139 ? 4.999   16.499  -4.714  1.00 21.52 ? 334 GLU A CB  1 
ATOM   1106 C CG  . GLU A 1 139 ? 5.367   17.244  -3.425  1.00 23.50 ? 334 GLU A CG  1 
ATOM   1107 C CD  . GLU A 1 139 ? 5.782   16.331  -2.260  1.00 26.99 ? 334 GLU A CD  1 
ATOM   1108 O OE1 . GLU A 1 139 ? 5.096   15.319  -1.993  1.00 24.04 ? 334 GLU A OE1 1 
ATOM   1109 O OE2 . GLU A 1 139 ? 6.800   16.641  -1.598  1.00 26.06 ? 334 GLU A OE2 1 
ATOM   1110 N N   . GLU A 1 140 ? 2.812   16.153  -7.100  1.00 21.76 ? 335 GLU A N   1 
ATOM   1111 C CA  . GLU A 1 140 ? 2.486   15.638  -8.431  1.00 24.03 ? 335 GLU A CA  1 
ATOM   1112 C C   . GLU A 1 140 ? 3.647   14.888  -9.069  1.00 24.55 ? 335 GLU A C   1 
ATOM   1113 O O   . GLU A 1 140 ? 3.448   13.976  -9.870  1.00 22.43 ? 335 GLU A O   1 
ATOM   1114 C CB  . GLU A 1 140 ? 2.056   16.778  -9.356  1.00 23.25 ? 335 GLU A CB  1 
ATOM   1115 C CG  . GLU A 1 140 ? 0.641   17.232  -9.130  1.00 26.83 ? 335 GLU A CG  1 
ATOM   1116 C CD  . GLU A 1 140 ? -0.366  16.137  -9.400  1.00 27.24 ? 335 GLU A CD  1 
ATOM   1117 O OE1 . GLU A 1 140 ? -0.405  15.633  -10.543 1.00 30.01 ? 335 GLU A OE1 1 
ATOM   1118 O OE2 . GLU A 1 140 ? -1.120  15.779  -8.469  1.00 27.98 ? 335 GLU A OE2 1 
ATOM   1119 N N   . TYR A 1 141 ? 4.860   15.289  -8.712  1.00 25.46 ? 336 TYR A N   1 
ATOM   1120 C CA  . TYR A 1 141 ? 6.067   14.658  -9.227  1.00 27.36 ? 336 TYR A CA  1 
ATOM   1121 C C   . TYR A 1 141 ? 6.048   13.159  -8.948  1.00 25.26 ? 336 TYR A C   1 
ATOM   1122 O O   . TYR A 1 141 ? 6.515   12.358  -9.758  1.00 24.11 ? 336 TYR A O   1 
ATOM   1123 C CB  . TYR A 1 141 ? 7.295   15.274  -8.552  1.00 31.81 ? 336 TYR A CB  1 
ATOM   1124 C CG  . TYR A 1 141 ? 8.600   14.621  -8.935  1.00 37.33 ? 336 TYR A CG  1 
ATOM   1125 C CD1 . TYR A 1 141 ? 9.169   14.841  -10.190 1.00 38.51 ? 336 TYR A CD1 1 
ATOM   1126 C CD2 . TYR A 1 141 ? 9.275   13.788  -8.037  1.00 39.04 ? 336 TYR A CD2 1 
ATOM   1127 C CE1 . TYR A 1 141 ? 10.383  14.252  -10.544 1.00 40.22 ? 336 TYR A CE1 1 
ATOM   1128 C CE2 . TYR A 1 141 ? 10.489  13.192  -8.381  1.00 40.50 ? 336 TYR A CE2 1 
ATOM   1129 C CZ  . TYR A 1 141 ? 11.038  13.431  -9.637  1.00 42.12 ? 336 TYR A CZ  1 
ATOM   1130 O OH  . TYR A 1 141 ? 12.246  12.867  -9.978  1.00 43.59 ? 336 TYR A OH  1 
ATOM   1131 N N   . HIS A 1 142 ? 5.507   12.790  -7.791  1.00 23.36 ? 337 HIS A N   1 
ATOM   1132 C CA  . HIS A 1 142 ? 5.444   11.394  -7.375  1.00 22.32 ? 337 HIS A CA  1 
ATOM   1133 C C   . HIS A 1 142 ? 4.331   10.567  -8.033  1.00 21.42 ? 337 HIS A C   1 
ATOM   1134 O O   . HIS A 1 142 ? 4.393   9.343   -8.026  1.00 21.21 ? 337 HIS A O   1 
ATOM   1135 C CB  . HIS A 1 142 ? 5.305   11.314  -5.849  1.00 19.68 ? 337 HIS A CB  1 
ATOM   1136 C CG  . HIS A 1 142 ? 6.525   11.758  -5.105  1.00 19.19 ? 337 HIS A CG  1 
ATOM   1137 N ND1 . HIS A 1 142 ? 7.714   11.062  -5.140  1.00 18.38 ? 337 HIS A ND1 1 
ATOM   1138 C CD2 . HIS A 1 142 ? 6.740   12.829  -4.300  1.00 19.19 ? 337 HIS A CD2 1 
ATOM   1139 C CE1 . HIS A 1 142 ? 8.608   11.683  -4.388  1.00 19.12 ? 337 HIS A CE1 1 
ATOM   1140 N NE2 . HIS A 1 142 ? 8.041   12.758  -3.867  1.00 19.75 ? 337 HIS A NE2 1 
ATOM   1141 N N   . GLN A 1 143 ? 3.321   11.224  -8.595  1.00 19.87 ? 338 GLN A N   1 
ATOM   1142 C CA  . GLN A 1 143 ? 2.224   10.493  -9.233  1.00 19.03 ? 338 GLN A CA  1 
ATOM   1143 C C   . GLN A 1 143 ? 2.654   9.849   -10.560 1.00 19.01 ? 338 GLN A C   1 
ATOM   1144 O O   . GLN A 1 143 ? 3.325   10.479  -11.378 1.00 18.11 ? 338 GLN A O   1 
ATOM   1145 C CB  . GLN A 1 143 ? 1.028   11.423  -9.472  1.00 19.91 ? 338 GLN A CB  1 
ATOM   1146 C CG  . GLN A 1 143 ? 0.505   12.142  -8.226  1.00 20.43 ? 338 GLN A CG  1 
ATOM   1147 C CD  . GLN A 1 143 ? 0.206   11.205  -7.060  1.00 20.31 ? 338 GLN A CD  1 
ATOM   1148 O OE1 . GLN A 1 143 ? -0.215  10.068  -7.251  1.00 20.12 ? 338 GLN A OE1 1 
ATOM   1149 N NE2 . GLN A 1 143 ? 0.409   11.696  -5.842  1.00 23.58 ? 338 GLN A NE2 1 
ATOM   1150 N N   . ASP A 1 144 ? 2.259   8.592   -10.759 1.00 18.96 ? 339 ASP A N   1 
ATOM   1151 C CA  . ASP A 1 144 ? 2.597   7.831   -11.966 1.00 19.30 ? 339 ASP A CA  1 
ATOM   1152 C C   . ASP A 1 144 ? 4.095   7.871   -12.215 1.00 20.24 ? 339 ASP A C   1 
ATOM   1153 O O   . ASP A 1 144 ? 4.538   7.904   -13.363 1.00 20.32 ? 339 ASP A O   1 
ATOM   1154 C CB  . ASP A 1 144 ? 1.871   8.394   -13.195 1.00 21.03 ? 339 ASP A CB  1 
ATOM   1155 C CG  . ASP A 1 144 ? 0.367   8.319   -13.070 1.00 19.80 ? 339 ASP A CG  1 
ATOM   1156 O OD1 . ASP A 1 144 ? -0.139  7.248   -12.675 1.00 20.13 ? 339 ASP A OD1 1 
ATOM   1157 O OD2 . ASP A 1 144 ? -0.312  9.324   -13.376 1.00 21.26 ? 339 ASP A OD2 1 
ATOM   1158 N N   . TYR A 1 145 ? 4.865   7.850   -11.133 1.00 20.94 ? 340 TYR A N   1 
ATOM   1159 C CA  . TYR A 1 145 ? 6.320   7.922   -11.205 1.00 22.53 ? 340 TYR A CA  1 
ATOM   1160 C C   . TYR A 1 145 ? 6.963   6.915   -12.158 1.00 23.33 ? 340 TYR A C   1 
ATOM   1161 O O   . TYR A 1 145 ? 7.735   7.296   -13.033 1.00 23.15 ? 340 TYR A O   1 
ATOM   1162 C CB  . TYR A 1 145 ? 6.930   7.755   -9.804  1.00 24.70 ? 340 TYR A CB  1 
ATOM   1163 C CG  . TYR A 1 145 ? 8.405   8.109   -9.746  1.00 25.92 ? 340 TYR A CG  1 
ATOM   1164 C CD1 . TYR A 1 145 ? 8.819   9.430   -9.588  1.00 27.35 ? 340 TYR A CD1 1 
ATOM   1165 C CD2 . TYR A 1 145 ? 9.385   7.127   -9.904  1.00 27.12 ? 340 TYR A CD2 1 
ATOM   1166 C CE1 . TYR A 1 145 ? 10.173  9.771   -9.589  1.00 28.09 ? 340 TYR A CE1 1 
ATOM   1167 C CE2 . TYR A 1 145 ? 10.743  7.454   -9.909  1.00 28.85 ? 340 TYR A CE2 1 
ATOM   1168 C CZ  . TYR A 1 145 ? 11.128  8.778   -9.753  1.00 27.86 ? 340 TYR A CZ  1 
ATOM   1169 O OH  . TYR A 1 145 ? 12.465  9.109   -9.770  1.00 30.38 ? 340 TYR A OH  1 
ATOM   1170 N N   . LEU A 1 146 ? 6.649   5.636   -11.989 1.00 24.22 ? 341 LEU A N   1 
ATOM   1171 C CA  . LEU A 1 146 ? 7.243   4.609   -12.837 1.00 26.31 ? 341 LEU A CA  1 
ATOM   1172 C C   . LEU A 1 146 ? 6.733   4.601   -14.267 1.00 27.67 ? 341 LEU A C   1 
ATOM   1173 O O   . LEU A 1 146 ? 7.358   4.011   -15.150 1.00 28.09 ? 341 LEU A O   1 
ATOM   1174 C CB  . LEU A 1 146 ? 7.074   3.224   -12.202 1.00 25.65 ? 341 LEU A CB  1 
ATOM   1175 C CG  . LEU A 1 146 ? 8.255   2.698   -11.370 1.00 24.88 ? 341 LEU A CG  1 
ATOM   1176 C CD1 . LEU A 1 146 ? 9.437   3.669   -11.419 1.00 23.34 ? 341 LEU A CD1 1 
ATOM   1177 C CD2 . LEU A 1 146 ? 7.812   2.478   -9.946  1.00 25.93 ? 341 LEU A CD2 1 
ATOM   1178 N N   . ILE A 1 147 ? 5.596   5.246   -14.498 1.00 29.21 ? 342 ILE A N   1 
ATOM   1179 C CA  . ILE A 1 147 ? 5.048   5.338   -15.846 1.00 30.97 ? 342 ILE A CA  1 
ATOM   1180 C C   . ILE A 1 147 ? 5.817   6.420   -16.593 1.00 32.23 ? 342 ILE A C   1 
ATOM   1181 O O   . ILE A 1 147 ? 6.008   6.340   -17.808 1.00 33.87 ? 342 ILE A O   1 
ATOM   1182 C CB  . ILE A 1 147 ? 3.556   5.721   -15.826 1.00 30.29 ? 342 ILE A CB  1 
ATOM   1183 C CG1 . ILE A 1 147 ? 2.718   4.516   -15.398 1.00 30.80 ? 342 ILE A CG1 1 
ATOM   1184 C CG2 . ILE A 1 147 ? 3.124   6.230   -17.197 1.00 29.58 ? 342 ILE A CG2 1 
ATOM   1185 C CD1 . ILE A 1 147 ? 1.230   4.788   -15.360 1.00 30.70 ? 342 ILE A CD1 1 
ATOM   1186 N N   . LYS A 1 148 ? 6.266   7.427   -15.852 1.00 33.41 ? 343 LYS A N   1 
ATOM   1187 C CA  . LYS A 1 148 ? 7.005   8.539   -16.434 1.00 33.44 ? 343 LYS A CA  1 
ATOM   1188 C C   . LYS A 1 148 ? 8.495   8.226   -16.516 1.00 35.54 ? 343 LYS A C   1 
ATOM   1189 O O   . LYS A 1 148 ? 9.204   8.750   -17.378 1.00 35.14 ? 343 LYS A O   1 
ATOM   1190 C CB  . LYS A 1 148 ? 6.779   9.801   -15.591 1.00 30.42 ? 343 LYS A CB  1 
ATOM   1191 C CG  . LYS A 1 148 ? 5.308   10.101  -15.343 1.00 28.31 ? 343 LYS A CG  1 
ATOM   1192 C CD  . LYS A 1 148 ? 5.096   11.344  -14.480 1.00 25.80 ? 343 LYS A CD  1 
ATOM   1193 C CE  . LYS A 1 148 ? 5.690   11.189  -13.094 1.00 24.73 ? 343 LYS A CE  1 
ATOM   1194 N NZ  . LYS A 1 148 ? 5.304   12.307  -12.173 1.00 22.77 ? 343 LYS A NZ  1 
ATOM   1195 N N   . ASN A 1 149 ? 8.968   7.383   -15.604 1.00 36.96 ? 344 ASN A N   1 
ATOM   1196 C CA  . ASN A 1 149 ? 10.375  6.995   -15.560 1.00 38.77 ? 344 ASN A CA  1 
ATOM   1197 C C   . ASN A 1 149 ? 10.453  5.471   -15.417 1.00 38.78 ? 344 ASN A C   1 
ATOM   1198 O O   . ASN A 1 149 ? 10.660  4.957   -14.320 1.00 39.41 ? 344 ASN A O   1 
ATOM   1199 C CB  . ASN A 1 149 ? 11.069  7.655   -14.361 1.00 40.50 ? 344 ASN A CB  1 
ATOM   1200 C CG  . ASN A 1 149 ? 10.884  9.170   -14.320 1.00 43.18 ? 344 ASN A CG  1 
ATOM   1201 O OD1 . ASN A 1 149 ? 11.331  9.833   -13.381 1.00 44.72 ? 344 ASN A OD1 1 
ATOM   1202 N ND2 . ASN A 1 149 ? 10.228  9.722   -15.334 1.00 43.53 ? 344 ASN A ND2 1 
ATOM   1203 N N   . PRO A 1 150 ? 10.282  4.731   -16.526 1.00 38.75 ? 345 PRO A N   1 
ATOM   1204 C CA  . PRO A 1 150 ? 10.329  3.264   -16.522 1.00 38.84 ? 345 PRO A CA  1 
ATOM   1205 C C   . PRO A 1 150 ? 11.534  2.632   -15.824 1.00 39.11 ? 345 PRO A C   1 
ATOM   1206 O O   . PRO A 1 150 ? 11.435  1.513   -15.306 1.00 39.76 ? 345 PRO A O   1 
ATOM   1207 C CB  . PRO A 1 150 ? 10.272  2.916   -18.008 1.00 38.43 ? 345 PRO A CB  1 
ATOM   1208 C CG  . PRO A 1 150 ? 9.393   3.990   -18.555 1.00 37.89 ? 345 PRO A CG  1 
ATOM   1209 C CD  . PRO A 1 150 ? 9.952   5.231   -17.874 1.00 38.02 ? 345 PRO A CD  1 
ATOM   1210 N N   . ASN A 1 151 ? 12.666  3.330   -15.810 1.00 39.07 ? 346 ASN A N   1 
ATOM   1211 C CA  . ASN A 1 151 ? 13.856  2.789   -15.162 1.00 39.96 ? 346 ASN A CA  1 
ATOM   1212 C C   . ASN A 1 151 ? 14.052  3.420   -13.783 1.00 38.88 ? 346 ASN A C   1 
ATOM   1213 O O   . ASN A 1 151 ? 15.168  3.490   -13.265 1.00 38.98 ? 346 ASN A O   1 
ATOM   1214 C CB  . ASN A 1 151 ? 15.093  3.019   -16.038 1.00 42.65 ? 346 ASN A CB  1 
ATOM   1215 C CG  . ASN A 1 151 ? 16.232  2.067   -15.702 1.00 45.77 ? 346 ASN A CG  1 
ATOM   1216 O OD1 . ASN A 1 151 ? 16.826  2.142   -14.626 1.00 47.52 ? 346 ASN A OD1 1 
ATOM   1217 N ND2 . ASN A 1 151 ? 16.536  1.155   -16.625 1.00 46.68 ? 346 ASN A ND2 1 
ATOM   1218 N N   . GLY A 1 152 ? 12.949  3.879   -13.194 1.00 37.32 ? 347 GLY A N   1 
ATOM   1219 C CA  . GLY A 1 152 ? 13.005  4.490   -11.880 1.00 34.22 ? 347 GLY A CA  1 
ATOM   1220 C C   . GLY A 1 152 ? 13.163  3.442   -10.796 1.00 33.20 ? 347 GLY A C   1 
ATOM   1221 O O   . GLY A 1 152 ? 12.892  2.260   -11.023 1.00 31.95 ? 347 GLY A O   1 
ATOM   1222 N N   . TYR A 1 153 ? 13.598  3.874   -9.615  1.00 33.92 ? 348 TYR A N   1 
ATOM   1223 C CA  . TYR A 1 153 ? 13.803  2.968   -8.487  1.00 35.01 ? 348 TYR A CA  1 
ATOM   1224 C C   . TYR A 1 153 ? 12.566  2.133   -8.166  1.00 35.66 ? 348 TYR A C   1 
ATOM   1225 O O   . TYR A 1 153 ? 11.488  2.662   -7.896  1.00 36.33 ? 348 TYR A O   1 
ATOM   1226 C CB  . TYR A 1 153 ? 14.223  3.759   -7.241  1.00 34.65 ? 348 TYR A CB  1 
ATOM   1227 C CG  . TYR A 1 153 ? 14.320  2.926   -5.979  1.00 36.08 ? 348 TYR A CG  1 
ATOM   1228 C CD1 . TYR A 1 153 ? 15.335  1.985   -5.814  1.00 36.05 ? 348 TYR A CD1 1 
ATOM   1229 C CD2 . TYR A 1 153 ? 13.397  3.086   -4.942  1.00 35.78 ? 348 TYR A CD2 1 
ATOM   1230 C CE1 . TYR A 1 153 ? 15.431  1.229   -4.646  1.00 36.13 ? 348 TYR A CE1 1 
ATOM   1231 C CE2 . TYR A 1 153 ? 13.484  2.334   -3.774  1.00 34.80 ? 348 TYR A CE2 1 
ATOM   1232 C CZ  . TYR A 1 153 ? 14.504  1.411   -3.631  1.00 36.28 ? 348 TYR A CZ  1 
ATOM   1233 O OH  . TYR A 1 153 ? 14.612  0.682   -2.471  1.00 36.11 ? 348 TYR A OH  1 
ATOM   1234 N N   . CYS A 1 154 ? 12.740  0.819   -8.191  1.00 36.10 ? 349 CYS A N   1 
ATOM   1235 C CA  . CYS A 1 154 ? 11.658  -0.110  -7.904  1.00 36.75 ? 349 CYS A CA  1 
ATOM   1236 C C   . CYS A 1 154 ? 12.286  -1.443  -7.507  1.00 37.65 ? 349 CYS A C   1 
ATOM   1237 O O   . CYS A 1 154 ? 13.091  -1.998  -8.253  1.00 37.84 ? 349 CYS A O   1 
ATOM   1238 C CB  . CYS A 1 154 ? 10.784  -0.289  -9.146  1.00 36.23 ? 349 CYS A CB  1 
ATOM   1239 S SG  . CYS A 1 154 ? 9.348   -1.366  -8.924  1.00 33.89 ? 349 CYS A SG  1 
ATOM   1240 N N   . HIS A 1 155 ? 11.939  -1.949  -6.329  1.00 37.79 ? 350 HIS A N   1 
ATOM   1241 C CA  . HIS A 1 155 ? 12.497  -3.222  -5.894  1.00 38.59 ? 350 HIS A CA  1 
ATOM   1242 C C   . HIS A 1 155 ? 11.480  -4.357  -5.841  1.00 37.47 ? 350 HIS A C   1 
ATOM   1243 O O   . HIS A 1 155 ? 11.835  -5.491  -5.521  1.00 38.59 ? 350 HIS A O   1 
ATOM   1244 C CB  . HIS A 1 155 ? 13.210  -3.077  -4.541  1.00 39.15 ? 350 HIS A CB  1 
ATOM   1245 C CG  . HIS A 1 155 ? 12.381  -2.431  -3.478  1.00 39.88 ? 350 HIS A CG  1 
ATOM   1246 N ND1 . HIS A 1 155 ? 12.024  -1.100  -3.519  1.00 39.90 ? 350 HIS A ND1 1 
ATOM   1247 C CD2 . HIS A 1 155 ? 11.854  -2.927  -2.333  1.00 39.89 ? 350 HIS A CD2 1 
ATOM   1248 C CE1 . HIS A 1 155 ? 11.313  -0.805  -2.445  1.00 40.34 ? 350 HIS A CE1 1 
ATOM   1249 N NE2 . HIS A 1 155 ? 11.195  -1.895  -1.710  1.00 41.39 ? 350 HIS A NE2 1 
ATOM   1250 N N   . ILE A 1 156 ? 10.220  -4.058  -6.150  1.00 35.63 ? 351 ILE A N   1 
ATOM   1251 C CA  . ILE A 1 156 ? 9.193   -5.099  -6.170  1.00 34.36 ? 351 ILE A CA  1 
ATOM   1252 C C   . ILE A 1 156 ? 9.023   -5.523  -7.630  1.00 32.76 ? 351 ILE A C   1 
ATOM   1253 O O   . ILE A 1 156 ? 9.271   -4.732  -8.542  1.00 32.79 ? 351 ILE A O   1 
ATOM   1254 C CB  . ILE A 1 156 ? 7.821   -4.602  -5.633  1.00 34.27 ? 351 ILE A CB  1 
ATOM   1255 C CG1 . ILE A 1 156 ? 7.205   -3.594  -6.602  1.00 34.19 ? 351 ILE A CG1 1 
ATOM   1256 C CG2 . ILE A 1 156 ? 7.989   -3.982  -4.254  1.00 35.45 ? 351 ILE A CG2 1 
ATOM   1257 C CD1 . ILE A 1 156 ? 5.817   -3.150  -6.194  1.00 34.80 ? 351 ILE A CD1 1 
ATOM   1258 N N   . ASP A 1 157 ? 8.608   -6.763  -7.855  1.00 30.69 ? 352 ASP A N   1 
ATOM   1259 C CA  . ASP A 1 157 ? 8.422   -7.245  -9.220  1.00 31.45 ? 352 ASP A CA  1 
ATOM   1260 C C   . ASP A 1 157 ? 6.953   -7.081  -9.604  1.00 30.77 ? 352 ASP A C   1 
ATOM   1261 O O   . ASP A 1 157 ? 6.116   -7.924  -9.274  1.00 30.65 ? 352 ASP A O   1 
ATOM   1262 C CB  . ASP A 1 157 ? 8.833   -8.717  -9.325  1.00 31.41 ? 352 ASP A CB  1 
ATOM   1263 C CG  . ASP A 1 157 ? 9.085   -9.152  -10.762 1.00 31.83 ? 352 ASP A CG  1 
ATOM   1264 O OD1 . ASP A 1 157 ? 8.325   -8.720  -11.659 1.00 29.96 ? 352 ASP A OD1 1 
ATOM   1265 O OD2 . ASP A 1 157 ? 10.035  -9.932  -10.992 1.00 33.21 ? 352 ASP A OD2 1 
ATOM   1266 N N   . ILE A 1 158 ? 6.648   -6.000  -10.314 1.00 31.02 ? 353 ILE A N   1 
ATOM   1267 C CA  . ILE A 1 158 ? 5.276   -5.708  -10.716 1.00 31.90 ? 353 ILE A CA  1 
ATOM   1268 C C   . ILE A 1 158 ? 4.647   -6.710  -11.679 1.00 31.16 ? 353 ILE A C   1 
ATOM   1269 O O   . ILE A 1 158 ? 3.456   -6.615  -11.977 1.00 31.24 ? 353 ILE A O   1 
ATOM   1270 C CB  . ILE A 1 158 ? 5.165   -4.288  -11.330 1.00 32.49 ? 353 ILE A CB  1 
ATOM   1271 C CG1 . ILE A 1 158 ? 6.008   -4.192  -12.602 1.00 32.40 ? 353 ILE A CG1 1 
ATOM   1272 C CG2 . ILE A 1 158 ? 5.639   -3.249  -10.320 1.00 33.21 ? 353 ILE A CG2 1 
ATOM   1273 C CD1 . ILE A 1 158 ? 5.946   -2.836  -13.259 1.00 30.96 ? 353 ILE A CD1 1 
ATOM   1274 N N   . ARG A 1 159 ? 5.434   -7.668  -12.160 1.00 31.30 ? 354 ARG A N   1 
ATOM   1275 C CA  . ARG A 1 159 ? 4.908   -8.679  -13.077 1.00 31.10 ? 354 ARG A CA  1 
ATOM   1276 C C   . ARG A 1 159 ? 4.052   -9.682  -12.308 1.00 31.17 ? 354 ARG A C   1 
ATOM   1277 O O   . ARG A 1 159 ? 3.311   -10.465 -12.901 1.00 31.85 ? 354 ARG A O   1 
ATOM   1278 C CB  . ARG A 1 159 ? 6.055   -9.401  -13.793 1.00 32.21 ? 354 ARG A CB  1 
ATOM   1279 C CG  . ARG A 1 159 ? 6.883   -8.496  -14.700 1.00 33.60 ? 354 ARG A CG  1 
ATOM   1280 C CD  . ARG A 1 159 ? 8.065   -9.240  -15.307 1.00 33.78 ? 354 ARG A CD  1 
ATOM   1281 N NE  . ARG A 1 159 ? 8.956   -9.774  -14.281 1.00 35.29 ? 354 ARG A NE  1 
ATOM   1282 C CZ  . ARG A 1 159 ? 10.123  -10.360 -14.533 1.00 36.67 ? 354 ARG A CZ  1 
ATOM   1283 N NH1 . ARG A 1 159 ? 10.868  -10.815 -13.534 1.00 36.77 ? 354 ARG A NH1 1 
ATOM   1284 N NH2 . ARG A 1 159 ? 10.545  -10.490 -15.785 1.00 36.39 ? 354 ARG A NH2 1 
ATOM   1285 N N   . LYS A 1 160 ? 4.150   -9.649  -10.982 1.00 30.52 ? 355 LYS A N   1 
ATOM   1286 C CA  . LYS A 1 160 ? 3.366   -10.541 -10.131 1.00 31.72 ? 355 LYS A CA  1 
ATOM   1287 C C   . LYS A 1 160 ? 1.874   -10.215 -10.202 1.00 32.12 ? 355 LYS A C   1 
ATOM   1288 O O   . LYS A 1 160 ? 1.031   -11.032 -9.830  1.00 30.12 ? 355 LYS A O   1 
ATOM   1289 C CB  . LYS A 1 160 ? 3.814   -10.414 -8.685  1.00 32.14 ? 355 LYS A CB  1 
ATOM   1290 C CG  . LYS A 1 160 ? 5.172   -10.978 -8.389  1.00 31.64 ? 355 LYS A CG  1 
ATOM   1291 C CD  . LYS A 1 160 ? 5.555   -10.552 -6.997  1.00 32.73 ? 355 LYS A CD  1 
ATOM   1292 C CE  . LYS A 1 160 ? 6.515   -11.516 -6.368  1.00 33.56 ? 355 LYS A CE  1 
ATOM   1293 N NZ  . LYS A 1 160 ? 6.822   -11.071 -4.984  1.00 33.65 ? 355 LYS A NZ  1 
ATOM   1294 N N   . ALA A 1 161 ? 1.562   -9.013  -10.668 1.00 32.43 ? 356 ALA A N   1 
ATOM   1295 C CA  . ALA A 1 161 ? 0.186   -8.557  -10.788 1.00 34.37 ? 356 ALA A CA  1 
ATOM   1296 C C   . ALA A 1 161 ? -0.547  -9.203  -11.958 1.00 35.70 ? 356 ALA A C   1 
ATOM   1297 O O   . ALA A 1 161 ? -1.764  -9.061  -12.091 1.00 35.87 ? 356 ALA A O   1 
ATOM   1298 C CB  . ALA A 1 161 ? 0.164   -7.045  -10.950 1.00 32.27 ? 356 ALA A CB  1 
ATOM   1299 N N   . ASP A 1 162 ? 0.191   -9.907  -12.808 1.00 36.34 ? 357 ASP A N   1 
ATOM   1300 C CA  . ASP A 1 162 ? -0.406  -10.542 -13.975 1.00 38.19 ? 357 ASP A CA  1 
ATOM   1301 C C   . ASP A 1 162 ? -0.917  -11.945 -13.662 1.00 39.06 ? 357 ASP A C   1 
ATOM   1302 O O   . ASP A 1 162 ? -1.774  -12.479 -14.368 1.00 39.68 ? 357 ASP A O   1 
ATOM   1303 C CB  . ASP A 1 162 ? 0.618   -10.586 -15.109 1.00 39.19 ? 357 ASP A CB  1 
ATOM   1304 C CG  . ASP A 1 162 ? 1.274   -9.237  -15.344 1.00 39.61 ? 357 ASP A CG  1 
ATOM   1305 O OD1 . ASP A 1 162 ? 0.544   -8.228  -15.466 1.00 38.97 ? 357 ASP A OD1 1 
ATOM   1306 O OD2 . ASP A 1 162 ? 2.521   -9.185  -15.407 1.00 40.57 ? 357 ASP A OD2 1 
ATOM   1307 N N   . GLU A 1 163 ? -0.382  -12.527 -12.594 1.00 38.74 ? 358 GLU A N   1 
ATOM   1308 C CA  . GLU A 1 163 ? -0.759  -13.862 -12.143 1.00 39.55 ? 358 GLU A CA  1 
ATOM   1309 C C   . GLU A 1 163 ? -2.171  -13.832 -11.541 1.00 39.10 ? 358 GLU A C   1 
ATOM   1310 O O   . GLU A 1 163 ? -2.429  -13.106 -10.582 1.00 39.43 ? 358 GLU A O   1 
ATOM   1311 C CB  . GLU A 1 163 ? 0.248   -14.330 -11.090 1.00 41.20 ? 358 GLU A CB  1 
ATOM   1312 C CG  . GLU A 1 163 ? -0.065  -15.659 -10.447 1.00 44.47 ? 358 GLU A CG  1 
ATOM   1313 C CD  . GLU A 1 163 ? 0.465   -15.745 -9.021  1.00 47.39 ? 358 GLU A CD  1 
ATOM   1314 O OE1 . GLU A 1 163 ? 1.204   -14.825 -8.593  1.00 49.12 ? 358 GLU A OE1 1 
ATOM   1315 O OE2 . GLU A 1 163 ? 0.141   -16.736 -8.330  1.00 47.95 ? 358 GLU A OE2 1 
ATOM   1316 N N   . PRO A 1 164 ? -3.101  -14.626 -12.096 1.00 38.23 ? 359 PRO A N   1 
ATOM   1317 C CA  . PRO A 1 164 ? -4.487  -14.680 -11.607 1.00 37.84 ? 359 PRO A CA  1 
ATOM   1318 C C   . PRO A 1 164 ? -4.664  -15.166 -10.165 1.00 36.97 ? 359 PRO A C   1 
ATOM   1319 O O   . PRO A 1 164 ? -3.825  -15.888 -9.628  1.00 35.43 ? 359 PRO A O   1 
ATOM   1320 C CB  . PRO A 1 164 ? -5.167  -15.611 -12.609 1.00 38.71 ? 359 PRO A CB  1 
ATOM   1321 C CG  . PRO A 1 164 ? -4.047  -16.541 -13.013 1.00 38.91 ? 359 PRO A CG  1 
ATOM   1322 C CD  . PRO A 1 164 ? -2.900  -15.574 -13.208 1.00 37.97 ? 359 PRO A CD  1 
ATOM   1323 N N   . LEU A 1 165 ? -5.770  -14.757 -9.547  1.00 35.93 ? 360 LEU A N   1 
ATOM   1324 C CA  . LEU A 1 165 ? -6.095  -15.149 -8.177  1.00 35.74 ? 360 LEU A CA  1 
ATOM   1325 C C   . LEU A 1 165 ? -6.986  -16.393 -8.202  1.00 36.32 ? 360 LEU A C   1 
ATOM   1326 O O   . LEU A 1 165 ? -7.520  -16.755 -9.249  1.00 34.31 ? 360 LEU A O   1 
ATOM   1327 C CB  . LEU A 1 165 ? -6.827  -14.010 -7.457  1.00 35.88 ? 360 LEU A CB  1 
ATOM   1328 C CG  . LEU A 1 165 ? -6.025  -12.750 -7.117  1.00 35.20 ? 360 LEU A CG  1 
ATOM   1329 C CD1 . LEU A 1 165 ? -6.935  -11.730 -6.459  1.00 36.67 ? 360 LEU A CD1 1 
ATOM   1330 C CD2 . LEU A 1 165 ? -4.880  -13.105 -6.189  1.00 36.24 ? 360 LEU A CD2 1 
ATOM   1331 N N   . PRO A 1 166 ? -7.158  -17.062 -7.044  1.00 37.32 ? 361 PRO A N   1 
ATOM   1332 C CA  . PRO A 1 166 ? -7.994  -18.267 -6.966  1.00 37.98 ? 361 PRO A CA  1 
ATOM   1333 C C   . PRO A 1 166 ? -9.316  -18.113 -7.708  1.00 38.88 ? 361 PRO A C   1 
ATOM   1334 O O   . PRO A 1 166 ? -9.967  -17.065 -7.634  1.00 39.69 ? 361 PRO A O   1 
ATOM   1335 C CB  . PRO A 1 166 ? -8.187  -18.450 -5.466  1.00 37.28 ? 361 PRO A CB  1 
ATOM   1336 C CG  . PRO A 1 166 ? -6.873  -17.994 -4.925  1.00 38.08 ? 361 PRO A CG  1 
ATOM   1337 C CD  . PRO A 1 166 ? -6.610  -16.728 -5.715  1.00 36.92 ? 361 PRO A CD  1 
ATOM   1338 N N   . GLY A 1 167 ? -9.702  -19.166 -8.420  1.00 40.12 ? 362 GLY A N   1 
ATOM   1339 C CA  . GLY A 1 167 ? -10.937 -19.154 -9.180  1.00 39.73 ? 362 GLY A CA  1 
ATOM   1340 C C   . GLY A 1 167 ? -11.203 -17.832 -9.871  1.00 40.08 ? 362 GLY A C   1 
ATOM   1341 O O   . GLY A 1 167 ? -12.373 -17.387 -9.877  1.00 40.30 ? 362 GLY A O   1 
HETATM 1342 C C2  . SSM B 2 .   ? 17.188  5.388   0.231   1.00 72.17 ? 400 SSM A C2  1 
HETATM 1343 C C   . SSM B 2 .   ? 16.546  5.859   -1.054  1.00 72.08 ? 400 SSM A C   1 
HETATM 1344 O O   . SSM B 2 .   ? 17.245  6.366   -1.954  1.00 71.99 ? 400 SSM A O   1 
HETATM 1345 N N   . SSM B 2 .   ? 15.204  5.745   -1.186  1.00 71.65 ? 400 SSM A N   1 
HETATM 1346 C CA  . SSM B 2 .   ? 14.484  6.177   -2.404  1.00 70.66 ? 400 SSM A CA  1 
HETATM 1347 C CB  . SSM B 2 .   ? 13.167  6.874   -1.983  1.00 69.77 ? 400 SSM A CB  1 
HETATM 1348 C CG  . SSM B 2 .   ? 12.051  6.642   -2.894  1.00 65.22 ? 400 SSM A CG  1 
HETATM 1349 S SD  . SSM B 2 .   ? 10.582  6.434   -1.819  1.00 56.90 ? 400 SSM A SD  1 
HETATM 1350 O OD1 . SSM B 2 .   ? 10.528  7.503   -0.861  1.00 54.17 ? 400 SSM A OD1 1 
HETATM 1351 C CE  . SSM B 2 .   ? 9.204   6.419   -2.944  1.00 56.16 ? 400 SSM A CE  1 
HETATM 1352 C C3  . SSM B 2 .   ? 15.324  7.101   -3.169  1.00 71.63 ? 400 SSM A C3  1 
HETATM 1353 O O3  . SSM B 2 .   ? 15.152  8.295   -3.072  1.00 71.30 ? 400 SSM A O3  1 
HETATM 1354 N N2  . SSM B 2 .   ? 16.274  6.612   -3.916  1.00 73.00 ? 400 SSM A N2  1 
HETATM 1355 C C1  . SSM B 2 .   ? 17.150  7.518   -4.660  1.00 73.13 ? 400 SSM A C1  1 
HETATM 1356 O O   . HOH C 3 .   ? -14.564 2.730   0.390   1.00 33.95 ? 1   HOH A O   1 
HETATM 1357 O O   . HOH C 3 .   ? -11.628 1.756   3.220   1.00 19.80 ? 2   HOH A O   1 
HETATM 1358 O O   . HOH C 3 .   ? 9.778   2.239   -5.760  1.00 23.06 ? 3   HOH A O   1 
HETATM 1359 O O   . HOH C 3 .   ? 3.510   2.223   0.012   1.00 10.75 ? 4   HOH A O   1 
HETATM 1360 O O   . HOH C 3 .   ? -12.130 -1.030  0.621   1.00 21.67 ? 5   HOH A O   1 
HETATM 1361 O O   . HOH C 3 .   ? 15.974  13.427  9.403   1.00 28.19 ? 6   HOH A O   1 
HETATM 1362 O O   . HOH C 3 .   ? 7.916   8.567   13.707  1.00 38.53 ? 7   HOH A O   1 
HETATM 1363 O O   . HOH C 3 .   ? -12.357 -12.825 -3.926  1.00 26.92 ? 8   HOH A O   1 
HETATM 1364 O O   . HOH C 3 .   ? 6.192   -5.747  7.024   1.00 13.91 ? 9   HOH A O   1 
HETATM 1365 O O   . HOH C 3 .   ? 7.858   -2.347  6.142   1.00 20.58 ? 10  HOH A O   1 
HETATM 1366 O O   . HOH C 3 .   ? 6.714   -2.708  8.923   1.00 14.47 ? 11  HOH A O   1 
HETATM 1367 O O   . HOH C 3 .   ? 4.304   -2.292  10.137  1.00 9.84  ? 12  HOH A O   1 
HETATM 1368 O O   . HOH C 3 .   ? -7.002  -11.684 1.380   1.00 20.51 ? 13  HOH A O   1 
HETATM 1369 O O   . HOH C 3 .   ? -3.837  -14.333 3.265   1.00 25.96 ? 14  HOH A O   1 
HETATM 1370 O O   . HOH C 3 .   ? 8.747   -10.521 12.094  1.00 22.30 ? 15  HOH A O   1 
HETATM 1371 O O   . HOH C 3 .   ? -2.033  -2.298  13.571  1.00 26.02 ? 16  HOH A O   1 
HETATM 1372 O O   . HOH C 3 .   ? -4.860  -3.971  14.399  1.00 29.50 ? 17  HOH A O   1 
HETATM 1373 O O   . HOH C 3 .   ? -5.301  -7.262  12.467  1.00 49.78 ? 18  HOH A O   1 
HETATM 1374 O O   . HOH C 3 .   ? -10.263 9.610   10.097  1.00 21.08 ? 19  HOH A O   1 
HETATM 1375 O O   . HOH C 3 .   ? 0.825   20.477  11.273  1.00 26.56 ? 20  HOH A O   1 
HETATM 1376 O O   . HOH C 3 .   ? -11.495 9.257   -0.753  1.00 34.45 ? 21  HOH A O   1 
HETATM 1377 O O   . HOH C 3 .   ? 5.077   2.290   3.472   1.00 20.86 ? 22  HOH A O   1 
HETATM 1378 O O   . HOH C 3 .   ? 4.198   6.794   -6.982  1.00 18.43 ? 23  HOH A O   1 
HETATM 1379 O O   . HOH C 3 .   ? 4.856   4.562   -9.940  1.00 26.23 ? 24  HOH A O   1 
HETATM 1380 O O   . HOH C 3 .   ? -9.394  -1.362  -14.203 1.00 36.79 ? 25  HOH A O   1 
HETATM 1381 O O   . HOH C 3 .   ? -1.515  8.920   -9.336  1.00 32.47 ? 26  HOH A O   1 
HETATM 1382 O O   . HOH C 3 .   ? 3.203   3.227   13.896  1.00 41.50 ? 27  HOH A O   1 
HETATM 1383 O O   . HOH C 3 .   ? 4.597   6.489   13.741  1.00 43.81 ? 28  HOH A O   1 
HETATM 1384 O O   . HOH C 3 .   ? -0.482  6.577   13.521  1.00 42.27 ? 29  HOH A O   1 
HETATM 1385 O O   . HOH C 3 .   ? -0.694  3.930   11.341  1.00 31.28 ? 30  HOH A O   1 
HETATM 1386 O O   . HOH C 3 .   ? 10.949  7.263   7.704   1.00 26.48 ? 31  HOH A O   1 
HETATM 1387 O O   . HOH C 3 .   ? 15.200  8.775   3.159   1.00 38.63 ? 32  HOH A O   1 
HETATM 1388 O O   . HOH C 3 .   ? 15.841  4.370   3.380   1.00 34.12 ? 33  HOH A O   1 
HETATM 1389 O O   . HOH C 3 .   ? -17.016 -9.440  -5.090  1.00 34.29 ? 34  HOH A O   1 
HETATM 1390 O O   . HOH C 3 .   ? -10.230 -12.136 4.794   1.00 37.55 ? 35  HOH A O   1 
HETATM 1391 O O   . HOH C 3 .   ? 3.229   -12.389 1.792   1.00 20.16 ? 36  HOH A O   1 
HETATM 1392 O O   . HOH C 3 .   ? 1.461   -14.776 -0.097  1.00 44.30 ? 37  HOH A O   1 
HETATM 1393 O O   . HOH C 3 .   ? 10.621  -6.061  0.841   1.00 27.23 ? 38  HOH A O   1 
HETATM 1394 O O   . HOH C 3 .   ? 12.995  2.031   12.561  1.00 40.86 ? 39  HOH A O   1 
HETATM 1395 O O   . HOH C 3 .   ? 4.441   -0.624  12.682  1.00 25.70 ? 40  HOH A O   1 
HETATM 1396 O O   . HOH C 3 .   ? 5.820   1.359   13.240  1.00 42.88 ? 41  HOH A O   1 
HETATM 1397 O O   . HOH C 3 .   ? -14.721 6.550   1.760   1.00 29.86 ? 42  HOH A O   1 
HETATM 1398 O O   . HOH C 3 .   ? -17.453 -6.819  8.883   1.00 25.09 ? 43  HOH A O   1 
HETATM 1399 O O   . HOH C 3 .   ? -14.515 -5.294  11.717  1.00 33.84 ? 44  HOH A O   1 
HETATM 1400 O O   . HOH C 3 .   ? 3.227   4.330   -12.409 1.00 31.95 ? 45  HOH A O   1 
HETATM 1401 O O   . HOH C 3 .   ? -9.417  -14.626 -4.996  1.00 31.22 ? 46  HOH A O   1 
HETATM 1402 O O   . HOH C 3 .   ? 10.148  0.314   -0.070  1.00 50.99 ? 47  HOH A O   1 
HETATM 1403 O O   . HOH C 3 .   ? 9.861   -0.347  -4.968  1.00 61.38 ? 48  HOH A O   1 
HETATM 1404 O O   . HOH C 3 .   ? 8.151   -4.811  -0.676  1.00 27.38 ? 49  HOH A O   1 
HETATM 1405 O O   . HOH C 3 .   ? 7.866   -0.798  -3.270  1.00 32.69 ? 50  HOH A O   1 
HETATM 1406 O O   . HOH C 3 .   ? -5.925  -0.799  -13.723 1.00 38.09 ? 51  HOH A O   1 
HETATM 1407 O O   . HOH C 3 .   ? -4.438  -8.024  -13.720 1.00 41.49 ? 52  HOH A O   1 
HETATM 1408 O O   . HOH C 3 .   ? 0.521   16.728  1.290   1.00 37.16 ? 53  HOH A O   1 
HETATM 1409 O O   . HOH C 3 .   ? 13.562  22.610  6.844   1.00 53.38 ? 54  HOH A O   1 
HETATM 1410 O O   . HOH C 3 .   ? 5.971   11.753  14.434  1.00 34.91 ? 55  HOH A O   1 
HETATM 1411 O O   . HOH C 3 .   ? 12.015  6.370   10.706  1.00 30.45 ? 56  HOH A O   1 
HETATM 1412 O O   . HOH C 3 .   ? -8.817  9.965   -8.986  1.00 54.33 ? 57  HOH A O   1 
HETATM 1413 O O   . HOH C 3 .   ? -12.365 7.318   0.654   1.00 41.24 ? 58  HOH A O   1 
HETATM 1414 O O   . HOH C 3 .   ? -13.597 -9.116  0.698   1.00 33.70 ? 59  HOH A O   1 
HETATM 1415 O O   . HOH C 3 .   ? -15.339 -6.905  -0.752  1.00 32.69 ? 60  HOH A O   1 
HETATM 1416 O O   . HOH C 3 .   ? -0.959  -15.157 -4.651  1.00 40.08 ? 61  HOH A O   1 
HETATM 1417 O O   . HOH C 3 .   ? 6.024   -12.485 -1.772  1.00 42.78 ? 62  HOH A O   1 
HETATM 1418 O O   . HOH C 3 .   ? 6.374   -10.915 0.292   1.00 24.86 ? 63  HOH A O   1 
HETATM 1419 O O   . HOH C 3 .   ? 8.111   -9.529  -1.236  1.00 36.04 ? 64  HOH A O   1 
HETATM 1420 O O   . HOH C 3 .   ? 12.145  -10.032 9.082   1.00 38.38 ? 65  HOH A O   1 
HETATM 1421 O O   . HOH C 3 .   ? 9.815   -13.997 6.641   1.00 27.05 ? 66  HOH A O   1 
HETATM 1422 O O   . HOH C 3 .   ? 19.202  -2.877  2.957   1.00 25.96 ? 67  HOH A O   1 
HETATM 1423 O O   . HOH C 3 .   ? 15.807  -1.678  -1.766  1.00 29.29 ? 68  HOH A O   1 
HETATM 1424 O O   . HOH C 3 .   ? -1.796  -12.086 12.746  1.00 46.09 ? 69  HOH A O   1 
HETATM 1425 O O   . HOH C 3 .   ? 6.037   -12.473 -13.241 1.00 68.15 ? 70  HOH A O   1 
HETATM 1426 O O   . HOH C 3 .   ? -18.927 -1.287  -10.792 1.00 55.55 ? 71  HOH A O   1 
HETATM 1427 O O   . HOH C 3 .   ? -4.062  -11.036 -12.001 1.00 43.62 ? 72  HOH A O   1 
HETATM 1428 O O   . HOH C 3 .   ? 5.583   21.624  5.218   1.00 48.10 ? 73  HOH A O   1 
HETATM 1429 O O   . HOH C 3 .   ? 8.180   -8.113  -5.523  1.00 48.30 ? 74  HOH A O   1 
HETATM 1430 O O   . HOH C 3 .   ? 11.877  -7.819  2.772   1.00 28.69 ? 75  HOH A O   1 
HETATM 1431 O O   . HOH C 3 .   ? 14.968  5.879   1.559   1.00 51.70 ? 76  HOH A O   1 
HETATM 1432 O O   . HOH C 3 .   ? 6.913   8.214   9.206   1.00 32.39 ? 77  HOH A O   1 
HETATM 1433 O O   . HOH C 3 .   ? 8.175   10.576  9.313   1.00 39.65 ? 78  HOH A O   1 
HETATM 1434 O O   . HOH C 3 .   ? -11.408 5.273   9.491   1.00 38.05 ? 79  HOH A O   1 
HETATM 1435 O O   . HOH C 3 .   ? 9.694   15.461  -4.334  1.00 42.90 ? 80  HOH A O   1 
HETATM 1436 O O   . HOH C 3 .   ? 3.688   -17.921 13.679  1.00 40.13 ? 81  HOH A O   1 
HETATM 1437 O O   . HOH C 3 .   ? 3.603   -21.429 10.711  1.00 41.79 ? 82  HOH A O   1 
# 
loop_
_pdbx_poly_seq_scheme.asym_id 
_pdbx_poly_seq_scheme.entity_id 
_pdbx_poly_seq_scheme.seq_id 
_pdbx_poly_seq_scheme.mon_id 
_pdbx_poly_seq_scheme.ndb_seq_num 
_pdbx_poly_seq_scheme.pdb_seq_num 
_pdbx_poly_seq_scheme.auth_seq_num 
_pdbx_poly_seq_scheme.pdb_mon_id 
_pdbx_poly_seq_scheme.auth_mon_id 
_pdbx_poly_seq_scheme.pdb_strand_id 
_pdbx_poly_seq_scheme.pdb_ins_code 
_pdbx_poly_seq_scheme.hetero 
A 1 1   MET 1   196 196 MET MET A . n 
A 1 2   ASN 2   197 197 ASN ASN A . n 
A 1 3   THR 3   198 198 THR THR A . n 
A 1 4   ARG 4   199 199 ARG ARG A . n 
A 1 5   THR 5   200 200 THR THR A . n 
A 1 6   ILE 6   201 201 ILE ILE A . n 
A 1 7   TYR 7   202 202 TYR TYR A . n 
A 1 8   LEU 8   203 203 LEU LEU A . n 
A 1 9   ALA 9   204 204 ALA ALA A . n 
A 1 10  GLY 10  205 205 GLY GLY A . n 
A 1 11  GLY 11  206 206 GLY GLY A . n 
A 1 12  SER 12  207 207 SER SER A . n 
A 1 13  PHE 13  208 208 PHE PHE A . n 
A 1 14  TRP 14  209 209 TRP TRP A . n 
A 1 15  GLY 15  210 210 GLY GLY A . n 
A 1 16  LEU 16  211 211 LEU LEU A . n 
A 1 17  GLU 17  212 212 GLU GLU A . n 
A 1 18  ALA 18  213 213 ALA ALA A . n 
A 1 19  TYR 19  214 214 TYR TYR A . n 
A 1 20  PHE 20  215 215 PHE PHE A . n 
A 1 21  GLN 21  216 216 GLN GLN A . n 
A 1 22  ARG 22  217 217 ARG ARG A . n 
A 1 23  ILE 23  218 218 ILE ILE A . n 
A 1 24  ASP 24  219 219 ASP ASP A . n 
A 1 25  GLY 25  220 220 GLY GLY A . n 
A 1 26  VAL 26  221 221 VAL VAL A . n 
A 1 27  VAL 27  222 222 VAL VAL A . n 
A 1 28  ASP 28  223 223 ASP ASP A . n 
A 1 29  ALA 29  224 224 ALA ALA A . n 
A 1 30  VAL 30  225 225 VAL VAL A . n 
A 1 31  SER 31  226 226 SER SER A . n 
A 1 32  GLY 32  227 227 GLY GLY A . n 
A 1 33  TYR 33  228 228 TYR TYR A . n 
A 1 34  ALA 34  229 229 ALA ALA A . n 
A 1 35  ASN 35  230 230 ASN ASN A . n 
A 1 36  GLY 36  231 231 GLY GLY A . n 
A 1 37  ASN 37  232 232 ASN ASN A . n 
A 1 38  THR 38  233 233 THR THR A . n 
A 1 39  LYS 39  234 234 LYS LYS A . n 
A 1 40  ASN 40  235 235 ASN ASN A . n 
A 1 41  PRO 41  236 236 PRO PRO A . n 
A 1 42  SER 42  237 237 SER SER A . n 
A 1 43  TYR 43  238 238 TYR TYR A . n 
A 1 44  GLU 44  239 239 GLU GLU A . n 
A 1 45  ASP 45  240 240 ASP ASP A . n 
A 1 46  VAL 46  241 241 VAL VAL A . n 
A 1 47  SER 47  242 242 SER SER A . n 
A 1 48  TYR 48  243 243 TYR TYR A . n 
A 1 49  ARG 49  244 244 ARG ARG A . n 
A 1 50  HIS 50  245 245 HIS HIS A . n 
A 1 51  THR 51  246 246 THR THR A . n 
A 1 52  GLY 52  247 247 GLY GLY A . n 
A 1 53  HIS 53  248 248 HIS HIS A . n 
A 1 54  ALA 54  249 249 ALA ALA A . n 
A 1 55  GLU 55  250 250 GLU GLU A . n 
A 1 56  THR 56  251 251 THR THR A . n 
A 1 57  VAL 57  252 252 VAL VAL A . n 
A 1 58  LYS 58  253 253 LYS LYS A . n 
A 1 59  VAL 59  254 254 VAL VAL A . n 
A 1 60  THR 60  255 255 THR THR A . n 
A 1 61  TYR 61  256 256 TYR TYR A . n 
A 1 62  ASP 62  257 257 ASP ASP A . n 
A 1 63  ALA 63  258 258 ALA ALA A . n 
A 1 64  ASP 64  259 259 ASP ASP A . n 
A 1 65  LYS 65  260 260 LYS LYS A . n 
A 1 66  LEU 66  261 261 LEU LEU A . n 
A 1 67  SER 67  262 262 SER SER A . n 
A 1 68  LEU 68  263 263 LEU LEU A . n 
A 1 69  ASP 69  264 264 ASP ASP A . n 
A 1 70  ASP 70  265 265 ASP ASP A . n 
A 1 71  ILE 71  266 266 ILE ILE A . n 
A 1 72  LEU 72  267 267 LEU LEU A . n 
A 1 73  GLN 73  268 268 GLN GLN A . n 
A 1 74  TYR 74  269 269 TYR TYR A . n 
A 1 75  PHE 75  270 270 PHE PHE A . n 
A 1 76  PHE 76  271 271 PHE PHE A . n 
A 1 77  ARG 77  272 272 ARG ARG A . n 
A 1 78  VAL 78  273 273 VAL VAL A . n 
A 1 79  VAL 79  274 274 VAL VAL A . n 
A 1 80  ASP 80  275 275 ASP ASP A . n 
A 1 81  PRO 81  276 276 PRO PRO A . n 
A 1 82  THR 82  277 277 THR THR A . n 
A 1 83  SER 83  278 278 SER SER A . n 
A 1 84  LEU 84  279 279 LEU LEU A . n 
A 1 85  ASN 85  280 280 ASN ASN A . n 
A 1 86  LYS 86  281 281 LYS LYS A . n 
A 1 87  GLN 87  282 282 GLN GLN A . n 
A 1 88  GLY 88  283 283 GLY GLY A . n 
A 1 89  ASN 89  284 284 ASN ASN A . n 
A 1 90  ASP 90  285 285 ASP ASP A . n 
A 1 91  THR 91  286 286 THR THR A . n 
A 1 92  GLY 92  287 287 GLY GLY A . n 
A 1 93  THR 93  288 288 THR THR A . n 
A 1 94  GLN 94  289 289 GLN GLN A . n 
A 1 95  TYR 95  290 290 TYR TYR A . n 
A 1 96  ARG 96  291 291 ARG ARG A . n 
A 1 97  SER 97  292 292 SER SER A . n 
A 1 98  GLY 98  293 293 GLY GLY A . n 
A 1 99  VAL 99  294 294 VAL VAL A . n 
A 1 100 TYR 100 295 295 TYR TYR A . n 
A 1 101 TYR 101 296 296 TYR TYR A . n 
A 1 102 THR 102 297 297 THR THR A . n 
A 1 103 ASP 103 298 298 ASP ASP A . n 
A 1 104 PRO 104 299 299 PRO PRO A . n 
A 1 105 ALA 105 300 300 ALA ALA A . n 
A 1 106 GLU 106 301 301 GLU GLU A . n 
A 1 107 LYS 107 302 302 LYS LYS A . n 
A 1 108 ALA 108 303 303 ALA ALA A . n 
A 1 109 VAL 109 304 304 VAL VAL A . n 
A 1 110 ILE 110 305 305 ILE ILE A . n 
A 1 111 ALA 111 306 306 ALA ALA A . n 
A 1 112 ALA 112 307 307 ALA ALA A . n 
A 1 113 ALA 113 308 308 ALA ALA A . n 
A 1 114 LEU 114 309 309 LEU LEU A . n 
A 1 115 LYS 115 310 310 LYS LYS A . n 
A 1 116 ARG 116 311 311 ARG ARG A . n 
A 1 117 GLU 117 312 312 GLU GLU A . n 
A 1 118 GLN 118 313 313 GLN GLN A . n 
A 1 119 GLN 119 314 314 GLN GLN A . n 
A 1 120 LYS 120 315 315 LYS LYS A . n 
A 1 121 TYR 121 316 316 TYR TYR A . n 
A 1 122 GLN 122 317 317 GLN GLN A . n 
A 1 123 LEU 123 318 318 LEU LEU A . n 
A 1 124 PRO 124 319 319 PRO PRO A . n 
A 1 125 LEU 125 320 320 LEU LEU A . n 
A 1 126 VAL 126 321 321 VAL VAL A . n 
A 1 127 VAL 127 322 322 VAL VAL A . n 
A 1 128 GLU 128 323 323 GLU GLU A . n 
A 1 129 ASN 129 324 324 ASN ASN A . n 
A 1 130 GLU 130 325 325 GLU GLU A . n 
A 1 131 PRO 131 326 326 PRO PRO A . n 
A 1 132 LEU 132 327 327 LEU LEU A . n 
A 1 133 LYS 133 328 328 LYS LYS A . n 
A 1 134 ASN 134 329 329 ASN ASN A . n 
A 1 135 PHE 135 330 330 PHE PHE A . n 
A 1 136 TYR 136 331 331 TYR TYR A . n 
A 1 137 ASP 137 332 332 ASP ASP A . n 
A 1 138 ALA 138 333 333 ALA ALA A . n 
A 1 139 GLU 139 334 334 GLU GLU A . n 
A 1 140 GLU 140 335 335 GLU GLU A . n 
A 1 141 TYR 141 336 336 TYR TYR A . n 
A 1 142 HIS 142 337 337 HIS HIS A . n 
A 1 143 GLN 143 338 338 GLN GLN A . n 
A 1 144 ASP 144 339 339 ASP ASP A . n 
A 1 145 TYR 145 340 340 TYR TYR A . n 
A 1 146 LEU 146 341 341 LEU LEU A . n 
A 1 147 ILE 147 342 342 ILE ILE A . n 
A 1 148 LYS 148 343 343 LYS LYS A . n 
A 1 149 ASN 149 344 344 ASN ASN A . n 
A 1 150 PRO 150 345 345 PRO PRO A . n 
A 1 151 ASN 151 346 346 ASN ASN A . n 
A 1 152 GLY 152 347 347 GLY GLY A . n 
A 1 153 TYR 153 348 348 TYR TYR A . n 
A 1 154 CYS 154 349 349 CYS CYS A . n 
A 1 155 HIS 155 350 350 HIS HIS A . n 
A 1 156 ILE 156 351 351 ILE ILE A . n 
A 1 157 ASP 157 352 352 ASP ASP A . n 
A 1 158 ILE 158 353 353 ILE ILE A . n 
A 1 159 ARG 159 354 354 ARG ARG A . n 
A 1 160 LYS 160 355 355 LYS LYS A . n 
A 1 161 ALA 161 356 356 ALA ALA A . n 
A 1 162 ASP 162 357 357 ASP ASP A . n 
A 1 163 GLU 163 358 358 GLU GLU A . n 
A 1 164 PRO 164 359 359 PRO PRO A . n 
A 1 165 LEU 165 360 360 LEU LEU A . n 
A 1 166 PRO 166 361 361 PRO PRO A . n 
A 1 167 GLY 167 362 362 GLY GLY A . n 
A 1 168 LYS 168 363 ?   ?   ?   A . n 
A 1 169 THR 169 364 ?   ?   ?   A . n 
A 1 170 LYS 170 365 ?   ?   ?   A . n 
A 1 171 THR 171 366 ?   ?   ?   A . n 
A 1 172 ALA 172 367 ?   ?   ?   A . n 
A 1 173 PRO 173 368 ?   ?   ?   A . n 
A 1 174 GLN 174 369 ?   ?   ?   A . n 
A 1 175 GLY 175 370 ?   ?   ?   A . n 
A 1 176 LYS 176 371 ?   ?   ?   A . n 
A 1 177 GLY 177 372 ?   ?   ?   A . n 
A 1 178 PHE 178 373 ?   ?   ?   A . n 
A 1 179 ASP 179 374 ?   ?   ?   A . n 
A 1 180 ALA 180 375 ?   ?   ?   A . n 
A 1 181 ALA 181 376 ?   ?   ?   A . n 
A 1 182 THR 182 377 ?   ?   ?   A . n 
A 1 183 TYR 183 378 ?   ?   ?   A . n 
A 1 184 LYS 184 379 ?   ?   ?   A . n 
A 1 185 LYS 185 380 ?   ?   ?   A . n 
A 1 186 PRO 186 381 ?   ?   ?   A . n 
A 1 187 SER 187 382 ?   ?   ?   A . n 
A 1 188 ASP 188 383 ?   ?   ?   A . n 
A 1 189 ALA 189 384 ?   ?   ?   A . n 
A 1 190 GLU 190 385 ?   ?   ?   A . n 
A 1 191 LEU 191 386 ?   ?   ?   A . n 
A 1 192 LYS 192 387 ?   ?   ?   A . n 
A 1 193 ARG 193 388 ?   ?   ?   A . n 
A 1 194 THR 194 389 ?   ?   ?   A . n 
# 
loop_
_pdbx_nonpoly_scheme.asym_id 
_pdbx_nonpoly_scheme.entity_id 
_pdbx_nonpoly_scheme.mon_id 
_pdbx_nonpoly_scheme.ndb_seq_num 
_pdbx_nonpoly_scheme.pdb_seq_num 
_pdbx_nonpoly_scheme.auth_seq_num 
_pdbx_nonpoly_scheme.pdb_mon_id 
_pdbx_nonpoly_scheme.auth_mon_id 
_pdbx_nonpoly_scheme.pdb_strand_id 
_pdbx_nonpoly_scheme.pdb_ins_code 
B 2 SSM 1  400 400 SSM SSM A . 
C 3 HOH 1  1   1   HOH HOH A . 
C 3 HOH 2  2   2   HOH HOH A . 
C 3 HOH 3  3   3   HOH HOH A . 
C 3 HOH 4  4   4   HOH HOH A . 
C 3 HOH 5  5   5   HOH HOH A . 
C 3 HOH 6  6   6   HOH HOH A . 
C 3 HOH 7  7   7   HOH HOH A . 
C 3 HOH 8  8   8   HOH HOH A . 
C 3 HOH 9  9   9   HOH HOH A . 
C 3 HOH 10 10  10  HOH HOH A . 
C 3 HOH 11 11  11  HOH HOH A . 
C 3 HOH 12 12  12  HOH HOH A . 
C 3 HOH 13 13  13  HOH HOH A . 
C 3 HOH 14 14  14  HOH HOH A . 
C 3 HOH 15 15  15  HOH HOH A . 
C 3 HOH 16 16  16  HOH HOH A . 
C 3 HOH 17 17  17  HOH HOH A . 
C 3 HOH 18 18  18  HOH HOH A . 
C 3 HOH 19 19  19  HOH HOH A . 
C 3 HOH 20 20  20  HOH HOH A . 
C 3 HOH 21 21  21  HOH HOH A . 
C 3 HOH 22 22  22  HOH HOH A . 
C 3 HOH 23 23  23  HOH HOH A . 
C 3 HOH 24 24  24  HOH HOH A . 
C 3 HOH 25 25  25  HOH HOH A . 
C 3 HOH 26 26  26  HOH HOH A . 
C 3 HOH 27 27  27  HOH HOH A . 
C 3 HOH 28 28  28  HOH HOH A . 
C 3 HOH 29 29  29  HOH HOH A . 
C 3 HOH 30 30  30  HOH HOH A . 
C 3 HOH 31 31  31  HOH HOH A . 
C 3 HOH 32 32  32  HOH HOH A . 
C 3 HOH 33 33  33  HOH HOH A . 
C 3 HOH 34 34  34  HOH HOH A . 
C 3 HOH 35 35  35  HOH HOH A . 
C 3 HOH 36 36  36  HOH HOH A . 
C 3 HOH 37 37  37  HOH HOH A . 
C 3 HOH 38 38  38  HOH HOH A . 
C 3 HOH 39 39  39  HOH HOH A . 
C 3 HOH 40 40  40  HOH HOH A . 
C 3 HOH 41 41  41  HOH HOH A . 
C 3 HOH 42 42  42  HOH HOH A . 
C 3 HOH 43 43  43  HOH HOH A . 
C 3 HOH 44 44  44  HOH HOH A . 
C 3 HOH 45 45  45  HOH HOH A . 
C 3 HOH 46 46  46  HOH HOH A . 
C 3 HOH 47 47  47  HOH HOH A . 
C 3 HOH 48 48  48  HOH HOH A . 
C 3 HOH 49 49  49  HOH HOH A . 
C 3 HOH 50 50  50  HOH HOH A . 
C 3 HOH 51 51  51  HOH HOH A . 
C 3 HOH 52 52  52  HOH HOH A . 
C 3 HOH 53 53  53  HOH HOH A . 
C 3 HOH 54 54  54  HOH HOH A . 
C 3 HOH 55 55  55  HOH HOH A . 
C 3 HOH 56 56  56  HOH HOH A . 
C 3 HOH 57 57  57  HOH HOH A . 
C 3 HOH 58 58  58  HOH HOH A . 
C 3 HOH 59 59  59  HOH HOH A . 
C 3 HOH 60 60  60  HOH HOH A . 
C 3 HOH 61 61  61  HOH HOH A . 
C 3 HOH 62 62  62  HOH HOH A . 
C 3 HOH 63 63  63  HOH HOH A . 
C 3 HOH 64 64  64  HOH HOH A . 
C 3 HOH 65 65  65  HOH HOH A . 
C 3 HOH 66 66  66  HOH HOH A . 
C 3 HOH 67 67  67  HOH HOH A . 
C 3 HOH 68 68  68  HOH HOH A . 
C 3 HOH 69 69  69  HOH HOH A . 
C 3 HOH 70 70  70  HOH HOH A . 
C 3 HOH 71 71  71  HOH HOH A . 
C 3 HOH 72 72  72  HOH HOH A . 
C 3 HOH 73 73  73  HOH HOH A . 
C 3 HOH 74 74  74  HOH HOH A . 
C 3 HOH 75 75  75  HOH HOH A . 
C 3 HOH 76 76  76  HOH HOH A . 
C 3 HOH 77 77  77  HOH HOH A . 
C 3 HOH 78 78  78  HOH HOH A . 
C 3 HOH 79 79  79  HOH HOH A . 
C 3 HOH 80 80  80  HOH HOH A . 
C 3 HOH 81 81  81  HOH HOH A . 
C 3 HOH 82 82  82  HOH HOH A . 
# 
_pdbx_struct_assembly.id                   1 
_pdbx_struct_assembly.details              author_and_software_defined_assembly 
_pdbx_struct_assembly.method_details       PISA 
_pdbx_struct_assembly.oligomeric_details   monomeric 
_pdbx_struct_assembly.oligomeric_count     1 
# 
_pdbx_struct_assembly_gen.assembly_id       1 
_pdbx_struct_assembly_gen.oper_expression   1 
_pdbx_struct_assembly_gen.asym_id_list      A,B,C 
# 
_pdbx_struct_oper_list.id                   1 
_pdbx_struct_oper_list.type                 'identity operation' 
_pdbx_struct_oper_list.name                 1_555 
_pdbx_struct_oper_list.symmetry_operation   x,y,z 
_pdbx_struct_oper_list.matrix[1][1]         1.0000000000 
_pdbx_struct_oper_list.matrix[1][2]         0.0000000000 
_pdbx_struct_oper_list.matrix[1][3]         0.0000000000 
_pdbx_struct_oper_list.vector[1]            0.0000000000 
_pdbx_struct_oper_list.matrix[2][1]         0.0000000000 
_pdbx_struct_oper_list.matrix[2][2]         1.0000000000 
_pdbx_struct_oper_list.matrix[2][3]         0.0000000000 
_pdbx_struct_oper_list.vector[2]            0.0000000000 
_pdbx_struct_oper_list.matrix[3][1]         0.0000000000 
_pdbx_struct_oper_list.matrix[3][2]         0.0000000000 
_pdbx_struct_oper_list.matrix[3][3]         1.0000000000 
_pdbx_struct_oper_list.vector[3]            0.0000000000 
# 
loop_
_pdbx_audit_revision_history.ordinal 
_pdbx_audit_revision_history.data_content_type 
_pdbx_audit_revision_history.major_revision 
_pdbx_audit_revision_history.minor_revision 
_pdbx_audit_revision_history.revision_date 
1 'Structure model' 1 0 2008-02-19 
2 'Structure model' 1 1 2011-07-13 
3 'Structure model' 1 2 2017-10-25 
4 'Structure model' 1 3 2021-11-10 
5 'Structure model' 1 4 2023-11-01 
# 
_pdbx_audit_revision_details.ordinal             1 
_pdbx_audit_revision_details.revision_ordinal    1 
_pdbx_audit_revision_details.data_content_type   'Structure model' 
_pdbx_audit_revision_details.provider            repository 
_pdbx_audit_revision_details.type                'Initial release' 
_pdbx_audit_revision_details.description         ? 
_pdbx_audit_revision_details.details             ? 
# 
loop_
_pdbx_audit_revision_group.ordinal 
_pdbx_audit_revision_group.revision_ordinal 
_pdbx_audit_revision_group.data_content_type 
_pdbx_audit_revision_group.group 
1 2 'Structure model' 'Source and taxonomy'       
2 2 'Structure model' 'Version format compliance' 
3 3 'Structure model' 'Refinement description'    
4 4 'Structure model' 'Data collection'           
5 4 'Structure model' 'Database references'       
6 4 'Structure model' 'Derived calculations'      
7 5 'Structure model' 'Data collection'           
8 5 'Structure model' 'Refinement description'    
# 
loop_
_pdbx_audit_revision_category.ordinal 
_pdbx_audit_revision_category.revision_ordinal 
_pdbx_audit_revision_category.data_content_type 
_pdbx_audit_revision_category.category 
1 3 'Structure model' software                      
2 4 'Structure model' database_2                    
3 4 'Structure model' diffrn_source                 
4 4 'Structure model' struct_ref_seq_dif            
5 4 'Structure model' struct_site                   
6 5 'Structure model' chem_comp_atom                
7 5 'Structure model' chem_comp_bond                
8 5 'Structure model' pdbx_initial_refinement_model 
# 
loop_
_pdbx_audit_revision_item.ordinal 
_pdbx_audit_revision_item.revision_ordinal 
_pdbx_audit_revision_item.data_content_type 
_pdbx_audit_revision_item.item 
1 3 'Structure model' '_software.name'                       
2 4 'Structure model' '_database_2.pdbx_DOI'                 
3 4 'Structure model' '_database_2.pdbx_database_accession'  
4 4 'Structure model' '_diffrn_source.pdbx_synchrotron_site' 
5 4 'Structure model' '_struct_ref_seq_dif.details'          
6 4 'Structure model' '_struct_site.pdbx_auth_asym_id'       
7 4 'Structure model' '_struct_site.pdbx_auth_comp_id'       
8 4 'Structure model' '_struct_site.pdbx_auth_seq_id'        
# 
loop_
_software.name 
_software.version 
_software.date 
_software.type 
_software.contact_author 
_software.contact_author_email 
_software.classification 
_software.location 
_software.language 
_software.citation_id 
_software.pdbx_ordinal 
CNS         1.0   ?                    package 'Axel T. Brunger' axel.brunger@yale.edu    refinement        
http://cns.csb.yale.edu/v1.1/    Fortran_77 ? 1 
PDB_EXTRACT 3.004 'September 10, 2007' package PDB               sw-help@rcsb.rutgers.edu 'data extraction' 
http://pdb.rutgers.edu/software/ C++        ? 2 
MAR345      .     ?                    ?       ?                 ?                        'data collection' ? ?          ? 3 
DENZO       .     ?                    ?       ?                 ?                        'data reduction'  ? ?          ? 4 
SCALEPACK   .     ?                    ?       ?                 ?                        'data scaling'    ? ?          ? 5 
CNS         .     ?                    ?       ?                 ?                        phasing           ? ?          ? 6 
# 
loop_
_pdbx_unobs_or_zero_occ_residues.id 
_pdbx_unobs_or_zero_occ_residues.PDB_model_num 
_pdbx_unobs_or_zero_occ_residues.polymer_flag 
_pdbx_unobs_or_zero_occ_residues.occupancy_flag 
_pdbx_unobs_or_zero_occ_residues.auth_asym_id 
_pdbx_unobs_or_zero_occ_residues.auth_comp_id 
_pdbx_unobs_or_zero_occ_residues.auth_seq_id 
_pdbx_unobs_or_zero_occ_residues.PDB_ins_code 
_pdbx_unobs_or_zero_occ_residues.label_asym_id 
_pdbx_unobs_or_zero_occ_residues.label_comp_id 
_pdbx_unobs_or_zero_occ_residues.label_seq_id 
1  1 Y 1 A LYS 363 ? A LYS 168 
2  1 Y 1 A THR 364 ? A THR 169 
3  1 Y 1 A LYS 365 ? A LYS 170 
4  1 Y 1 A THR 366 ? A THR 171 
5  1 Y 1 A ALA 367 ? A ALA 172 
6  1 Y 1 A PRO 368 ? A PRO 173 
7  1 Y 1 A GLN 369 ? A GLN 174 
8  1 Y 1 A GLY 370 ? A GLY 175 
9  1 Y 1 A LYS 371 ? A LYS 176 
10 1 Y 1 A GLY 372 ? A GLY 177 
11 1 Y 1 A PHE 373 ? A PHE 178 
12 1 Y 1 A ASP 374 ? A ASP 179 
13 1 Y 1 A ALA 375 ? A ALA 180 
14 1 Y 1 A ALA 376 ? A ALA 181 
15 1 Y 1 A THR 377 ? A THR 182 
16 1 Y 1 A TYR 378 ? A TYR 183 
17 1 Y 1 A LYS 379 ? A LYS 184 
18 1 Y 1 A LYS 380 ? A LYS 185 
19 1 Y 1 A PRO 381 ? A PRO 186 
20 1 Y 1 A SER 382 ? A SER 187 
21 1 Y 1 A ASP 383 ? A ASP 188 
22 1 Y 1 A ALA 384 ? A ALA 189 
23 1 Y 1 A GLU 385 ? A GLU 190 
24 1 Y 1 A LEU 386 ? A LEU 191 
25 1 Y 1 A LYS 387 ? A LYS 192 
26 1 Y 1 A ARG 388 ? A ARG 193 
27 1 Y 1 A THR 389 ? A THR 194 
# 
loop_
_chem_comp_atom.comp_id 
_chem_comp_atom.atom_id 
_chem_comp_atom.type_symbol 
_chem_comp_atom.pdbx_aromatic_flag 
_chem_comp_atom.pdbx_stereo_config 
_chem_comp_atom.pdbx_ordinal 
ALA N    N N N 1   
ALA CA   C N S 2   
ALA C    C N N 3   
ALA O    O N N 4   
ALA CB   C N N 5   
ALA OXT  O N N 6   
ALA H    H N N 7   
ALA H2   H N N 8   
ALA HA   H N N 9   
ALA HB1  H N N 10  
ALA HB2  H N N 11  
ALA HB3  H N N 12  
ALA HXT  H N N 13  
ARG N    N N N 14  
ARG CA   C N S 15  
ARG C    C N N 16  
ARG O    O N N 17  
ARG CB   C N N 18  
ARG CG   C N N 19  
ARG CD   C N N 20  
ARG NE   N N N 21  
ARG CZ   C N N 22  
ARG NH1  N N N 23  
ARG NH2  N N N 24  
ARG OXT  O N N 25  
ARG H    H N N 26  
ARG H2   H N N 27  
ARG HA   H N N 28  
ARG HB2  H N N 29  
ARG HB3  H N N 30  
ARG HG2  H N N 31  
ARG HG3  H N N 32  
ARG HD2  H N N 33  
ARG HD3  H N N 34  
ARG HE   H N N 35  
ARG HH11 H N N 36  
ARG HH12 H N N 37  
ARG HH21 H N N 38  
ARG HH22 H N N 39  
ARG HXT  H N N 40  
ASN N    N N N 41  
ASN CA   C N S 42  
ASN C    C N N 43  
ASN O    O N N 44  
ASN CB   C N N 45  
ASN CG   C N N 46  
ASN OD1  O N N 47  
ASN ND2  N N N 48  
ASN OXT  O N N 49  
ASN H    H N N 50  
ASN H2   H N N 51  
ASN HA   H N N 52  
ASN HB2  H N N 53  
ASN HB3  H N N 54  
ASN HD21 H N N 55  
ASN HD22 H N N 56  
ASN HXT  H N N 57  
ASP N    N N N 58  
ASP CA   C N S 59  
ASP C    C N N 60  
ASP O    O N N 61  
ASP CB   C N N 62  
ASP CG   C N N 63  
ASP OD1  O N N 64  
ASP OD2  O N N 65  
ASP OXT  O N N 66  
ASP H    H N N 67  
ASP H2   H N N 68  
ASP HA   H N N 69  
ASP HB2  H N N 70  
ASP HB3  H N N 71  
ASP HD2  H N N 72  
ASP HXT  H N N 73  
CYS N    N N N 74  
CYS CA   C N R 75  
CYS C    C N N 76  
CYS O    O N N 77  
CYS CB   C N N 78  
CYS SG   S N N 79  
CYS OXT  O N N 80  
CYS H    H N N 81  
CYS H2   H N N 82  
CYS HA   H N N 83  
CYS HB2  H N N 84  
CYS HB3  H N N 85  
CYS HG   H N N 86  
CYS HXT  H N N 87  
GLN N    N N N 88  
GLN CA   C N S 89  
GLN C    C N N 90  
GLN O    O N N 91  
GLN CB   C N N 92  
GLN CG   C N N 93  
GLN CD   C N N 94  
GLN OE1  O N N 95  
GLN NE2  N N N 96  
GLN OXT  O N N 97  
GLN H    H N N 98  
GLN H2   H N N 99  
GLN HA   H N N 100 
GLN HB2  H N N 101 
GLN HB3  H N N 102 
GLN HG2  H N N 103 
GLN HG3  H N N 104 
GLN HE21 H N N 105 
GLN HE22 H N N 106 
GLN HXT  H N N 107 
GLU N    N N N 108 
GLU CA   C N S 109 
GLU C    C N N 110 
GLU O    O N N 111 
GLU CB   C N N 112 
GLU CG   C N N 113 
GLU CD   C N N 114 
GLU OE1  O N N 115 
GLU OE2  O N N 116 
GLU OXT  O N N 117 
GLU H    H N N 118 
GLU H2   H N N 119 
GLU HA   H N N 120 
GLU HB2  H N N 121 
GLU HB3  H N N 122 
GLU HG2  H N N 123 
GLU HG3  H N N 124 
GLU HE2  H N N 125 
GLU HXT  H N N 126 
GLY N    N N N 127 
GLY CA   C N N 128 
GLY C    C N N 129 
GLY O    O N N 130 
GLY OXT  O N N 131 
GLY H    H N N 132 
GLY H2   H N N 133 
GLY HA2  H N N 134 
GLY HA3  H N N 135 
GLY HXT  H N N 136 
HIS N    N N N 137 
HIS CA   C N S 138 
HIS C    C N N 139 
HIS O    O N N 140 
HIS CB   C N N 141 
HIS CG   C Y N 142 
HIS ND1  N Y N 143 
HIS CD2  C Y N 144 
HIS CE1  C Y N 145 
HIS NE2  N Y N 146 
HIS OXT  O N N 147 
HIS H    H N N 148 
HIS H2   H N N 149 
HIS HA   H N N 150 
HIS HB2  H N N 151 
HIS HB3  H N N 152 
HIS HD1  H N N 153 
HIS HD2  H N N 154 
HIS HE1  H N N 155 
HIS HE2  H N N 156 
HIS HXT  H N N 157 
HOH O    O N N 158 
HOH H1   H N N 159 
HOH H2   H N N 160 
ILE N    N N N 161 
ILE CA   C N S 162 
ILE C    C N N 163 
ILE O    O N N 164 
ILE CB   C N S 165 
ILE CG1  C N N 166 
ILE CG2  C N N 167 
ILE CD1  C N N 168 
ILE OXT  O N N 169 
ILE H    H N N 170 
ILE H2   H N N 171 
ILE HA   H N N 172 
ILE HB   H N N 173 
ILE HG12 H N N 174 
ILE HG13 H N N 175 
ILE HG21 H N N 176 
ILE HG22 H N N 177 
ILE HG23 H N N 178 
ILE HD11 H N N 179 
ILE HD12 H N N 180 
ILE HD13 H N N 181 
ILE HXT  H N N 182 
LEU N    N N N 183 
LEU CA   C N S 184 
LEU C    C N N 185 
LEU O    O N N 186 
LEU CB   C N N 187 
LEU CG   C N N 188 
LEU CD1  C N N 189 
LEU CD2  C N N 190 
LEU OXT  O N N 191 
LEU H    H N N 192 
LEU H2   H N N 193 
LEU HA   H N N 194 
LEU HB2  H N N 195 
LEU HB3  H N N 196 
LEU HG   H N N 197 
LEU HD11 H N N 198 
LEU HD12 H N N 199 
LEU HD13 H N N 200 
LEU HD21 H N N 201 
LEU HD22 H N N 202 
LEU HD23 H N N 203 
LEU HXT  H N N 204 
LYS N    N N N 205 
LYS CA   C N S 206 
LYS C    C N N 207 
LYS O    O N N 208 
LYS CB   C N N 209 
LYS CG   C N N 210 
LYS CD   C N N 211 
LYS CE   C N N 212 
LYS NZ   N N N 213 
LYS OXT  O N N 214 
LYS H    H N N 215 
LYS H2   H N N 216 
LYS HA   H N N 217 
LYS HB2  H N N 218 
LYS HB3  H N N 219 
LYS HG2  H N N 220 
LYS HG3  H N N 221 
LYS HD2  H N N 222 
LYS HD3  H N N 223 
LYS HE2  H N N 224 
LYS HE3  H N N 225 
LYS HZ1  H N N 226 
LYS HZ2  H N N 227 
LYS HZ3  H N N 228 
LYS HXT  H N N 229 
MET N    N N N 230 
MET CA   C N S 231 
MET C    C N N 232 
MET O    O N N 233 
MET CB   C N N 234 
MET CG   C N N 235 
MET SD   S N N 236 
MET CE   C N N 237 
MET OXT  O N N 238 
MET H    H N N 239 
MET H2   H N N 240 
MET HA   H N N 241 
MET HB2  H N N 242 
MET HB3  H N N 243 
MET HG2  H N N 244 
MET HG3  H N N 245 
MET HE1  H N N 246 
MET HE2  H N N 247 
MET HE3  H N N 248 
MET HXT  H N N 249 
PHE N    N N N 250 
PHE CA   C N S 251 
PHE C    C N N 252 
PHE O    O N N 253 
PHE CB   C N N 254 
PHE CG   C Y N 255 
PHE CD1  C Y N 256 
PHE CD2  C Y N 257 
PHE CE1  C Y N 258 
PHE CE2  C Y N 259 
PHE CZ   C Y N 260 
PHE OXT  O N N 261 
PHE H    H N N 262 
PHE H2   H N N 263 
PHE HA   H N N 264 
PHE HB2  H N N 265 
PHE HB3  H N N 266 
PHE HD1  H N N 267 
PHE HD2  H N N 268 
PHE HE1  H N N 269 
PHE HE2  H N N 270 
PHE HZ   H N N 271 
PHE HXT  H N N 272 
PRO N    N N N 273 
PRO CA   C N S 274 
PRO C    C N N 275 
PRO O    O N N 276 
PRO CB   C N N 277 
PRO CG   C N N 278 
PRO CD   C N N 279 
PRO OXT  O N N 280 
PRO H    H N N 281 
PRO HA   H N N 282 
PRO HB2  H N N 283 
PRO HB3  H N N 284 
PRO HG2  H N N 285 
PRO HG3  H N N 286 
PRO HD2  H N N 287 
PRO HD3  H N N 288 
PRO HXT  H N N 289 
SER N    N N N 290 
SER CA   C N S 291 
SER C    C N N 292 
SER O    O N N 293 
SER CB   C N N 294 
SER OG   O N N 295 
SER OXT  O N N 296 
SER H    H N N 297 
SER H2   H N N 298 
SER HA   H N N 299 
SER HB2  H N N 300 
SER HB3  H N N 301 
SER HG   H N N 302 
SER HXT  H N N 303 
SSM C2   C N N 304 
SSM C    C N N 305 
SSM O    O N N 306 
SSM N    N N N 307 
SSM CA   C N S 308 
SSM CB   C N N 309 
SSM CG   C N N 310 
SSM SD   S N S 311 
SSM OD1  O N N 312 
SSM CE   C N N 313 
SSM C3   C N N 314 
SSM O3   O N N 315 
SSM N2   N N N 316 
SSM C1   C N N 317 
SSM H2   H N N 318 
SSM H2A  H N N 319 
SSM H2B  H N N 320 
SSM HN   H N N 321 
SSM HA   H N N 322 
SSM HB   H N N 323 
SSM HBA  H N N 324 
SSM HG   H N N 325 
SSM HGA  H N N 326 
SSM HE   H N N 327 
SSM HEA  H N N 328 
SSM HEB  H N N 329 
SSM HN2  H N N 330 
SSM H1   H N N 331 
SSM H1A  H N N 332 
SSM H1B  H N N 333 
THR N    N N N 334 
THR CA   C N S 335 
THR C    C N N 336 
THR O    O N N 337 
THR CB   C N R 338 
THR OG1  O N N 339 
THR CG2  C N N 340 
THR OXT  O N N 341 
THR H    H N N 342 
THR H2   H N N 343 
THR HA   H N N 344 
THR HB   H N N 345 
THR HG1  H N N 346 
THR HG21 H N N 347 
THR HG22 H N N 348 
THR HG23 H N N 349 
THR HXT  H N N 350 
TRP N    N N N 351 
TRP CA   C N S 352 
TRP C    C N N 353 
TRP O    O N N 354 
TRP CB   C N N 355 
TRP CG   C Y N 356 
TRP CD1  C Y N 357 
TRP CD2  C Y N 358 
TRP NE1  N Y N 359 
TRP CE2  C Y N 360 
TRP CE3  C Y N 361 
TRP CZ2  C Y N 362 
TRP CZ3  C Y N 363 
TRP CH2  C Y N 364 
TRP OXT  O N N 365 
TRP H    H N N 366 
TRP H2   H N N 367 
TRP HA   H N N 368 
TRP HB2  H N N 369 
TRP HB3  H N N 370 
TRP HD1  H N N 371 
TRP HE1  H N N 372 
TRP HE3  H N N 373 
TRP HZ2  H N N 374 
TRP HZ3  H N N 375 
TRP HH2  H N N 376 
TRP HXT  H N N 377 
TYR N    N N N 378 
TYR CA   C N S 379 
TYR C    C N N 380 
TYR O    O N N 381 
TYR CB   C N N 382 
TYR CG   C Y N 383 
TYR CD1  C Y N 384 
TYR CD2  C Y N 385 
TYR CE1  C Y N 386 
TYR CE2  C Y N 387 
TYR CZ   C Y N 388 
TYR OH   O N N 389 
TYR OXT  O N N 390 
TYR H    H N N 391 
TYR H2   H N N 392 
TYR HA   H N N 393 
TYR HB2  H N N 394 
TYR HB3  H N N 395 
TYR HD1  H N N 396 
TYR HD2  H N N 397 
TYR HE1  H N N 398 
TYR HE2  H N N 399 
TYR HH   H N N 400 
TYR HXT  H N N 401 
VAL N    N N N 402 
VAL CA   C N S 403 
VAL C    C N N 404 
VAL O    O N N 405 
VAL CB   C N N 406 
VAL CG1  C N N 407 
VAL CG2  C N N 408 
VAL OXT  O N N 409 
VAL H    H N N 410 
VAL H2   H N N 411 
VAL HA   H N N 412 
VAL HB   H N N 413 
VAL HG11 H N N 414 
VAL HG12 H N N 415 
VAL HG13 H N N 416 
VAL HG21 H N N 417 
VAL HG22 H N N 418 
VAL HG23 H N N 419 
VAL HXT  H N N 420 
# 
loop_
_chem_comp_bond.comp_id 
_chem_comp_bond.atom_id_1 
_chem_comp_bond.atom_id_2 
_chem_comp_bond.value_order 
_chem_comp_bond.pdbx_aromatic_flag 
_chem_comp_bond.pdbx_stereo_config 
_chem_comp_bond.pdbx_ordinal 
ALA N   CA   sing N N 1   
ALA N   H    sing N N 2   
ALA N   H2   sing N N 3   
ALA CA  C    sing N N 4   
ALA CA  CB   sing N N 5   
ALA CA  HA   sing N N 6   
ALA C   O    doub N N 7   
ALA C   OXT  sing N N 8   
ALA CB  HB1  sing N N 9   
ALA CB  HB2  sing N N 10  
ALA CB  HB3  sing N N 11  
ALA OXT HXT  sing N N 12  
ARG N   CA   sing N N 13  
ARG N   H    sing N N 14  
ARG N   H2   sing N N 15  
ARG CA  C    sing N N 16  
ARG CA  CB   sing N N 17  
ARG CA  HA   sing N N 18  
ARG C   O    doub N N 19  
ARG C   OXT  sing N N 20  
ARG CB  CG   sing N N 21  
ARG CB  HB2  sing N N 22  
ARG CB  HB3  sing N N 23  
ARG CG  CD   sing N N 24  
ARG CG  HG2  sing N N 25  
ARG CG  HG3  sing N N 26  
ARG CD  NE   sing N N 27  
ARG CD  HD2  sing N N 28  
ARG CD  HD3  sing N N 29  
ARG NE  CZ   sing N N 30  
ARG NE  HE   sing N N 31  
ARG CZ  NH1  sing N N 32  
ARG CZ  NH2  doub N N 33  
ARG NH1 HH11 sing N N 34  
ARG NH1 HH12 sing N N 35  
ARG NH2 HH21 sing N N 36  
ARG NH2 HH22 sing N N 37  
ARG OXT HXT  sing N N 38  
ASN N   CA   sing N N 39  
ASN N   H    sing N N 40  
ASN N   H2   sing N N 41  
ASN CA  C    sing N N 42  
ASN CA  CB   sing N N 43  
ASN CA  HA   sing N N 44  
ASN C   O    doub N N 45  
ASN C   OXT  sing N N 46  
ASN CB  CG   sing N N 47  
ASN CB  HB2  sing N N 48  
ASN CB  HB3  sing N N 49  
ASN CG  OD1  doub N N 50  
ASN CG  ND2  sing N N 51  
ASN ND2 HD21 sing N N 52  
ASN ND2 HD22 sing N N 53  
ASN OXT HXT  sing N N 54  
ASP N   CA   sing N N 55  
ASP N   H    sing N N 56  
ASP N   H2   sing N N 57  
ASP CA  C    sing N N 58  
ASP CA  CB   sing N N 59  
ASP CA  HA   sing N N 60  
ASP C   O    doub N N 61  
ASP C   OXT  sing N N 62  
ASP CB  CG   sing N N 63  
ASP CB  HB2  sing N N 64  
ASP CB  HB3  sing N N 65  
ASP CG  OD1  doub N N 66  
ASP CG  OD2  sing N N 67  
ASP OD2 HD2  sing N N 68  
ASP OXT HXT  sing N N 69  
CYS N   CA   sing N N 70  
CYS N   H    sing N N 71  
CYS N   H2   sing N N 72  
CYS CA  C    sing N N 73  
CYS CA  CB   sing N N 74  
CYS CA  HA   sing N N 75  
CYS C   O    doub N N 76  
CYS C   OXT  sing N N 77  
CYS CB  SG   sing N N 78  
CYS CB  HB2  sing N N 79  
CYS CB  HB3  sing N N 80  
CYS SG  HG   sing N N 81  
CYS OXT HXT  sing N N 82  
GLN N   CA   sing N N 83  
GLN N   H    sing N N 84  
GLN N   H2   sing N N 85  
GLN CA  C    sing N N 86  
GLN CA  CB   sing N N 87  
GLN CA  HA   sing N N 88  
GLN C   O    doub N N 89  
GLN C   OXT  sing N N 90  
GLN CB  CG   sing N N 91  
GLN CB  HB2  sing N N 92  
GLN CB  HB3  sing N N 93  
GLN CG  CD   sing N N 94  
GLN CG  HG2  sing N N 95  
GLN CG  HG3  sing N N 96  
GLN CD  OE1  doub N N 97  
GLN CD  NE2  sing N N 98  
GLN NE2 HE21 sing N N 99  
GLN NE2 HE22 sing N N 100 
GLN OXT HXT  sing N N 101 
GLU N   CA   sing N N 102 
GLU N   H    sing N N 103 
GLU N   H2   sing N N 104 
GLU CA  C    sing N N 105 
GLU CA  CB   sing N N 106 
GLU CA  HA   sing N N 107 
GLU C   O    doub N N 108 
GLU C   OXT  sing N N 109 
GLU CB  CG   sing N N 110 
GLU CB  HB2  sing N N 111 
GLU CB  HB3  sing N N 112 
GLU CG  CD   sing N N 113 
GLU CG  HG2  sing N N 114 
GLU CG  HG3  sing N N 115 
GLU CD  OE1  doub N N 116 
GLU CD  OE2  sing N N 117 
GLU OE2 HE2  sing N N 118 
GLU OXT HXT  sing N N 119 
GLY N   CA   sing N N 120 
GLY N   H    sing N N 121 
GLY N   H2   sing N N 122 
GLY CA  C    sing N N 123 
GLY CA  HA2  sing N N 124 
GLY CA  HA3  sing N N 125 
GLY C   O    doub N N 126 
GLY C   OXT  sing N N 127 
GLY OXT HXT  sing N N 128 
HIS N   CA   sing N N 129 
HIS N   H    sing N N 130 
HIS N   H2   sing N N 131 
HIS CA  C    sing N N 132 
HIS CA  CB   sing N N 133 
HIS CA  HA   sing N N 134 
HIS C   O    doub N N 135 
HIS C   OXT  sing N N 136 
HIS CB  CG   sing N N 137 
HIS CB  HB2  sing N N 138 
HIS CB  HB3  sing N N 139 
HIS CG  ND1  sing Y N 140 
HIS CG  CD2  doub Y N 141 
HIS ND1 CE1  doub Y N 142 
HIS ND1 HD1  sing N N 143 
HIS CD2 NE2  sing Y N 144 
HIS CD2 HD2  sing N N 145 
HIS CE1 NE2  sing Y N 146 
HIS CE1 HE1  sing N N 147 
HIS NE2 HE2  sing N N 148 
HIS OXT HXT  sing N N 149 
HOH O   H1   sing N N 150 
HOH O   H2   sing N N 151 
ILE N   CA   sing N N 152 
ILE N   H    sing N N 153 
ILE N   H2   sing N N 154 
ILE CA  C    sing N N 155 
ILE CA  CB   sing N N 156 
ILE CA  HA   sing N N 157 
ILE C   O    doub N N 158 
ILE C   OXT  sing N N 159 
ILE CB  CG1  sing N N 160 
ILE CB  CG2  sing N N 161 
ILE CB  HB   sing N N 162 
ILE CG1 CD1  sing N N 163 
ILE CG1 HG12 sing N N 164 
ILE CG1 HG13 sing N N 165 
ILE CG2 HG21 sing N N 166 
ILE CG2 HG22 sing N N 167 
ILE CG2 HG23 sing N N 168 
ILE CD1 HD11 sing N N 169 
ILE CD1 HD12 sing N N 170 
ILE CD1 HD13 sing N N 171 
ILE OXT HXT  sing N N 172 
LEU N   CA   sing N N 173 
LEU N   H    sing N N 174 
LEU N   H2   sing N N 175 
LEU CA  C    sing N N 176 
LEU CA  CB   sing N N 177 
LEU CA  HA   sing N N 178 
LEU C   O    doub N N 179 
LEU C   OXT  sing N N 180 
LEU CB  CG   sing N N 181 
LEU CB  HB2  sing N N 182 
LEU CB  HB3  sing N N 183 
LEU CG  CD1  sing N N 184 
LEU CG  CD2  sing N N 185 
LEU CG  HG   sing N N 186 
LEU CD1 HD11 sing N N 187 
LEU CD1 HD12 sing N N 188 
LEU CD1 HD13 sing N N 189 
LEU CD2 HD21 sing N N 190 
LEU CD2 HD22 sing N N 191 
LEU CD2 HD23 sing N N 192 
LEU OXT HXT  sing N N 193 
LYS N   CA   sing N N 194 
LYS N   H    sing N N 195 
LYS N   H2   sing N N 196 
LYS CA  C    sing N N 197 
LYS CA  CB   sing N N 198 
LYS CA  HA   sing N N 199 
LYS C   O    doub N N 200 
LYS C   OXT  sing N N 201 
LYS CB  CG   sing N N 202 
LYS CB  HB2  sing N N 203 
LYS CB  HB3  sing N N 204 
LYS CG  CD   sing N N 205 
LYS CG  HG2  sing N N 206 
LYS CG  HG3  sing N N 207 
LYS CD  CE   sing N N 208 
LYS CD  HD2  sing N N 209 
LYS CD  HD3  sing N N 210 
LYS CE  NZ   sing N N 211 
LYS CE  HE2  sing N N 212 
LYS CE  HE3  sing N N 213 
LYS NZ  HZ1  sing N N 214 
LYS NZ  HZ2  sing N N 215 
LYS NZ  HZ3  sing N N 216 
LYS OXT HXT  sing N N 217 
MET N   CA   sing N N 218 
MET N   H    sing N N 219 
MET N   H2   sing N N 220 
MET CA  C    sing N N 221 
MET CA  CB   sing N N 222 
MET CA  HA   sing N N 223 
MET C   O    doub N N 224 
MET C   OXT  sing N N 225 
MET CB  CG   sing N N 226 
MET CB  HB2  sing N N 227 
MET CB  HB3  sing N N 228 
MET CG  SD   sing N N 229 
MET CG  HG2  sing N N 230 
MET CG  HG3  sing N N 231 
MET SD  CE   sing N N 232 
MET CE  HE1  sing N N 233 
MET CE  HE2  sing N N 234 
MET CE  HE3  sing N N 235 
MET OXT HXT  sing N N 236 
PHE N   CA   sing N N 237 
PHE N   H    sing N N 238 
PHE N   H2   sing N N 239 
PHE CA  C    sing N N 240 
PHE CA  CB   sing N N 241 
PHE CA  HA   sing N N 242 
PHE C   O    doub N N 243 
PHE C   OXT  sing N N 244 
PHE CB  CG   sing N N 245 
PHE CB  HB2  sing N N 246 
PHE CB  HB3  sing N N 247 
PHE CG  CD1  doub Y N 248 
PHE CG  CD2  sing Y N 249 
PHE CD1 CE1  sing Y N 250 
PHE CD1 HD1  sing N N 251 
PHE CD2 CE2  doub Y N 252 
PHE CD2 HD2  sing N N 253 
PHE CE1 CZ   doub Y N 254 
PHE CE1 HE1  sing N N 255 
PHE CE2 CZ   sing Y N 256 
PHE CE2 HE2  sing N N 257 
PHE CZ  HZ   sing N N 258 
PHE OXT HXT  sing N N 259 
PRO N   CA   sing N N 260 
PRO N   CD   sing N N 261 
PRO N   H    sing N N 262 
PRO CA  C    sing N N 263 
PRO CA  CB   sing N N 264 
PRO CA  HA   sing N N 265 
PRO C   O    doub N N 266 
PRO C   OXT  sing N N 267 
PRO CB  CG   sing N N 268 
PRO CB  HB2  sing N N 269 
PRO CB  HB3  sing N N 270 
PRO CG  CD   sing N N 271 
PRO CG  HG2  sing N N 272 
PRO CG  HG3  sing N N 273 
PRO CD  HD2  sing N N 274 
PRO CD  HD3  sing N N 275 
PRO OXT HXT  sing N N 276 
SER N   CA   sing N N 277 
SER N   H    sing N N 278 
SER N   H2   sing N N 279 
SER CA  C    sing N N 280 
SER CA  CB   sing N N 281 
SER CA  HA   sing N N 282 
SER C   O    doub N N 283 
SER C   OXT  sing N N 284 
SER CB  OG   sing N N 285 
SER CB  HB2  sing N N 286 
SER CB  HB3  sing N N 287 
SER OG  HG   sing N N 288 
SER OXT HXT  sing N N 289 
SSM C2  C    sing N N 290 
SSM C   O    doub N N 291 
SSM C   N    sing N N 292 
SSM N   CA   sing N N 293 
SSM CA  CB   sing N N 294 
SSM CA  C3   sing N N 295 
SSM CB  CG   sing N N 296 
SSM CG  SD   sing N N 297 
SSM SD  OD1  doub N N 298 
SSM SD  CE   sing N N 299 
SSM C3  O3   doub N N 300 
SSM C3  N2   sing N N 301 
SSM N2  C1   sing N N 302 
SSM C2  H2   sing N N 303 
SSM C2  H2A  sing N N 304 
SSM C2  H2B  sing N N 305 
SSM N   HN   sing N N 306 
SSM CA  HA   sing N N 307 
SSM CB  HB   sing N N 308 
SSM CB  HBA  sing N N 309 
SSM CG  HG   sing N N 310 
SSM CG  HGA  sing N N 311 
SSM CE  HE   sing N N 312 
SSM CE  HEA  sing N N 313 
SSM CE  HEB  sing N N 314 
SSM N2  HN2  sing N N 315 
SSM C1  H1   sing N N 316 
SSM C1  H1A  sing N N 317 
SSM C1  H1B  sing N N 318 
THR N   CA   sing N N 319 
THR N   H    sing N N 320 
THR N   H2   sing N N 321 
THR CA  C    sing N N 322 
THR CA  CB   sing N N 323 
THR CA  HA   sing N N 324 
THR C   O    doub N N 325 
THR C   OXT  sing N N 326 
THR CB  OG1  sing N N 327 
THR CB  CG2  sing N N 328 
THR CB  HB   sing N N 329 
THR OG1 HG1  sing N N 330 
THR CG2 HG21 sing N N 331 
THR CG2 HG22 sing N N 332 
THR CG2 HG23 sing N N 333 
THR OXT HXT  sing N N 334 
TRP N   CA   sing N N 335 
TRP N   H    sing N N 336 
TRP N   H2   sing N N 337 
TRP CA  C    sing N N 338 
TRP CA  CB   sing N N 339 
TRP CA  HA   sing N N 340 
TRP C   O    doub N N 341 
TRP C   OXT  sing N N 342 
TRP CB  CG   sing N N 343 
TRP CB  HB2  sing N N 344 
TRP CB  HB3  sing N N 345 
TRP CG  CD1  doub Y N 346 
TRP CG  CD2  sing Y N 347 
TRP CD1 NE1  sing Y N 348 
TRP CD1 HD1  sing N N 349 
TRP CD2 CE2  doub Y N 350 
TRP CD2 CE3  sing Y N 351 
TRP NE1 CE2  sing Y N 352 
TRP NE1 HE1  sing N N 353 
TRP CE2 CZ2  sing Y N 354 
TRP CE3 CZ3  doub Y N 355 
TRP CE3 HE3  sing N N 356 
TRP CZ2 CH2  doub Y N 357 
TRP CZ2 HZ2  sing N N 358 
TRP CZ3 CH2  sing Y N 359 
TRP CZ3 HZ3  sing N N 360 
TRP CH2 HH2  sing N N 361 
TRP OXT HXT  sing N N 362 
TYR N   CA   sing N N 363 
TYR N   H    sing N N 364 
TYR N   H2   sing N N 365 
TYR CA  C    sing N N 366 
TYR CA  CB   sing N N 367 
TYR CA  HA   sing N N 368 
TYR C   O    doub N N 369 
TYR C   OXT  sing N N 370 
TYR CB  CG   sing N N 371 
TYR CB  HB2  sing N N 372 
TYR CB  HB3  sing N N 373 
TYR CG  CD1  doub Y N 374 
TYR CG  CD2  sing Y N 375 
TYR CD1 CE1  sing Y N 376 
TYR CD1 HD1  sing N N 377 
TYR CD2 CE2  doub Y N 378 
TYR CD2 HD2  sing N N 379 
TYR CE1 CZ   doub Y N 380 
TYR CE1 HE1  sing N N 381 
TYR CE2 CZ   sing Y N 382 
TYR CE2 HE2  sing N N 383 
TYR CZ  OH   sing N N 384 
TYR OH  HH   sing N N 385 
TYR OXT HXT  sing N N 386 
VAL N   CA   sing N N 387 
VAL N   H    sing N N 388 
VAL N   H2   sing N N 389 
VAL CA  C    sing N N 390 
VAL CA  CB   sing N N 391 
VAL CA  HA   sing N N 392 
VAL C   O    doub N N 393 
VAL C   OXT  sing N N 394 
VAL CB  CG1  sing N N 395 
VAL CB  CG2  sing N N 396 
VAL CB  HB   sing N N 397 
VAL CG1 HG11 sing N N 398 
VAL CG1 HG12 sing N N 399 
VAL CG1 HG13 sing N N 400 
VAL CG2 HG21 sing N N 401 
VAL CG2 HG22 sing N N 402 
VAL CG2 HG23 sing N N 403 
VAL OXT HXT  sing N N 404 
# 
loop_
_pdbx_entity_nonpoly.entity_id 
_pdbx_entity_nonpoly.name 
_pdbx_entity_nonpoly.comp_id 
2 '(2S)-2-(acetylamino)-N-methyl-4-[(S)-methylsulfinyl]butanamide' SSM 
3 water                                                            HOH 
# 
_pdbx_initial_refinement_model.id               1 
_pdbx_initial_refinement_model.entity_id_list   ? 
_pdbx_initial_refinement_model.type             'experimental model' 
_pdbx_initial_refinement_model.source_name      PDB 
_pdbx_initial_refinement_model.accession_code   3BQE 
_pdbx_initial_refinement_model.details          'PDB ENTRY 3BQE' 
# 
